data_9HL4
#
_entry.id   9HL4
#
_cell.length_a   1.00
_cell.length_b   1.00
_cell.length_c   1.00
_cell.angle_alpha   90.00
_cell.angle_beta   90.00
_cell.angle_gamma   90.00
#
_symmetry.space_group_name_H-M   'P 1'
#
loop_
_entity.id
_entity.type
_entity.pdbx_description
1 polymer Mucolipin-1
2 branched 2-acetamido-2-deoxy-beta-D-glucopyranose-(1-4)-2-acetamido-2-deoxy-beta-D-glucopyranose
3 non-polymer N-OCTANE
4 non-polymer DECANE
5 non-polymer HEXADECANE
6 non-polymer '(2R)-3-{[(S)-hydroxy{[(1S,2R,3R,4S,5S,6R)-2,4,6-trihydroxy-3,5-bis(phosphonooxy)cyclohexyl]oxy}phosphoryl]oxy}propane-1,2-diyl dioctanoate'
7 non-polymer N4-[2-[4-(4-chloranyl-2-fluoranyl-phenyl)piperazin-1-yl]phenyl]-N1,N1-dimethyl-benzene-1,4-disulfonamide
8 water water
#
_entity_poly.entity_id   1
_entity_poly.type   'polypeptide(L)'
_entity_poly.pdbx_seq_one_letter_code
;MHHHHHHHHGGSDYKDHDGDYKDHDIDYKDDDDKGGSGGSENLYFQGPGTAPAGPRGSETERLLTPNPGYGTQAGPSPAP
PTPPEEEDLRRRLKYFFMSPCDKFRAKGRKPCKLMLQVVKILVVTVQLILFGLSNQLAVTFREENTIAFRHLFLLGYSDG
ADDTFAAYTREQLYQAIFHAVDQYLALPDVSLGRYAYVRGGGDPWTNGSGLALCQRYYHRGHVDPANDTFDIDPMVVTDC
IQVDPPERPPPPPSDDLTLLESSSSYKNLTLKFHKLVNVTIHFRLKTINLQSLINNEIPDCYTFSVLITFDNKAHSGRIP
ISLETQAHIQECKHPSVFQHGDNSFRLLFDVVVILTCSLSFLLCARSLLRGFLLQNEFVGFMWRQRGRVISLWERLEFVN
GWYILLVTSDVLTISGTIMKIGIEAKNLASYDVCSILLGTSTLLVWVGVIRYLTFFHNYNILIATLRVALPSVMRFCCCV
AVIYLGYCFCGWIVLGPYHVKFRSLSMVSECLFSLINGDDMFVTFAAMQAQQGRSSLVWLFSQLYLYSFISLFIYMVLSL
FIALITGAYDTIKHPGGAGAEESELQAYIAQCQDSPTSGKFRRGSGSACSLLCCCGRDPSEEHSLLVN
;
_entity_poly.pdbx_strand_id   A,B,C,D
#
# COMPACT_ATOMS: atom_id res chain seq x y z
N LEU A 89 -6.55 -55.16 -32.56
CA LEU A 89 -5.85 -53.89 -32.43
C LEU A 89 -6.73 -52.85 -31.79
N ARG A 90 -8.02 -52.83 -32.17
CA ARG A 90 -8.94 -51.86 -31.60
C ARG A 90 -9.06 -52.06 -30.09
N ARG A 91 -9.13 -53.30 -29.64
CA ARG A 91 -9.24 -53.56 -28.20
C ARG A 91 -8.01 -53.06 -27.47
N ARG A 92 -6.82 -53.30 -28.01
CA ARG A 92 -5.60 -52.85 -27.35
C ARG A 92 -5.54 -51.33 -27.28
N LEU A 93 -5.90 -50.65 -28.37
CA LEU A 93 -5.91 -49.20 -28.35
C LEU A 93 -6.93 -48.67 -27.34
N LYS A 94 -8.11 -49.27 -27.29
CA LYS A 94 -9.11 -48.86 -26.32
C LYS A 94 -8.60 -49.06 -24.89
N TYR A 95 -7.88 -50.15 -24.66
CA TYR A 95 -7.30 -50.38 -23.34
C TYR A 95 -6.22 -49.37 -23.01
N PHE A 96 -5.46 -48.92 -24.02
CA PHE A 96 -4.36 -48.00 -23.77
C PHE A 96 -4.84 -46.71 -23.13
N PHE A 97 -6.00 -46.21 -23.54
CA PHE A 97 -6.52 -44.94 -23.04
C PHE A 97 -7.48 -45.09 -21.87
N MET A 98 -7.61 -46.28 -21.30
CA MET A 98 -8.50 -46.48 -20.17
C MET A 98 -7.92 -45.83 -18.91
N SER A 99 -8.81 -45.57 -17.96
CA SER A 99 -8.41 -44.99 -16.68
C SER A 99 -7.89 -46.09 -15.76
N PRO A 100 -7.21 -45.72 -14.67
CA PRO A 100 -6.68 -46.76 -13.77
C PRO A 100 -7.75 -47.71 -13.25
N CYS A 101 -8.93 -47.19 -12.91
CA CYS A 101 -10.02 -48.07 -12.49
C CYS A 101 -10.46 -48.97 -13.62
N ASP A 102 -10.57 -48.43 -14.84
CA ASP A 102 -10.96 -49.25 -15.98
C ASP A 102 -9.89 -50.29 -16.29
N LYS A 103 -8.61 -49.92 -16.23
CA LYS A 103 -7.56 -50.89 -16.47
C LYS A 103 -7.56 -51.99 -15.42
N PHE A 104 -7.86 -51.64 -14.17
CA PHE A 104 -8.03 -52.65 -13.14
C PHE A 104 -9.17 -53.59 -13.48
N ARG A 105 -10.33 -53.03 -13.84
CA ARG A 105 -11.47 -53.87 -14.18
C ARG A 105 -11.16 -54.77 -15.37
N ALA A 106 -10.33 -54.29 -16.30
CA ALA A 106 -10.03 -55.07 -17.50
C ALA A 106 -9.05 -56.19 -17.20
N LYS A 107 -7.86 -55.85 -16.70
CA LYS A 107 -6.80 -56.84 -16.47
C LYS A 107 -6.38 -56.95 -15.03
N GLY A 108 -7.13 -56.36 -14.09
CA GLY A 108 -6.73 -56.43 -12.70
C GLY A 108 -5.43 -55.74 -12.38
N ARG A 109 -4.96 -54.85 -13.25
CA ARG A 109 -3.67 -54.20 -13.07
C ARG A 109 -3.68 -53.34 -11.82
N LYS A 110 -2.62 -53.45 -11.02
CA LYS A 110 -2.50 -52.66 -9.80
C LYS A 110 -2.09 -51.23 -10.16
N PRO A 111 -2.65 -50.23 -9.48
CA PRO A 111 -2.25 -48.84 -9.77
C PRO A 111 -0.97 -48.44 -9.06
N CYS A 112 0.13 -49.05 -9.49
CA CYS A 112 1.42 -48.80 -8.84
C CYS A 112 1.87 -47.36 -9.02
N LYS A 113 1.65 -46.79 -10.21
CA LYS A 113 2.10 -45.42 -10.47
C LYS A 113 1.40 -44.42 -9.56
N LEU A 114 0.09 -44.61 -9.32
CA LEU A 114 -0.64 -43.66 -8.48
C LEU A 114 -0.14 -43.69 -7.04
N MET A 115 0.08 -44.88 -6.50
CA MET A 115 0.61 -45.00 -5.14
C MET A 115 2.01 -44.40 -5.07
N LEU A 116 2.83 -44.66 -6.10
CA LEU A 116 4.15 -44.04 -6.13
C LEU A 116 4.04 -42.53 -6.12
N GLN A 117 3.09 -41.97 -6.87
CA GLN A 117 2.93 -40.52 -6.92
C GLN A 117 2.58 -39.95 -5.56
N VAL A 118 1.67 -40.60 -4.83
CA VAL A 118 1.30 -40.12 -3.50
C VAL A 118 2.50 -40.19 -2.56
N VAL A 119 3.20 -41.33 -2.55
CA VAL A 119 4.37 -41.48 -1.70
C VAL A 119 5.42 -40.42 -2.07
N LYS A 120 5.58 -40.16 -3.36
CA LYS A 120 6.54 -39.16 -3.81
C LYS A 120 6.17 -37.78 -3.28
N ILE A 121 4.89 -37.40 -3.35
CA ILE A 121 4.50 -36.11 -2.82
C ILE A 121 4.93 -36.00 -1.36
N LEU A 122 4.61 -37.03 -0.57
CA LEU A 122 4.95 -36.97 0.85
C LEU A 122 6.45 -36.84 1.07
N VAL A 123 7.24 -37.74 0.46
CA VAL A 123 8.67 -37.78 0.79
C VAL A 123 9.40 -36.57 0.21
N VAL A 124 9.03 -36.14 -1.00
CA VAL A 124 9.69 -34.99 -1.61
C VAL A 124 9.39 -33.72 -0.81
N THR A 125 8.15 -33.54 -0.35
CA THR A 125 7.85 -32.37 0.46
C THR A 125 8.63 -32.40 1.78
N VAL A 126 8.69 -33.56 2.43
CA VAL A 126 9.44 -33.66 3.69
C VAL A 126 10.91 -33.36 3.46
N GLN A 127 11.48 -33.90 2.37
CA GLN A 127 12.88 -33.64 2.07
C GLN A 127 13.12 -32.16 1.84
N LEU A 128 12.21 -31.48 1.14
CA LEU A 128 12.38 -30.06 0.91
C LEU A 128 12.41 -29.29 2.22
N ILE A 129 11.50 -29.62 3.15
CA ILE A 129 11.49 -28.91 4.43
C ILE A 129 12.78 -29.17 5.21
N LEU A 130 13.23 -30.43 5.24
CA LEU A 130 14.45 -30.76 5.95
C LEU A 130 15.64 -30.00 5.38
N PHE A 131 15.72 -29.90 4.05
CA PHE A 131 16.77 -29.10 3.43
C PHE A 131 16.62 -27.62 3.80
N GLY A 132 15.40 -27.14 3.85
CA GLY A 132 15.17 -25.75 4.20
C GLY A 132 15.79 -25.37 5.52
N LEU A 133 15.83 -26.31 6.47
CA LEU A 133 16.50 -26.02 7.74
C LEU A 133 17.95 -25.57 7.52
N SER A 134 18.75 -26.37 6.80
CA SER A 134 20.14 -26.02 6.57
C SER A 134 20.28 -24.77 5.71
N ASN A 135 19.44 -24.65 4.69
CA ASN A 135 19.48 -23.48 3.82
C ASN A 135 19.26 -22.20 4.62
N GLN A 136 18.26 -22.21 5.50
CA GLN A 136 17.99 -21.06 6.34
C GLN A 136 19.17 -20.75 7.25
N LEU A 137 19.79 -21.77 7.83
CA LEU A 137 20.95 -21.52 8.69
C LEU A 137 22.03 -20.76 7.92
N ALA A 138 22.36 -21.21 6.71
CA ALA A 138 23.41 -20.55 5.94
C ALA A 138 23.05 -19.10 5.61
N VAL A 139 21.83 -18.90 5.08
CA VAL A 139 21.43 -17.55 4.66
C VAL A 139 21.43 -16.62 5.85
N THR A 140 20.89 -17.08 6.99
CA THR A 140 20.86 -16.25 8.19
C THR A 140 22.26 -15.87 8.64
N PHE A 141 23.19 -16.82 8.64
CA PHE A 141 24.55 -16.49 9.07
C PHE A 141 25.12 -15.36 8.20
N ARG A 142 25.01 -15.50 6.88
CA ARG A 142 25.56 -14.47 6.00
C ARG A 142 24.91 -13.11 6.26
N GLU A 143 23.57 -13.07 6.29
CA GLU A 143 22.87 -11.79 6.42
C GLU A 143 23.15 -11.11 7.76
N GLU A 144 23.10 -11.88 8.85
CA GLU A 144 23.31 -11.29 10.17
C GLU A 144 24.72 -10.77 10.31
N ASN A 145 25.71 -11.50 9.80
CA ASN A 145 27.08 -10.99 9.86
C ASN A 145 27.21 -9.70 9.06
N THR A 146 26.55 -9.61 7.90
CA THR A 146 26.64 -8.38 7.11
C THR A 146 26.03 -7.19 7.85
N ILE A 147 24.87 -7.39 8.49
CA ILE A 147 24.26 -6.31 9.26
C ILE A 147 25.18 -5.87 10.40
N ALA A 148 25.79 -6.84 11.10
CA ALA A 148 26.72 -6.50 12.16
C ALA A 148 27.90 -5.71 11.62
N PHE A 149 28.41 -6.08 10.45
CA PHE A 149 29.51 -5.31 9.84
C PHE A 149 29.09 -3.88 9.57
N ARG A 150 27.88 -3.68 9.04
CA ARG A 150 27.42 -2.33 8.79
C ARG A 150 27.39 -1.52 10.07
N HIS A 151 26.88 -2.10 11.15
CA HIS A 151 26.84 -1.36 12.41
C HIS A 151 28.23 -1.12 12.98
N LEU A 152 29.17 -2.06 12.78
CA LEU A 152 30.50 -1.92 13.37
C LEU A 152 31.37 -0.92 12.61
N PHE A 153 31.28 -0.88 11.28
CA PHE A 153 32.27 -0.19 10.48
C PHE A 153 31.81 1.11 9.86
N LEU A 154 30.50 1.36 9.78
CA LEU A 154 29.98 2.57 9.15
C LEU A 154 29.59 3.57 10.25
N LEU A 155 30.28 4.70 10.29
CA LEU A 155 30.06 5.68 11.35
C LEU A 155 28.66 6.26 11.25
N GLY A 156 27.92 6.19 12.35
CA GLY A 156 26.58 6.74 12.39
C GLY A 156 25.56 6.01 11.56
N TYR A 157 25.80 4.74 11.26
CA TYR A 157 24.84 3.96 10.50
C TYR A 157 23.66 3.55 11.37
N SER A 158 22.48 3.50 10.76
CA SER A 158 21.29 2.97 11.41
C SER A 158 20.48 2.17 10.40
N ASP A 159 19.65 1.27 10.90
CA ASP A 159 18.89 0.39 10.04
C ASP A 159 17.93 1.17 9.15
N GLY A 160 17.80 0.72 7.90
CA GLY A 160 16.94 1.35 6.94
C GLY A 160 17.54 2.50 6.16
N ALA A 161 18.77 2.92 6.50
CA ALA A 161 19.39 4.08 5.89
C ALA A 161 20.31 3.74 4.73
N ASP A 162 20.31 2.47 4.28
CA ASP A 162 21.31 2.04 3.29
C ASP A 162 21.21 2.86 2.01
N ASP A 163 19.99 3.18 1.58
CA ASP A 163 19.82 3.83 0.29
C ASP A 163 20.26 5.28 0.30
N THR A 164 20.22 5.96 1.46
CA THR A 164 20.55 7.36 1.54
C THR A 164 21.86 7.65 2.27
N PHE A 165 22.48 6.64 2.88
CA PHE A 165 23.71 6.86 3.65
C PHE A 165 24.80 7.47 2.77
N ALA A 166 25.28 8.64 3.17
CA ALA A 166 26.23 9.38 2.35
C ALA A 166 26.97 10.40 3.22
N ALA A 167 28.12 10.84 2.71
CA ALA A 167 28.88 11.94 3.29
C ALA A 167 28.68 13.20 2.46
N TYR A 168 28.83 14.35 3.10
CA TYR A 168 28.60 15.63 2.44
C TYR A 168 29.69 16.67 2.69
N THR A 169 30.63 16.42 3.60
CA THR A 169 31.74 17.32 3.84
C THR A 169 33.03 16.52 3.88
N ARG A 170 34.15 17.21 3.67
CA ARG A 170 35.44 16.55 3.74
C ARG A 170 35.67 15.95 5.12
N GLU A 171 35.27 16.67 6.16
CA GLU A 171 35.45 16.21 7.52
C GLU A 171 34.64 14.94 7.77
N GLN A 172 33.40 14.90 7.28
CA GLN A 172 32.59 13.69 7.40
C GLN A 172 33.26 12.50 6.72
N LEU A 173 33.78 12.71 5.51
CA LEU A 173 34.38 11.61 4.78
C LEU A 173 35.62 11.07 5.49
N TYR A 174 36.50 11.97 5.93
CA TYR A 174 37.69 11.54 6.65
C TYR A 174 37.31 10.78 7.91
N GLN A 175 36.32 11.30 8.66
CA GLN A 175 35.92 10.63 9.89
C GLN A 175 35.36 9.24 9.61
N ALA A 176 34.56 9.09 8.56
CA ALA A 176 34.04 7.77 8.21
C ALA A 176 35.15 6.79 7.86
N ILE A 177 36.11 7.23 7.03
CA ILE A 177 37.21 6.35 6.63
C ILE A 177 38.01 5.91 7.84
N PHE A 178 38.40 6.87 8.68
CA PHE A 178 39.22 6.54 9.85
C PHE A 178 38.45 5.70 10.85
N HIS A 179 37.15 5.92 11.00
CA HIS A 179 36.35 5.09 11.89
C HIS A 179 36.34 3.64 11.41
N ALA A 180 36.17 3.43 10.10
CA ALA A 180 36.19 2.06 9.59
C ALA A 180 37.52 1.39 9.90
N VAL A 181 38.63 2.07 9.64
CA VAL A 181 39.93 1.44 9.89
C VAL A 181 40.15 1.20 11.38
N ASP A 182 39.81 2.18 12.22
CA ASP A 182 40.00 2.02 13.66
C ASP A 182 39.18 0.86 14.20
N GLN A 183 37.94 0.71 13.74
CA GLN A 183 37.11 -0.39 14.18
C GLN A 183 37.68 -1.73 13.70
N TYR A 184 38.24 -1.77 12.49
CA TYR A 184 38.91 -2.97 12.05
C TYR A 184 40.04 -3.35 12.99
N LEU A 185 40.82 -2.37 13.43
CA LEU A 185 41.93 -2.65 14.34
C LEU A 185 41.46 -3.00 15.74
N ALA A 186 40.30 -2.51 16.16
CA ALA A 186 39.77 -2.77 17.50
C ALA A 186 38.85 -3.99 17.57
N LEU A 187 38.57 -4.63 16.44
CA LEU A 187 37.57 -5.71 16.39
C LEU A 187 37.71 -6.74 17.50
N PRO A 188 38.90 -7.27 17.82
CA PRO A 188 38.97 -8.32 18.85
C PRO A 188 38.46 -7.88 20.21
N ASP A 189 38.54 -6.59 20.54
CA ASP A 189 38.14 -6.12 21.85
C ASP A 189 36.68 -5.70 21.95
N VAL A 190 36.03 -5.36 20.84
CA VAL A 190 34.72 -4.73 20.89
C VAL A 190 33.61 -5.63 20.32
N SER A 191 33.92 -6.52 19.39
CA SER A 191 32.88 -7.23 18.68
C SER A 191 32.29 -8.35 19.52
N LEU A 192 30.99 -8.58 19.34
CA LEU A 192 30.33 -9.73 19.96
C LEU A 192 30.61 -11.03 19.22
N GLY A 193 31.03 -10.96 17.95
CA GLY A 193 31.46 -12.13 17.24
C GLY A 193 32.93 -12.42 17.44
N ARG A 194 33.34 -13.63 17.07
CA ARG A 194 34.74 -14.03 17.12
C ARG A 194 35.26 -14.13 15.68
N TYR A 195 36.16 -13.25 15.33
CA TYR A 195 36.67 -13.15 13.97
C TYR A 195 38.18 -13.33 13.97
N ALA A 196 38.69 -13.89 12.89
CA ALA A 196 40.12 -14.02 12.66
C ALA A 196 40.50 -13.22 11.42
N TYR A 197 41.67 -12.60 11.47
CA TYR A 197 42.17 -11.80 10.36
C TYR A 197 42.76 -12.69 9.27
N VAL A 198 42.76 -12.17 8.04
CA VAL A 198 43.38 -12.82 6.89
C VAL A 198 44.39 -11.84 6.29
N ARG A 199 45.60 -12.33 6.01
CA ARG A 199 46.68 -11.51 5.48
C ARG A 199 47.11 -11.99 4.11
N GLY A 200 47.62 -11.06 3.30
CA GLY A 200 48.23 -11.43 2.03
C GLY A 200 47.22 -11.97 1.04
N GLY A 201 47.63 -12.99 0.29
CA GLY A 201 46.72 -13.67 -0.60
C GLY A 201 46.40 -12.94 -1.89
N GLY A 202 47.27 -12.05 -2.35
CA GLY A 202 47.09 -11.39 -3.62
C GLY A 202 46.44 -10.04 -3.50
N ASP A 203 46.21 -9.44 -4.67
CA ASP A 203 45.70 -8.08 -4.72
C ASP A 203 44.29 -7.98 -4.15
N PRO A 204 43.95 -6.85 -3.53
CA PRO A 204 44.75 -5.63 -3.38
C PRO A 204 45.69 -5.65 -2.18
N TRP A 205 45.83 -6.79 -1.49
CA TRP A 205 46.67 -6.86 -0.30
C TRP A 205 48.09 -7.27 -0.66
N THR A 206 49.06 -6.60 -0.05
CA THR A 206 50.42 -7.10 -0.05
C THR A 206 50.55 -8.20 1.00
N ASN A 207 51.67 -8.91 0.95
CA ASN A 207 51.89 -9.98 1.92
C ASN A 207 51.99 -9.39 3.32
N GLY A 208 51.30 -10.03 4.26
CA GLY A 208 51.27 -9.56 5.62
C GLY A 208 50.25 -8.48 5.90
N SER A 209 49.55 -7.98 4.88
CA SER A 209 48.60 -6.89 5.04
C SER A 209 47.18 -7.46 5.17
N GLY A 210 46.43 -6.90 6.11
CA GLY A 210 45.06 -7.33 6.34
C GLY A 210 44.03 -6.42 5.72
N LEU A 211 44.29 -5.11 5.68
CA LEU A 211 43.33 -4.15 5.16
C LEU A 211 43.99 -3.29 4.09
N ALA A 212 43.28 -3.06 3.00
CA ALA A 212 43.75 -2.20 1.92
C ALA A 212 42.83 -0.99 1.82
N LEU A 213 43.40 0.20 1.94
CA LEU A 213 42.68 1.46 1.82
C LEU A 213 43.16 2.16 0.55
N CYS A 214 42.31 2.18 -0.47
CA CYS A 214 42.72 2.61 -1.80
C CYS A 214 41.90 3.83 -2.24
N GLN A 215 42.56 4.81 -2.83
CA GLN A 215 41.89 5.93 -3.46
C GLN A 215 42.22 5.94 -4.94
N ARG A 216 41.19 6.15 -5.76
CA ARG A 216 41.30 6.14 -7.21
C ARG A 216 40.89 7.50 -7.75
N TYR A 217 41.75 8.08 -8.57
CA TYR A 217 41.58 9.45 -9.08
C TYR A 217 42.15 9.54 -10.50
N TYR A 218 41.81 10.64 -11.17
CA TYR A 218 42.26 10.85 -12.54
C TYR A 218 43.76 11.12 -12.58
N HIS A 219 44.40 10.64 -13.65
CA HIS A 219 45.85 10.81 -13.79
C HIS A 219 46.22 12.29 -13.83
N ARG A 220 45.49 13.08 -14.61
CA ARG A 220 45.63 14.53 -14.62
C ARG A 220 44.25 15.15 -14.49
N GLY A 221 44.11 16.11 -13.57
CA GLY A 221 42.80 16.54 -13.14
C GLY A 221 42.58 18.03 -12.94
N HIS A 222 43.09 18.90 -13.80
CA HIS A 222 42.90 20.33 -13.55
C HIS A 222 41.45 20.71 -13.84
N VAL A 223 40.76 21.26 -12.83
CA VAL A 223 39.34 21.58 -12.91
C VAL A 223 39.16 23.01 -12.41
N ASP A 224 38.72 23.91 -13.29
CA ASP A 224 38.61 25.33 -12.98
C ASP A 224 37.24 25.84 -13.42
N PRO A 225 36.19 25.59 -12.63
CA PRO A 225 34.87 26.12 -12.99
C PRO A 225 34.79 27.62 -12.99
N ALA A 226 35.67 28.32 -12.25
CA ALA A 226 35.65 29.78 -12.26
C ALA A 226 35.91 30.32 -13.64
N ASN A 227 36.85 29.72 -14.38
CA ASN A 227 37.15 30.09 -15.75
C ASN A 227 36.46 29.20 -16.77
N ASP A 228 35.57 28.32 -16.33
CA ASP A 228 34.82 27.44 -17.22
C ASP A 228 35.76 26.56 -18.04
N THR A 229 36.74 25.95 -17.39
CA THR A 229 37.74 25.20 -18.14
C THR A 229 38.22 24.00 -17.33
N PHE A 230 38.82 23.05 -18.05
CA PHE A 230 39.41 21.88 -17.41
C PHE A 230 40.39 21.23 -18.36
N ASP A 231 41.29 20.44 -17.77
CA ASP A 231 42.29 19.68 -18.50
C ASP A 231 42.42 18.33 -17.81
N ILE A 232 41.90 17.29 -18.44
CA ILE A 232 41.70 16.00 -17.81
C ILE A 232 42.36 14.91 -18.64
N ASP A 233 43.13 14.05 -17.99
CA ASP A 233 43.49 12.74 -18.52
C ASP A 233 42.71 11.72 -17.73
N PRO A 234 41.64 11.12 -18.28
CA PRO A 234 40.75 10.28 -17.46
C PRO A 234 41.29 8.91 -17.10
N MET A 235 42.56 8.62 -17.36
CA MET A 235 43.14 7.36 -16.90
C MET A 235 43.12 7.31 -15.38
N VAL A 236 42.62 6.20 -14.84
CA VAL A 236 42.44 6.07 -13.40
C VAL A 236 43.72 5.57 -12.76
N VAL A 237 44.19 6.29 -11.75
CA VAL A 237 45.35 5.93 -10.95
C VAL A 237 44.86 5.49 -9.58
N THR A 238 45.37 4.36 -9.12
CA THR A 238 45.03 3.78 -7.82
C THR A 238 46.21 3.92 -6.88
N ASP A 239 45.97 4.44 -5.69
CA ASP A 239 46.98 4.54 -4.65
C ASP A 239 46.46 3.85 -3.40
N CYS A 240 47.19 2.86 -2.90
CA CYS A 240 46.73 2.01 -1.81
C CYS A 240 47.66 2.09 -0.62
N ILE A 241 47.07 2.13 0.56
CA ILE A 241 47.77 2.05 1.83
C ILE A 241 47.44 0.71 2.46
N GLN A 242 48.46 0.00 2.95
CA GLN A 242 48.29 -1.31 3.55
C GLN A 242 48.34 -1.19 5.06
N VAL A 243 47.40 -1.85 5.73
CA VAL A 243 47.33 -1.88 7.19
C VAL A 243 47.43 -3.33 7.62
N ASP A 244 48.41 -3.63 8.46
CA ASP A 244 48.51 -4.95 9.07
C ASP A 244 47.53 -5.08 10.22
N PRO A 245 47.02 -6.27 10.49
CA PRO A 245 46.19 -6.46 11.68
C PRO A 245 47.02 -6.30 12.94
N PRO A 246 46.38 -5.96 14.07
CA PRO A 246 47.11 -5.73 15.33
C PRO A 246 47.83 -6.97 15.84
N SER A 265 49.83 5.37 10.02
CA SER A 265 50.27 5.64 8.66
C SER A 265 49.06 5.91 7.77
N TYR A 266 48.01 5.11 7.93
CA TYR A 266 46.77 5.38 7.22
C TYR A 266 46.15 6.70 7.66
N LYS A 267 46.55 7.23 8.81
CA LYS A 267 46.03 8.51 9.29
C LYS A 267 46.57 9.70 8.52
N ASN A 268 47.61 9.51 7.71
CA ASN A 268 48.15 10.57 6.87
C ASN A 268 47.51 10.62 5.48
N LEU A 269 46.48 9.81 5.24
CA LEU A 269 45.79 9.83 3.97
C LEU A 269 45.39 11.24 3.58
N THR A 270 45.72 11.62 2.34
CA THR A 270 45.36 12.91 1.79
C THR A 270 44.56 12.68 0.52
N LEU A 271 43.27 13.01 0.56
CA LEU A 271 42.40 12.75 -0.58
C LEU A 271 42.51 13.88 -1.61
N LYS A 272 42.58 13.49 -2.88
CA LYS A 272 42.60 14.44 -3.98
C LYS A 272 41.16 14.69 -4.42
N PHE A 273 40.48 15.54 -3.66
CA PHE A 273 39.02 15.64 -3.76
C PHE A 273 38.57 16.03 -5.16
N HIS A 274 39.23 16.99 -5.79
CA HIS A 274 38.71 17.55 -7.04
C HIS A 274 38.79 16.58 -8.21
N LYS A 275 39.65 15.55 -8.15
CA LYS A 275 39.71 14.54 -9.19
C LYS A 275 39.50 13.13 -8.65
N LEU A 276 38.90 13.01 -7.47
CA LEU A 276 38.71 11.72 -6.82
C LEU A 276 37.59 10.94 -7.50
N VAL A 277 37.87 9.69 -7.83
CA VAL A 277 36.84 8.81 -8.39
C VAL A 277 36.17 7.98 -7.29
N ASN A 278 36.94 7.28 -6.46
CA ASN A 278 36.34 6.64 -5.30
C ASN A 278 37.39 6.25 -4.29
N VAL A 279 36.91 5.81 -3.13
CA VAL A 279 37.75 5.25 -2.07
C VAL A 279 37.17 3.90 -1.68
N THR A 280 38.03 2.89 -1.54
CA THR A 280 37.58 1.56 -1.14
C THR A 280 38.42 1.06 0.02
N ILE A 281 37.78 0.26 0.87
CA ILE A 281 38.42 -0.45 1.96
C ILE A 281 38.12 -1.93 1.79
N HIS A 282 39.17 -2.74 1.69
CA HIS A 282 39.04 -4.17 1.46
C HIS A 282 39.67 -4.93 2.61
N PHE A 283 38.93 -5.88 3.18
CA PHE A 283 39.54 -6.79 4.15
C PHE A 283 38.71 -8.05 4.28
N ARG A 284 39.33 -9.11 4.81
CA ARG A 284 38.67 -10.40 4.97
C ARG A 284 38.68 -10.83 6.43
N LEU A 285 37.59 -11.47 6.86
CA LEU A 285 37.46 -11.98 8.23
C LEU A 285 36.98 -13.42 8.21
N LYS A 286 37.52 -14.24 9.10
CA LYS A 286 37.15 -15.64 9.21
C LYS A 286 36.33 -15.88 10.46
N THR A 287 35.25 -16.64 10.33
CA THR A 287 34.39 -16.95 11.47
C THR A 287 33.80 -18.35 11.28
N ILE A 288 33.15 -18.85 12.33
CA ILE A 288 32.62 -20.22 12.35
C ILE A 288 31.12 -20.15 12.61
N ASN A 289 30.35 -20.84 11.78
CA ASN A 289 28.89 -20.85 11.86
C ASN A 289 28.45 -21.90 12.88
N LEU A 290 28.52 -21.52 14.16
CA LEU A 290 28.26 -22.45 15.25
C LEU A 290 26.80 -22.88 15.32
N GLN A 291 25.87 -22.05 14.85
CA GLN A 291 24.47 -22.37 14.99
C GLN A 291 24.10 -23.69 14.34
N SER A 292 24.90 -24.18 13.39
CA SER A 292 24.63 -25.47 12.76
C SER A 292 24.54 -26.60 13.78
N LEU A 293 25.16 -26.44 14.96
CA LEU A 293 25.05 -27.46 15.99
C LEU A 293 23.59 -27.75 16.33
N ILE A 294 22.72 -26.75 16.28
CA ILE A 294 21.32 -26.96 16.61
C ILE A 294 20.65 -27.92 15.64
N ASN A 295 21.19 -28.05 14.43
CA ASN A 295 20.65 -28.96 13.42
C ASN A 295 21.44 -30.26 13.35
N ASN A 296 22.26 -30.55 14.35
CA ASN A 296 23.11 -31.75 14.37
C ASN A 296 24.01 -31.81 13.14
N GLU A 297 24.57 -30.66 12.76
CA GLU A 297 25.52 -30.56 11.67
C GLU A 297 26.82 -30.01 12.21
N ILE A 298 27.92 -30.34 11.54
CA ILE A 298 29.24 -29.80 11.90
C ILE A 298 29.34 -28.38 11.36
N PRO A 299 29.70 -27.39 12.19
CA PRO A 299 29.84 -26.02 11.70
C PRO A 299 30.86 -25.91 10.57
N ASP A 300 30.55 -25.04 9.61
CA ASP A 300 31.46 -24.69 8.53
C ASP A 300 32.32 -23.50 8.91
N CYS A 301 33.40 -23.32 8.17
CA CYS A 301 34.29 -22.17 8.32
C CYS A 301 33.99 -21.16 7.21
N TYR A 302 33.58 -19.96 7.58
CA TYR A 302 33.24 -18.90 6.64
C TYR A 302 34.38 -17.90 6.53
N THR A 303 34.65 -17.44 5.31
CA THR A 303 35.49 -16.28 5.07
C THR A 303 34.62 -15.20 4.42
N PHE A 304 34.53 -14.05 5.06
CA PHE A 304 33.80 -12.90 4.55
C PHE A 304 34.80 -11.92 3.94
N SER A 305 34.60 -11.60 2.67
CA SER A 305 35.33 -10.54 2.01
C SER A 305 34.48 -9.27 2.07
N VAL A 306 34.99 -8.26 2.76
CA VAL A 306 34.26 -7.04 3.06
C VAL A 306 34.81 -5.92 2.21
N LEU A 307 33.92 -5.24 1.49
CA LEU A 307 34.26 -4.10 0.64
C LEU A 307 33.42 -2.91 1.09
N ILE A 308 34.08 -1.82 1.46
CA ILE A 308 33.41 -0.57 1.81
C ILE A 308 33.76 0.46 0.74
N THR A 309 32.74 1.04 0.12
CA THR A 309 32.91 1.96 -0.99
C THR A 309 32.38 3.34 -0.62
N PHE A 310 33.23 4.35 -0.79
CA PHE A 310 32.86 5.76 -0.77
C PHE A 310 32.93 6.23 -2.21
N ASP A 311 31.77 6.39 -2.84
CA ASP A 311 31.68 6.54 -4.29
C ASP A 311 31.51 8.01 -4.68
N ASN A 312 32.45 8.53 -5.46
CA ASN A 312 32.41 9.91 -5.94
C ASN A 312 32.28 10.00 -7.46
N LYS A 313 31.78 8.96 -8.12
CA LYS A 313 31.75 8.97 -9.57
C LYS A 313 30.86 10.06 -10.15
N ALA A 314 29.87 10.53 -9.40
CA ALA A 314 29.01 11.61 -9.88
C ALA A 314 29.62 12.99 -9.68
N HIS A 315 30.64 13.13 -8.84
CA HIS A 315 31.28 14.41 -8.58
C HIS A 315 30.26 15.50 -8.25
N SER A 316 29.28 15.14 -7.41
CA SER A 316 28.12 15.99 -7.18
C SER A 316 28.09 16.65 -5.82
N GLY A 317 29.14 16.51 -5.03
CA GLY A 317 29.12 16.97 -3.66
C GLY A 317 28.47 16.01 -2.68
N ARG A 318 27.94 14.89 -3.15
CA ARG A 318 27.36 13.86 -2.30
C ARG A 318 28.06 12.54 -2.61
N ILE A 319 28.63 11.92 -1.60
CA ILE A 319 29.39 10.69 -1.76
C ILE A 319 28.69 9.57 -1.00
N PRO A 320 27.93 8.72 -1.69
CA PRO A 320 27.30 7.59 -1.01
C PRO A 320 28.31 6.58 -0.51
N ILE A 321 27.94 5.95 0.61
CA ILE A 321 28.79 5.00 1.32
C ILE A 321 28.04 3.68 1.43
N SER A 322 28.69 2.59 1.03
CA SER A 322 28.07 1.28 1.06
C SER A 322 29.05 0.24 1.59
N LEU A 323 28.50 -0.83 2.15
CA LEU A 323 29.28 -2.00 2.57
C LEU A 323 28.67 -3.23 1.95
N GLU A 324 29.50 -4.07 1.34
CA GLU A 324 29.07 -5.32 0.75
C GLU A 324 29.99 -6.44 1.20
N THR A 325 29.45 -7.66 1.22
CA THR A 325 30.22 -8.84 1.61
C THR A 325 30.05 -9.96 0.60
N GLN A 326 31.11 -10.74 0.44
CA GLN A 326 31.08 -12.01 -0.27
C GLN A 326 31.48 -13.11 0.71
N ALA A 327 30.67 -14.16 0.78
CA ALA A 327 30.92 -15.25 1.72
C ALA A 327 31.44 -16.48 0.99
N HIS A 328 32.54 -17.05 1.48
CA HIS A 328 33.09 -18.29 0.95
C HIS A 328 33.10 -19.33 2.07
N ILE A 329 32.48 -20.47 1.82
CA ILE A 329 32.32 -21.52 2.80
C ILE A 329 33.35 -22.60 2.54
N GLN A 330 34.05 -23.03 3.58
CA GLN A 330 35.01 -24.11 3.49
C GLN A 330 34.84 -25.03 4.69
N GLU A 331 35.32 -26.26 4.53
CA GLU A 331 35.34 -27.21 5.63
C GLU A 331 36.47 -26.86 6.60
N CYS A 332 36.19 -26.99 7.89
CA CYS A 332 37.18 -26.70 8.91
C CYS A 332 38.16 -27.87 9.04
N LYS A 333 39.30 -27.60 9.67
CA LYS A 333 40.40 -28.56 9.76
C LYS A 333 40.23 -29.41 11.02
N HIS A 334 39.85 -30.68 10.82
CA HIS A 334 39.71 -31.67 11.88
C HIS A 334 39.01 -31.09 13.12
N PRO A 335 37.74 -30.71 13.00
CA PRO A 335 37.02 -30.22 14.17
C PRO A 335 36.63 -31.35 15.12
N SER A 336 36.09 -31.01 16.28
CA SER A 336 35.58 -32.00 17.21
C SER A 336 34.29 -31.50 17.85
N VAL A 337 33.24 -32.32 17.77
CA VAL A 337 31.99 -32.06 18.47
C VAL A 337 31.68 -33.28 19.32
N PHE A 338 31.51 -33.06 20.62
CA PHE A 338 31.27 -34.13 21.57
C PHE A 338 30.00 -34.91 21.22
N PHE A 345 17.47 -40.94 9.81
CA PHE A 345 18.66 -40.20 9.39
C PHE A 345 18.50 -39.67 7.97
N ARG A 346 19.15 -38.54 7.71
CA ARG A 346 18.95 -37.84 6.44
C ARG A 346 19.51 -38.60 5.26
N LEU A 347 20.62 -39.32 5.45
CA LEU A 347 21.18 -40.08 4.34
C LEU A 347 20.21 -41.16 3.88
N LEU A 348 19.61 -41.88 4.82
CA LEU A 348 18.65 -42.92 4.45
C LEU A 348 17.40 -42.33 3.81
N PHE A 349 16.91 -41.19 4.32
CA PHE A 349 15.74 -40.57 3.73
C PHE A 349 16.02 -40.11 2.31
N ASP A 350 17.21 -39.54 2.08
CA ASP A 350 17.58 -39.17 0.72
C ASP A 350 17.66 -40.39 -0.18
N VAL A 351 18.19 -41.51 0.35
CA VAL A 351 18.23 -42.73 -0.43
C VAL A 351 16.82 -43.20 -0.79
N VAL A 352 15.89 -43.09 0.16
CA VAL A 352 14.52 -43.47 -0.12
C VAL A 352 13.91 -42.61 -1.21
N VAL A 353 14.17 -41.30 -1.15
CA VAL A 353 13.68 -40.40 -2.20
C VAL A 353 14.26 -40.82 -3.54
N ILE A 354 15.56 -41.14 -3.57
CA ILE A 354 16.19 -41.57 -4.81
C ILE A 354 15.51 -42.81 -5.36
N LEU A 355 15.25 -43.78 -4.50
CA LEU A 355 14.66 -45.04 -4.96
C LEU A 355 13.24 -44.84 -5.45
N THR A 356 12.43 -44.05 -4.74
CA THR A 356 11.07 -43.78 -5.20
C THR A 356 11.07 -43.09 -6.56
N CYS A 357 11.91 -42.07 -6.72
CA CYS A 357 11.96 -41.37 -7.98
C CYS A 357 12.52 -42.24 -9.10
N SER A 358 13.45 -43.15 -8.77
CA SER A 358 14.00 -44.04 -9.79
C SER A 358 12.96 -45.04 -10.26
N LEU A 359 12.22 -45.63 -9.33
CA LEU A 359 11.16 -46.55 -9.72
C LEU A 359 10.10 -45.84 -10.55
N SER A 360 9.72 -44.63 -10.15
CA SER A 360 8.76 -43.86 -10.93
C SER A 360 9.30 -43.57 -12.33
N PHE A 361 10.57 -43.19 -12.42
CA PHE A 361 11.16 -42.93 -13.73
C PHE A 361 11.12 -44.16 -14.62
N LEU A 362 11.45 -45.33 -14.05
CA LEU A 362 11.45 -46.55 -14.84
C LEU A 362 10.06 -46.90 -15.34
N LEU A 363 9.06 -46.81 -14.45
CA LEU A 363 7.70 -47.14 -14.87
C LEU A 363 7.20 -46.17 -15.94
N CYS A 364 7.49 -44.88 -15.77
CA CYS A 364 7.04 -43.91 -16.77
C CYS A 364 7.75 -44.14 -18.10
N ALA A 365 9.03 -44.48 -18.07
CA ALA A 365 9.75 -44.77 -19.31
C ALA A 365 9.16 -45.99 -20.00
N ARG A 366 8.80 -47.02 -19.23
CA ARG A 366 8.15 -48.20 -19.80
C ARG A 366 6.83 -47.82 -20.45
N SER A 367 6.03 -46.99 -19.78
CA SER A 367 4.76 -46.55 -20.37
C SER A 367 5.00 -45.78 -21.66
N LEU A 368 5.99 -44.89 -21.69
CA LEU A 368 6.27 -44.13 -22.89
C LEU A 368 6.73 -45.05 -24.02
N LEU A 369 7.53 -46.07 -23.71
CA LEU A 369 7.96 -47.02 -24.72
C LEU A 369 6.77 -47.77 -25.30
N ARG A 370 5.85 -48.23 -24.44
CA ARG A 370 4.68 -48.93 -24.94
C ARG A 370 3.82 -48.01 -25.81
N GLY A 371 3.69 -46.75 -25.41
CA GLY A 371 2.96 -45.80 -26.22
C GLY A 371 3.58 -45.61 -27.59
N PHE A 372 4.90 -45.51 -27.63
CA PHE A 372 5.60 -45.37 -28.91
C PHE A 372 5.38 -46.59 -29.79
N LEU A 373 5.46 -47.79 -29.19
CA LEU A 373 5.24 -49.01 -29.97
C LEU A 373 3.82 -49.05 -30.53
N LEU A 374 2.83 -48.69 -29.71
CA LEU A 374 1.45 -48.70 -30.18
C LEU A 374 1.25 -47.67 -31.28
N GLN A 375 1.89 -46.50 -31.16
CA GLN A 375 1.81 -45.51 -32.22
C GLN A 375 2.39 -46.06 -33.52
N ASN A 376 3.54 -46.73 -33.44
CA ASN A 376 4.12 -47.32 -34.64
C ASN A 376 3.19 -48.35 -35.27
N GLU A 377 2.58 -49.21 -34.43
CA GLU A 377 1.67 -50.21 -34.96
C GLU A 377 0.47 -49.57 -35.63
N PHE A 378 -0.12 -48.55 -34.98
CA PHE A 378 -1.30 -47.90 -35.55
C PHE A 378 -0.96 -47.22 -36.88
N VAL A 379 0.18 -46.54 -36.96
CA VAL A 379 0.58 -45.90 -38.21
C VAL A 379 0.81 -46.95 -39.29
N GLY A 380 1.48 -48.05 -38.94
CA GLY A 380 1.72 -49.09 -39.93
C GLY A 380 0.45 -49.71 -40.46
N PHE A 381 -0.53 -49.93 -39.58
CA PHE A 381 -1.78 -50.55 -40.01
C PHE A 381 -2.55 -49.68 -40.98
N MET A 382 -2.28 -48.38 -41.00
CA MET A 382 -2.90 -47.46 -41.96
C MET A 382 -2.24 -47.60 -43.34
N TRP A 383 -2.37 -48.80 -43.90
CA TRP A 383 -1.89 -49.08 -45.26
C TRP A 383 -0.48 -48.52 -45.51
N SER A 391 0.34 -37.95 -40.81
CA SER A 391 0.40 -36.62 -40.20
C SER A 391 1.05 -36.69 -38.83
N LEU A 392 2.02 -35.81 -38.58
CA LEU A 392 2.71 -35.78 -37.29
C LEU A 392 1.97 -34.90 -36.29
N TRP A 393 0.67 -35.12 -36.20
CA TRP A 393 -0.19 -34.52 -35.18
C TRP A 393 -1.08 -35.56 -34.52
N GLU A 394 -1.58 -36.53 -35.29
CA GLU A 394 -2.33 -37.63 -34.70
C GLU A 394 -1.42 -38.60 -33.97
N ARG A 395 -0.18 -38.74 -34.43
CA ARG A 395 0.77 -39.62 -33.75
C ARG A 395 1.05 -39.13 -32.34
N LEU A 396 1.16 -37.81 -32.17
CA LEU A 396 1.45 -37.27 -30.85
C LEU A 396 0.33 -37.55 -29.85
N GLU A 397 -0.85 -37.94 -30.32
CA GLU A 397 -1.90 -38.34 -29.38
C GLU A 397 -1.53 -39.60 -28.61
N PHE A 398 -0.51 -40.33 -29.05
CA PHE A 398 -0.01 -41.47 -28.31
C PHE A 398 1.02 -41.11 -27.26
N VAL A 399 1.41 -39.84 -27.17
CA VAL A 399 2.43 -39.38 -26.23
C VAL A 399 1.73 -38.81 -25.01
N ASN A 400 2.06 -39.34 -23.84
CA ASN A 400 1.53 -38.85 -22.57
C ASN A 400 2.40 -37.70 -22.10
N GLY A 401 1.88 -36.48 -22.18
CA GLY A 401 2.62 -35.34 -21.68
C GLY A 401 2.84 -35.38 -20.18
N TRP A 402 1.87 -35.95 -19.45
CA TRP A 402 2.02 -36.08 -18.01
C TRP A 402 3.22 -36.95 -17.66
N TYR A 403 3.50 -37.98 -18.47
CA TYR A 403 4.65 -38.83 -18.19
C TYR A 403 5.95 -38.14 -18.53
N ILE A 404 5.95 -37.27 -19.55
CA ILE A 404 7.12 -36.42 -19.78
C ILE A 404 7.37 -35.54 -18.57
N LEU A 405 6.30 -34.94 -18.03
CA LEU A 405 6.45 -34.11 -16.85
C LEU A 405 6.98 -34.91 -15.67
N LEU A 406 6.46 -36.12 -15.46
CA LEU A 406 6.92 -36.95 -14.35
C LEU A 406 8.39 -37.34 -14.51
N VAL A 407 8.81 -37.67 -15.74
CA VAL A 407 10.21 -38.01 -15.97
C VAL A 407 11.10 -36.81 -15.68
N THR A 408 10.70 -35.62 -16.14
CA THR A 408 11.49 -34.42 -15.86
C THR A 408 11.58 -34.17 -14.36
N SER A 409 10.46 -34.33 -13.65
CA SER A 409 10.46 -34.09 -12.21
C SER A 409 11.33 -35.12 -11.48
N ASP A 410 11.32 -36.36 -11.94
CA ASP A 410 12.21 -37.37 -11.34
C ASP A 410 13.68 -36.99 -11.55
N VAL A 411 14.02 -36.55 -12.75
CA VAL A 411 15.40 -36.15 -13.01
C VAL A 411 15.81 -34.99 -12.10
N LEU A 412 14.95 -33.98 -12.00
CA LEU A 412 15.26 -32.84 -11.15
C LEU A 412 15.38 -33.25 -9.68
N THR A 413 14.48 -34.10 -9.22
CA THR A 413 14.52 -34.54 -7.82
C THR A 413 15.80 -35.29 -7.53
N ILE A 414 16.21 -36.20 -8.41
CA ILE A 414 17.41 -36.97 -8.16
C ILE A 414 18.64 -36.06 -8.19
N SER A 415 18.70 -35.13 -9.14
CA SER A 415 19.84 -34.21 -9.19
C SER A 415 19.91 -33.38 -7.91
N GLY A 416 18.77 -32.86 -7.46
CA GLY A 416 18.76 -32.08 -6.24
C GLY A 416 19.14 -32.89 -5.03
N THR A 417 18.71 -34.15 -4.97
CA THR A 417 19.05 -35.00 -3.84
C THR A 417 20.55 -35.32 -3.81
N ILE A 418 21.14 -35.59 -4.97
CA ILE A 418 22.58 -35.81 -5.03
C ILE A 418 23.33 -34.56 -4.60
N MET A 419 22.88 -33.39 -5.07
CA MET A 419 23.51 -32.14 -4.66
C MET A 419 23.37 -31.92 -3.15
N LYS A 420 22.21 -32.25 -2.59
CA LYS A 420 21.99 -32.10 -1.17
C LYS A 420 22.92 -33.01 -0.37
N ILE A 421 23.10 -34.26 -0.83
CA ILE A 421 24.03 -35.16 -0.17
C ILE A 421 25.45 -34.61 -0.25
N GLY A 422 25.83 -34.08 -1.41
CA GLY A 422 27.15 -33.48 -1.54
C GLY A 422 27.35 -32.31 -0.60
N ILE A 423 26.34 -31.47 -0.44
CA ILE A 423 26.44 -30.34 0.47
C ILE A 423 26.55 -30.82 1.91
N GLU A 424 25.75 -31.81 2.29
CA GLU A 424 25.84 -32.34 3.65
C GLU A 424 27.20 -32.97 3.92
N ALA A 425 27.77 -33.64 2.93
CA ALA A 425 29.11 -34.19 3.05
C ALA A 425 30.20 -33.11 2.98
N LYS A 426 29.83 -31.88 2.66
CA LYS A 426 30.74 -30.74 2.60
C LYS A 426 31.66 -30.80 1.39
N ASN A 427 31.26 -31.52 0.33
CA ASN A 427 31.95 -31.43 -0.95
C ASN A 427 31.46 -30.26 -1.78
N LEU A 428 30.24 -29.78 -1.55
CA LEU A 428 29.66 -28.67 -2.27
C LEU A 428 29.08 -27.67 -1.28
N ALA A 429 28.88 -26.44 -1.75
CA ALA A 429 28.26 -25.40 -0.93
C ALA A 429 27.24 -24.59 -1.72
N SER A 430 26.64 -25.19 -2.75
CA SER A 430 25.74 -24.46 -3.65
C SER A 430 24.30 -24.57 -3.15
N TYR A 431 24.04 -23.87 -2.05
CA TYR A 431 22.73 -23.94 -1.41
C TYR A 431 21.63 -23.43 -2.33
N ASP A 432 21.88 -22.33 -3.05
CA ASP A 432 20.85 -21.72 -3.87
C ASP A 432 20.41 -22.64 -5.02
N VAL A 433 21.37 -23.24 -5.72
CA VAL A 433 21.04 -24.14 -6.82
C VAL A 433 20.26 -25.34 -6.31
N CYS A 434 20.71 -25.94 -5.21
CA CYS A 434 20.03 -27.08 -4.63
C CYS A 434 18.60 -26.72 -4.23
N SER A 435 18.42 -25.56 -3.60
CA SER A 435 17.09 -25.13 -3.21
C SER A 435 16.19 -24.96 -4.42
N ILE A 436 16.70 -24.38 -5.50
CA ILE A 436 15.88 -24.21 -6.70
C ILE A 436 15.49 -25.58 -7.27
N LEU A 437 16.45 -26.50 -7.36
CA LEU A 437 16.14 -27.82 -7.88
C LEU A 437 15.06 -28.51 -7.06
N LEU A 438 15.23 -28.55 -5.74
CA LEU A 438 14.29 -29.27 -4.90
C LEU A 438 12.93 -28.59 -4.87
N GLY A 439 12.89 -27.26 -4.83
CA GLY A 439 11.60 -26.57 -4.84
C GLY A 439 10.84 -26.76 -6.14
N THR A 440 11.53 -26.65 -7.28
CA THR A 440 10.86 -26.88 -8.55
C THR A 440 10.36 -28.32 -8.64
N SER A 441 11.16 -29.29 -8.20
CA SER A 441 10.71 -30.67 -8.25
C SER A 441 9.51 -30.90 -7.32
N THR A 442 9.48 -30.23 -6.16
CA THR A 442 8.34 -30.37 -5.27
C THR A 442 7.07 -29.84 -5.93
N LEU A 443 7.16 -28.66 -6.57
CA LEU A 443 6.00 -28.12 -7.26
C LEU A 443 5.53 -29.06 -8.36
N LEU A 444 6.47 -29.59 -9.15
CA LEU A 444 6.09 -30.49 -10.23
C LEU A 444 5.47 -31.78 -9.70
N VAL A 445 5.98 -32.30 -8.58
CA VAL A 445 5.41 -33.51 -8.00
C VAL A 445 3.98 -33.27 -7.55
N TRP A 446 3.73 -32.13 -6.89
CA TRP A 446 2.36 -31.82 -6.51
C TRP A 446 1.46 -31.68 -7.73
N VAL A 447 1.96 -31.02 -8.78
CA VAL A 447 1.13 -30.78 -9.96
C VAL A 447 0.82 -32.09 -10.69
N GLY A 448 1.78 -33.02 -10.72
CA GLY A 448 1.65 -34.20 -11.55
C GLY A 448 0.52 -35.13 -11.18
N VAL A 449 0.01 -35.03 -9.95
CA VAL A 449 -1.09 -35.89 -9.53
C VAL A 449 -2.40 -35.52 -10.23
N ILE A 450 -2.45 -34.39 -10.94
CA ILE A 450 -3.64 -34.02 -11.69
C ILE A 450 -3.86 -34.95 -12.87
N ARG A 451 -2.83 -35.69 -13.29
CA ARG A 451 -2.97 -36.60 -14.42
C ARG A 451 -4.15 -37.54 -14.23
N TYR A 452 -4.41 -37.95 -12.99
CA TYR A 452 -5.46 -38.91 -12.70
C TYR A 452 -6.83 -38.28 -12.54
N LEU A 453 -6.92 -36.96 -12.48
CA LEU A 453 -8.20 -36.28 -12.54
C LEU A 453 -8.66 -35.99 -13.96
N THR A 454 -7.79 -36.20 -14.95
CA THR A 454 -8.16 -35.92 -16.33
C THR A 454 -9.18 -36.90 -16.88
N PHE A 455 -9.35 -38.06 -16.23
CA PHE A 455 -10.28 -39.07 -16.71
C PHE A 455 -11.73 -38.75 -16.38
N PHE A 456 -11.99 -37.69 -15.63
CA PHE A 456 -13.32 -37.39 -15.12
C PHE A 456 -13.66 -35.95 -15.46
N HIS A 457 -14.71 -35.76 -16.25
CA HIS A 457 -14.98 -34.43 -16.81
C HIS A 457 -15.19 -33.39 -15.74
N ASN A 458 -15.94 -33.72 -14.69
CA ASN A 458 -16.25 -32.72 -13.66
C ASN A 458 -14.99 -32.21 -12.99
N TYR A 459 -13.95 -33.02 -12.90
CA TYR A 459 -12.71 -32.64 -12.22
C TYR A 459 -11.66 -32.07 -13.16
N ASN A 460 -11.93 -32.03 -14.47
CA ASN A 460 -10.90 -31.70 -15.45
C ASN A 460 -11.16 -30.38 -16.18
N ILE A 461 -11.92 -29.46 -15.56
CA ILE A 461 -12.30 -28.24 -16.25
C ILE A 461 -11.07 -27.41 -16.60
N LEU A 462 -10.15 -27.27 -15.66
CA LEU A 462 -8.99 -26.40 -15.86
C LEU A 462 -8.15 -26.87 -17.05
N ILE A 463 -7.82 -28.17 -17.08
CA ILE A 463 -6.94 -28.68 -18.14
C ILE A 463 -7.65 -28.62 -19.50
N ALA A 464 -8.91 -29.03 -19.55
CA ALA A 464 -9.64 -29.00 -20.81
C ALA A 464 -9.76 -27.59 -21.36
N THR A 465 -10.08 -26.62 -20.48
CA THR A 465 -10.15 -25.24 -20.90
C THR A 465 -8.79 -24.75 -21.38
N LEU A 466 -7.71 -25.10 -20.66
CA LEU A 466 -6.38 -24.68 -21.09
C LEU A 466 -6.07 -25.20 -22.49
N ARG A 467 -6.35 -26.48 -22.72
CA ARG A 467 -6.05 -27.07 -24.02
C ARG A 467 -6.83 -26.37 -25.13
N VAL A 468 -8.10 -26.05 -24.88
CA VAL A 468 -8.88 -25.38 -25.91
C VAL A 468 -8.40 -23.94 -26.11
N ALA A 469 -8.03 -23.25 -25.03
CA ALA A 469 -7.79 -21.81 -25.09
C ALA A 469 -6.39 -21.45 -25.56
N LEU A 470 -5.41 -22.31 -25.34
CA LEU A 470 -4.01 -21.92 -25.54
C LEU A 470 -3.73 -21.33 -26.91
N PRO A 471 -4.16 -21.92 -28.03
CA PRO A 471 -3.80 -21.33 -29.34
C PRO A 471 -4.26 -19.89 -29.52
N SER A 472 -5.55 -19.62 -29.23
CA SER A 472 -6.06 -18.28 -29.39
C SER A 472 -5.39 -17.30 -28.44
N VAL A 473 -5.06 -17.76 -27.23
CA VAL A 473 -4.37 -16.90 -26.27
C VAL A 473 -2.99 -16.52 -26.78
N MET A 474 -2.23 -17.49 -27.31
CA MET A 474 -0.91 -17.17 -27.83
C MET A 474 -0.98 -16.24 -29.03
N ARG A 475 -1.96 -16.45 -29.91
CA ARG A 475 -2.11 -15.53 -31.03
C ARG A 475 -2.44 -14.12 -30.56
N PHE A 476 -3.30 -14.00 -29.55
CA PHE A 476 -3.59 -12.69 -28.95
C PHE A 476 -2.35 -12.06 -28.36
N CYS A 477 -1.54 -12.86 -27.67
CA CYS A 477 -0.30 -12.35 -27.07
C CYS A 477 0.64 -11.83 -28.13
N CYS A 478 0.64 -12.43 -29.32
CA CYS A 478 1.50 -11.90 -30.38
C CYS A 478 1.28 -10.40 -30.59
N CYS A 479 0.01 -10.00 -30.71
CA CYS A 479 -0.29 -8.58 -30.89
C CYS A 479 -0.05 -7.78 -29.61
N VAL A 480 -0.43 -8.33 -28.45
CA VAL A 480 -0.34 -7.53 -27.23
C VAL A 480 1.11 -7.25 -26.84
N ALA A 481 2.01 -8.19 -27.10
CA ALA A 481 3.38 -8.09 -26.60
C ALA A 481 4.13 -6.90 -27.20
N VAL A 482 3.89 -6.58 -28.48
CA VAL A 482 4.60 -5.45 -29.07
C VAL A 482 4.18 -4.15 -28.41
N ILE A 483 2.88 -3.99 -28.13
CA ILE A 483 2.42 -2.79 -27.41
C ILE A 483 3.04 -2.74 -26.02
N TYR A 484 3.02 -3.87 -25.32
CA TYR A 484 3.57 -3.91 -23.97
C TYR A 484 5.05 -3.52 -23.97
N LEU A 485 5.81 -4.04 -24.92
CA LEU A 485 7.25 -3.74 -24.98
C LEU A 485 7.49 -2.29 -25.37
N GLY A 486 6.71 -1.74 -26.30
CA GLY A 486 6.84 -0.34 -26.61
C GLY A 486 6.66 0.53 -25.38
N TYR A 487 5.62 0.24 -24.59
CA TYR A 487 5.41 0.98 -23.35
C TYR A 487 6.57 0.77 -22.39
N CYS A 488 7.09 -0.47 -22.29
CA CYS A 488 8.19 -0.74 -21.38
C CYS A 488 9.41 0.13 -21.72
N PHE A 489 9.83 0.14 -22.97
CA PHE A 489 11.03 0.90 -23.36
C PHE A 489 10.80 2.39 -23.18
N CYS A 490 9.65 2.90 -23.66
CA CYS A 490 9.36 4.31 -23.51
C CYS A 490 9.41 4.73 -22.04
N GLY A 491 8.71 3.99 -21.17
CA GLY A 491 8.70 4.34 -19.77
C GLY A 491 10.07 4.26 -19.14
N TRP A 492 10.81 3.20 -19.43
CA TRP A 492 12.13 3.01 -18.85
C TRP A 492 13.04 4.20 -19.17
N ILE A 493 13.05 4.64 -20.42
CA ILE A 493 14.02 5.67 -20.78
C ILE A 493 13.51 7.07 -20.42
N VAL A 494 12.23 7.36 -20.64
CA VAL A 494 11.73 8.71 -20.40
C VAL A 494 11.53 8.97 -18.91
N LEU A 495 10.88 8.03 -18.22
CA LEU A 495 10.50 8.26 -16.83
C LEU A 495 11.49 7.71 -15.81
N GLY A 496 12.38 6.80 -16.23
CA GLY A 496 13.29 6.17 -15.30
C GLY A 496 14.14 7.11 -14.46
N PRO A 497 14.70 8.16 -15.05
CA PRO A 497 15.48 9.11 -14.23
C PRO A 497 14.66 9.87 -13.21
N TYR A 498 13.34 9.96 -13.37
CA TYR A 498 12.49 10.74 -12.48
C TYR A 498 11.63 9.89 -11.55
N HIS A 499 11.45 8.61 -11.83
CA HIS A 499 10.45 7.78 -11.16
C HIS A 499 11.14 6.56 -10.57
N VAL A 500 10.99 6.37 -9.26
CA VAL A 500 11.68 5.28 -8.56
C VAL A 500 11.25 3.91 -9.06
N LYS A 501 10.06 3.79 -9.65
CA LYS A 501 9.56 2.51 -10.11
C LYS A 501 9.95 2.19 -11.56
N PHE A 502 10.67 3.10 -12.24
CA PHE A 502 11.03 2.90 -13.63
C PHE A 502 12.55 2.84 -13.82
N ARG A 503 13.30 2.50 -12.77
CA ARG A 503 14.76 2.61 -12.84
C ARG A 503 15.37 1.65 -13.85
N SER A 504 14.87 0.43 -13.93
CA SER A 504 15.42 -0.59 -14.81
C SER A 504 14.30 -1.26 -15.58
N LEU A 505 14.68 -2.02 -16.61
CA LEU A 505 13.68 -2.66 -17.47
C LEU A 505 12.86 -3.69 -16.70
N SER A 506 13.50 -4.51 -15.88
CA SER A 506 12.76 -5.50 -15.09
C SER A 506 11.82 -4.81 -14.11
N MET A 507 12.27 -3.71 -13.50
CA MET A 507 11.40 -2.94 -12.61
C MET A 507 10.23 -2.32 -13.37
N VAL A 508 10.48 -1.85 -14.59
CA VAL A 508 9.40 -1.27 -15.39
C VAL A 508 8.36 -2.34 -15.71
N SER A 509 8.81 -3.53 -16.10
CA SER A 509 7.87 -4.61 -16.36
C SER A 509 7.08 -4.95 -15.10
N GLU A 510 7.74 -5.00 -13.94
CA GLU A 510 7.02 -5.26 -12.70
C GLU A 510 5.95 -4.20 -12.45
N CYS A 511 6.32 -2.92 -12.63
CA CYS A 511 5.37 -1.84 -12.40
C CYS A 511 4.17 -1.93 -13.33
N LEU A 512 4.43 -2.13 -14.64
CA LEU A 512 3.33 -2.16 -15.60
C LEU A 512 2.44 -3.37 -15.39
N PHE A 513 3.03 -4.54 -15.15
CA PHE A 513 2.24 -5.73 -14.86
C PHE A 513 1.37 -5.54 -13.64
N SER A 514 1.93 -4.94 -12.57
CA SER A 514 1.12 -4.68 -11.38
C SER A 514 0.01 -3.68 -11.67
N LEU A 515 0.29 -2.65 -12.48
CA LEU A 515 -0.75 -1.68 -12.83
C LEU A 515 -1.90 -2.36 -13.56
N ILE A 516 -1.59 -3.28 -14.47
CA ILE A 516 -2.65 -3.98 -15.19
C ILE A 516 -3.59 -4.67 -14.23
N ASN A 517 -3.07 -5.16 -13.10
CA ASN A 517 -3.89 -5.80 -12.08
C ASN A 517 -4.42 -4.81 -11.06
N GLY A 518 -4.31 -3.51 -11.33
CA GLY A 518 -4.87 -2.50 -10.47
C GLY A 518 -4.11 -2.22 -9.20
N ASP A 519 -2.83 -2.58 -9.14
CA ASP A 519 -2.06 -2.52 -7.90
C ASP A 519 -1.12 -1.33 -7.90
N ASP A 520 -1.08 -0.61 -6.77
CA ASP A 520 -0.09 0.42 -6.53
C ASP A 520 -0.21 1.58 -7.52
N MET A 521 -1.44 1.93 -7.86
CA MET A 521 -1.67 2.86 -8.96
C MET A 521 -1.55 4.32 -8.51
N PHE A 522 -2.21 4.68 -7.41
CA PHE A 522 -2.13 6.07 -6.95
C PHE A 522 -0.70 6.43 -6.58
N VAL A 523 0.04 5.51 -5.97
CA VAL A 523 1.44 5.77 -5.63
C VAL A 523 2.25 6.02 -6.89
N THR A 524 1.99 5.26 -7.95
CA THR A 524 2.67 5.50 -9.21
C THR A 524 2.40 6.91 -9.73
N PHE A 525 1.15 7.35 -9.64
CA PHE A 525 0.85 8.74 -10.02
C PHE A 525 1.57 9.73 -9.11
N ALA A 526 1.56 9.47 -7.81
CA ALA A 526 2.04 10.46 -6.84
C ALA A 526 3.55 10.63 -6.90
N ALA A 527 4.28 9.60 -7.33
CA ALA A 527 5.73 9.75 -7.44
C ALA A 527 6.11 10.88 -8.39
N MET A 528 5.27 11.16 -9.39
CA MET A 528 5.55 12.21 -10.36
C MET A 528 5.06 13.59 -9.91
N GLN A 529 4.25 13.68 -8.86
CA GLN A 529 3.69 14.97 -8.47
C GLN A 529 4.76 15.97 -8.08
N ALA A 530 5.95 15.51 -7.67
CA ALA A 530 7.02 16.44 -7.33
C ALA A 530 7.57 17.16 -8.55
N GLN A 531 7.51 16.54 -9.73
CA GLN A 531 8.00 17.16 -10.94
C GLN A 531 7.02 18.15 -11.55
N GLN A 532 5.80 18.25 -11.02
CA GLN A 532 4.82 19.14 -11.62
C GLN A 532 5.27 20.59 -11.59
N GLY A 533 6.14 20.95 -10.65
CA GLY A 533 6.68 22.29 -10.60
C GLY A 533 8.09 22.37 -11.17
N ARG A 534 8.84 21.28 -11.06
CA ARG A 534 10.23 21.28 -11.52
C ARG A 534 10.32 21.04 -13.03
N SER A 535 9.80 19.91 -13.50
CA SER A 535 9.84 19.54 -14.91
C SER A 535 8.41 19.29 -15.37
N SER A 536 7.74 20.36 -15.79
CA SER A 536 6.30 20.29 -16.05
C SER A 536 5.99 19.47 -17.30
N LEU A 537 6.84 19.58 -18.33
CA LEU A 537 6.61 18.83 -19.55
C LEU A 537 6.70 17.33 -19.30
N VAL A 538 7.70 16.90 -18.54
CA VAL A 538 7.82 15.49 -18.18
C VAL A 538 6.62 15.04 -17.37
N TRP A 539 6.12 15.90 -16.48
CA TRP A 539 4.95 15.55 -15.69
C TRP A 539 3.72 15.34 -16.57
N LEU A 540 3.50 16.24 -17.52
CA LEU A 540 2.37 16.09 -18.43
C LEU A 540 2.50 14.82 -19.26
N PHE A 541 3.70 14.54 -19.75
CA PHE A 541 3.90 13.30 -20.50
C PHE A 541 3.61 12.09 -19.63
N SER A 542 4.04 12.11 -18.37
CA SER A 542 3.78 10.98 -17.48
C SER A 542 2.29 10.79 -17.26
N GLN A 543 1.55 11.90 -17.14
CA GLN A 543 0.09 11.80 -17.05
C GLN A 543 -0.48 11.07 -18.26
N LEU A 544 -0.11 11.52 -19.46
CA LEU A 544 -0.64 10.89 -20.67
C LEU A 544 -0.25 9.42 -20.74
N TYR A 545 1.02 9.12 -20.45
CA TYR A 545 1.53 7.76 -20.50
C TYR A 545 0.75 6.84 -19.57
N LEU A 546 0.61 7.24 -18.31
CA LEU A 546 -0.04 6.38 -17.33
C LEU A 546 -1.52 6.20 -17.63
N TYR A 547 -2.22 7.30 -17.92
CA TYR A 547 -3.66 7.18 -18.20
C TYR A 547 -3.91 6.30 -19.41
N SER A 548 -3.16 6.52 -20.50
CA SER A 548 -3.37 5.73 -21.70
C SER A 548 -3.04 4.26 -21.47
N PHE A 549 -1.92 3.96 -20.79
CA PHE A 549 -1.58 2.57 -20.55
C PHE A 549 -2.65 1.88 -19.72
N ILE A 550 -3.04 2.49 -18.60
CA ILE A 550 -4.00 1.83 -17.71
C ILE A 550 -5.32 1.62 -18.43
N SER A 551 -5.83 2.66 -19.10
CA SER A 551 -7.10 2.52 -19.79
C SER A 551 -7.04 1.40 -20.83
N LEU A 552 -6.04 1.46 -21.71
CA LEU A 552 -5.94 0.48 -22.79
C LEU A 552 -5.85 -0.93 -22.23
N PHE A 553 -4.99 -1.15 -21.23
CA PHE A 553 -4.71 -2.53 -20.86
C PHE A 553 -5.77 -3.10 -19.92
N ILE A 554 -6.24 -2.33 -18.93
CA ILE A 554 -7.26 -2.87 -18.05
C ILE A 554 -8.58 -3.03 -18.79
N TYR A 555 -9.02 -2.02 -19.53
CA TYR A 555 -10.40 -2.07 -20.02
C TYR A 555 -10.54 -2.75 -21.38
N MET A 556 -9.53 -2.69 -22.25
CA MET A 556 -9.62 -3.35 -23.55
C MET A 556 -8.88 -4.68 -23.56
N VAL A 557 -7.58 -4.68 -23.28
CA VAL A 557 -6.77 -5.89 -23.47
C VAL A 557 -7.20 -6.99 -22.50
N LEU A 558 -7.22 -6.68 -21.21
CA LEU A 558 -7.51 -7.70 -20.22
C LEU A 558 -8.92 -8.26 -20.37
N SER A 559 -9.89 -7.39 -20.69
CA SER A 559 -11.25 -7.86 -20.93
C SER A 559 -11.29 -8.88 -22.06
N LEU A 560 -10.59 -8.61 -23.16
CA LEU A 560 -10.56 -9.55 -24.28
C LEU A 560 -9.85 -10.85 -23.91
N PHE A 561 -8.76 -10.75 -23.14
CA PHE A 561 -8.06 -11.95 -22.66
C PHE A 561 -9.01 -12.85 -21.88
N ILE A 562 -9.71 -12.27 -20.90
CA ILE A 562 -10.64 -13.05 -20.10
C ILE A 562 -11.77 -13.58 -20.96
N ALA A 563 -12.22 -12.80 -21.94
CA ALA A 563 -13.29 -13.27 -22.82
C ALA A 563 -12.84 -14.50 -23.61
N LEU A 564 -11.60 -14.50 -24.09
CA LEU A 564 -11.07 -15.68 -24.78
C LEU A 564 -11.11 -16.89 -23.86
N ILE A 565 -10.66 -16.72 -22.61
CA ILE A 565 -10.59 -17.86 -21.70
C ILE A 565 -11.99 -18.39 -21.38
N THR A 566 -12.94 -17.49 -21.07
CA THR A 566 -14.28 -17.94 -20.71
C THR A 566 -15.02 -18.50 -21.92
N GLY A 567 -14.74 -18.01 -23.13
CA GLY A 567 -15.32 -18.62 -24.32
C GLY A 567 -14.81 -20.03 -24.54
N ALA A 568 -13.50 -20.23 -24.37
CA ALA A 568 -12.96 -21.58 -24.43
C ALA A 568 -13.68 -22.48 -23.43
N TYR A 569 -13.87 -22.00 -22.20
CA TYR A 569 -14.60 -22.79 -21.22
C TYR A 569 -16.02 -23.09 -21.68
N ASP A 570 -16.67 -22.10 -22.31
CA ASP A 570 -18.03 -22.32 -22.81
C ASP A 570 -18.07 -23.45 -23.82
N THR A 571 -17.03 -23.58 -24.65
CA THR A 571 -17.06 -24.63 -25.67
C THR A 571 -16.97 -26.03 -25.06
N ILE A 572 -16.29 -26.18 -23.93
CA ILE A 572 -16.13 -27.49 -23.29
C ILE A 572 -17.07 -27.67 -22.10
N LYS A 573 -18.08 -26.81 -21.97
CA LYS A 573 -18.91 -26.81 -20.77
C LYS A 573 -19.63 -28.14 -20.60
N HIS A 574 -20.22 -28.65 -21.68
CA HIS A 574 -21.03 -29.86 -21.60
C HIS A 574 -20.24 -31.08 -22.08
N LEU B 89 -10.76 -2.40 -63.44
CA LEU B 89 -10.79 -1.60 -62.23
C LEU B 89 -11.00 -2.47 -61.01
N ARG B 90 -11.89 -3.46 -61.14
CA ARG B 90 -12.15 -4.37 -60.02
C ARG B 90 -10.89 -5.11 -59.61
N ARG B 91 -10.11 -5.57 -60.58
CA ARG B 91 -8.88 -6.29 -60.27
C ARG B 91 -7.89 -5.39 -59.52
N ARG B 92 -7.74 -4.14 -59.96
CA ARG B 92 -6.82 -3.24 -59.30
C ARG B 92 -7.27 -2.94 -57.87
N LEU B 93 -8.56 -2.70 -57.67
CA LEU B 93 -9.06 -2.48 -56.32
C LEU B 93 -8.85 -3.70 -55.44
N LYS B 94 -9.12 -4.89 -55.97
CA LYS B 94 -8.89 -6.11 -55.19
C LYS B 94 -7.42 -6.25 -54.83
N TYR B 95 -6.52 -5.87 -55.74
CA TYR B 95 -5.10 -5.93 -55.45
C TYR B 95 -4.70 -4.92 -54.39
N PHE B 96 -5.37 -3.76 -54.37
CA PHE B 96 -5.00 -2.71 -53.43
C PHE B 96 -5.13 -3.16 -51.98
N PHE B 97 -6.12 -3.99 -51.68
CA PHE B 97 -6.39 -4.42 -50.32
C PHE B 97 -5.80 -5.79 -49.99
N MET B 98 -4.95 -6.34 -50.87
CA MET B 98 -4.35 -7.64 -50.61
C MET B 98 -3.23 -7.51 -49.59
N SER B 99 -2.93 -8.64 -48.94
CA SER B 99 -1.89 -8.70 -47.92
C SER B 99 -0.51 -8.80 -48.57
N PRO B 100 0.55 -8.55 -47.80
CA PRO B 100 1.90 -8.62 -48.40
C PRO B 100 2.20 -9.96 -49.05
N CYS B 101 1.79 -11.07 -48.43
CA CYS B 101 1.98 -12.37 -49.07
C CYS B 101 1.15 -12.47 -50.34
N ASP B 102 -0.09 -11.99 -50.30
CA ASP B 102 -0.94 -12.05 -51.48
C ASP B 102 -0.40 -11.15 -52.58
N LYS B 103 0.08 -9.96 -52.23
CA LYS B 103 0.65 -9.07 -53.24
C LYS B 103 1.90 -9.68 -53.85
N PHE B 104 2.71 -10.37 -53.04
CA PHE B 104 3.85 -11.10 -53.58
C PHE B 104 3.39 -12.16 -54.56
N ARG B 105 2.38 -12.94 -54.19
CA ARG B 105 1.88 -13.98 -55.08
C ARG B 105 1.36 -13.40 -56.38
N ALA B 106 0.76 -12.22 -56.33
CA ALA B 106 0.21 -11.60 -57.54
C ALA B 106 1.32 -11.04 -58.43
N LYS B 107 2.10 -10.08 -57.92
CA LYS B 107 3.08 -9.38 -58.74
C LYS B 107 4.51 -9.61 -58.27
N GLY B 108 4.75 -10.56 -57.37
CA GLY B 108 6.11 -10.78 -56.89
C GLY B 108 6.70 -9.61 -56.15
N ARG B 109 5.86 -8.68 -55.67
CA ARG B 109 6.36 -7.48 -55.02
C ARG B 109 7.08 -7.83 -53.73
N LYS B 110 8.24 -7.22 -53.53
CA LYS B 110 9.03 -7.47 -52.33
C LYS B 110 8.42 -6.72 -51.14
N PRO B 111 8.39 -7.32 -49.96
CA PRO B 111 7.84 -6.60 -48.79
C PRO B 111 8.86 -5.66 -48.15
N CYS B 112 9.19 -4.60 -48.89
CA CYS B 112 10.21 -3.66 -48.42
C CYS B 112 9.76 -2.94 -47.15
N LYS B 113 8.48 -2.56 -47.09
CA LYS B 113 7.98 -1.82 -45.93
C LYS B 113 8.08 -2.64 -44.66
N LEU B 114 7.77 -3.94 -44.73
CA LEU B 114 7.82 -4.77 -43.53
C LEU B 114 9.24 -4.90 -43.00
N MET B 115 10.20 -5.14 -43.89
CA MET B 115 11.60 -5.22 -43.47
C MET B 115 12.07 -3.89 -42.90
N LEU B 116 11.67 -2.78 -43.54
CA LEU B 116 12.01 -1.48 -42.99
C LEU B 116 11.43 -1.31 -41.59
N GLN B 117 10.20 -1.77 -41.36
CA GLN B 117 9.59 -1.64 -40.04
C GLN B 117 10.37 -2.40 -38.98
N VAL B 118 10.80 -3.62 -39.31
CA VAL B 118 11.57 -4.41 -38.34
C VAL B 118 12.90 -3.72 -38.04
N VAL B 119 13.61 -3.29 -39.09
CA VAL B 119 14.87 -2.61 -38.91
C VAL B 119 14.67 -1.33 -38.09
N LYS B 120 13.58 -0.63 -38.34
CA LYS B 120 13.28 0.59 -37.60
C LYS B 120 13.07 0.29 -36.12
N ILE B 121 12.33 -0.77 -35.80
CA ILE B 121 12.15 -1.10 -34.40
C ILE B 121 13.51 -1.29 -33.74
N LEU B 122 14.38 -2.08 -34.37
CA LEU B 122 15.69 -2.33 -33.77
C LEU B 122 16.48 -1.04 -33.57
N VAL B 123 16.64 -0.25 -34.64
CA VAL B 123 17.55 0.90 -34.56
C VAL B 123 16.97 2.00 -33.67
N VAL B 124 15.65 2.23 -33.74
CA VAL B 124 15.05 3.26 -32.92
C VAL B 124 15.14 2.90 -31.44
N THR B 125 14.91 1.63 -31.09
CA THR B 125 15.04 1.23 -29.69
C THR B 125 16.49 1.40 -29.22
N VAL B 126 17.46 0.99 -30.03
CA VAL B 126 18.86 1.14 -29.64
C VAL B 126 19.21 2.61 -29.46
N GLN B 127 18.75 3.47 -30.38
CA GLN B 127 19.02 4.89 -30.27
C GLN B 127 18.42 5.45 -28.99
N LEU B 128 17.21 5.04 -28.64
CA LEU B 128 16.59 5.53 -27.42
C LEU B 128 17.43 5.16 -26.19
N ILE B 129 17.92 3.92 -26.14
CA ILE B 129 18.73 3.52 -24.98
C ILE B 129 20.03 4.32 -24.93
N LEU B 130 20.68 4.49 -26.08
CA LEU B 130 21.93 5.24 -26.12
C LEU B 130 21.72 6.68 -25.65
N PHE B 131 20.61 7.30 -26.07
CA PHE B 131 20.28 8.63 -25.57
C PHE B 131 20.01 8.61 -24.08
N GLY B 132 19.34 7.57 -23.60
CA GLY B 132 19.04 7.47 -22.18
C GLY B 132 20.29 7.56 -21.32
N LEU B 133 21.42 7.05 -21.82
CA LEU B 133 22.66 7.19 -21.07
C LEU B 133 22.96 8.66 -20.74
N SER B 134 22.99 9.53 -21.77
CA SER B 134 23.29 10.94 -21.54
C SER B 134 22.22 11.63 -20.71
N ASN B 135 20.95 11.30 -20.99
CA ASN B 135 19.84 11.89 -20.26
C ASN B 135 19.96 11.59 -18.76
N GLN B 136 20.26 10.34 -18.43
CA GLN B 136 20.45 9.96 -17.04
C GLN B 136 21.61 10.71 -16.41
N LEU B 137 22.71 10.86 -17.14
CA LEU B 137 23.84 11.59 -16.57
C LEU B 137 23.42 13.01 -16.17
N ALA B 138 22.71 13.70 -17.06
CA ALA B 138 22.31 15.08 -16.75
C ALA B 138 21.37 15.14 -15.55
N VAL B 139 20.33 14.29 -15.56
CA VAL B 139 19.34 14.34 -14.48
C VAL B 139 20.00 14.02 -13.14
N THR B 140 20.87 13.00 -13.13
CA THR B 140 21.56 12.63 -11.90
C THR B 140 22.42 13.78 -11.39
N PHE B 141 23.16 14.45 -12.27
CA PHE B 141 23.99 15.56 -11.81
C PHE B 141 23.13 16.61 -11.10
N ARG B 142 22.04 17.02 -11.74
CA ARG B 142 21.18 18.05 -11.14
C ARG B 142 20.65 17.60 -9.77
N GLU B 143 20.07 16.39 -9.72
CA GLU B 143 19.42 15.93 -8.49
C GLU B 143 20.42 15.76 -7.35
N GLU B 144 21.58 15.14 -7.63
CA GLU B 144 22.55 14.89 -6.58
C GLU B 144 23.12 16.21 -6.05
N ASN B 145 23.38 17.17 -6.92
CA ASN B 145 23.84 18.47 -6.44
C ASN B 145 22.80 19.13 -5.56
N THR B 146 21.52 19.02 -5.92
CA THR B 146 20.47 19.63 -5.10
C THR B 146 20.41 18.99 -3.71
N ILE B 147 20.50 17.66 -3.65
CA ILE B 147 20.49 16.99 -2.34
C ILE B 147 21.69 17.43 -1.50
N ALA B 148 22.87 17.53 -2.13
CA ALA B 148 24.04 18.00 -1.41
C ALA B 148 23.84 19.42 -0.90
N PHE B 149 23.21 20.29 -1.69
CA PHE B 149 22.93 21.65 -1.23
C PHE B 149 22.02 21.64 -0.01
N ARG B 150 20.98 20.79 -0.03
CA ARG B 150 20.10 20.71 1.13
C ARG B 150 20.87 20.31 2.37
N HIS B 151 21.75 19.32 2.26
CA HIS B 151 22.52 18.90 3.42
C HIS B 151 23.53 19.96 3.86
N LEU B 152 24.09 20.72 2.91
CA LEU B 152 25.11 21.71 3.26
C LEU B 152 24.52 22.97 3.89
N PHE B 153 23.36 23.43 3.41
CA PHE B 153 22.89 24.78 3.72
C PHE B 153 21.72 24.83 4.68
N LEU B 154 21.00 23.73 4.90
CA LEU B 154 19.83 23.71 5.77
C LEU B 154 20.22 23.11 7.11
N LEU B 155 20.17 23.91 8.17
CA LEU B 155 20.59 23.46 9.48
C LEU B 155 19.70 22.34 10.00
N GLY B 156 20.31 21.22 10.36
CA GLY B 156 19.56 20.09 10.89
C GLY B 156 18.70 19.37 9.89
N TYR B 157 18.99 19.49 8.60
CA TYR B 157 18.22 18.80 7.58
C TYR B 157 18.57 17.31 7.56
N SER B 158 17.57 16.48 7.29
CA SER B 158 17.77 15.07 7.06
C SER B 158 16.85 14.61 5.94
N ASP B 159 17.22 13.50 5.31
CA ASP B 159 16.47 13.00 4.15
C ASP B 159 15.05 12.65 4.54
N GLY B 160 14.11 12.96 3.65
CA GLY B 160 12.71 12.66 3.85
C GLY B 160 11.94 13.73 4.60
N ALA B 161 12.59 14.76 5.11
CA ALA B 161 11.95 15.76 5.94
C ALA B 161 11.51 17.00 5.17
N ASP B 162 11.59 16.97 3.84
CA ASP B 162 11.36 18.19 3.06
C ASP B 162 9.97 18.76 3.32
N ASP B 163 8.96 17.90 3.44
CA ASP B 163 7.59 18.37 3.54
C ASP B 163 7.29 19.02 4.88
N THR B 164 7.99 18.62 5.95
CA THR B 164 7.73 19.14 7.28
C THR B 164 8.81 20.07 7.82
N PHE B 165 9.93 20.21 7.12
CA PHE B 165 11.02 21.04 7.61
C PHE B 165 10.57 22.47 7.84
N ALA B 166 10.71 22.96 9.07
CA ALA B 166 10.19 24.27 9.43
C ALA B 166 10.88 24.76 10.70
N ALA B 167 10.81 26.08 10.90
CA ALA B 167 11.24 26.72 12.13
C ALA B 167 10.03 27.10 12.97
N TYR B 168 10.23 27.18 14.28
CA TYR B 168 9.13 27.46 15.21
C TYR B 168 9.46 28.51 16.26
N THR B 169 10.71 28.95 16.37
CA THR B 169 11.08 30.00 17.29
C THR B 169 11.96 31.01 16.56
N ARG B 170 12.03 32.22 17.11
CA ARG B 170 12.89 33.24 16.53
C ARG B 170 14.34 32.79 16.51
N GLU B 171 14.78 32.13 17.58
CA GLU B 171 16.14 31.67 17.68
C GLU B 171 16.45 30.62 16.61
N GLN B 172 15.51 29.69 16.38
CA GLN B 172 15.67 28.71 15.32
C GLN B 172 15.82 29.37 13.96
N LEU B 173 14.97 30.36 13.67
CA LEU B 173 15.00 31.00 12.37
C LEU B 173 16.32 31.75 12.15
N TYR B 174 16.75 32.51 13.15
CA TYR B 174 18.02 33.22 13.02
C TYR B 174 19.17 32.24 12.82
N GLN B 175 19.18 31.14 13.58
CA GLN B 175 20.25 30.17 13.45
C GLN B 175 20.26 29.54 12.06
N ALA B 176 19.09 29.22 11.51
CA ALA B 176 19.03 28.65 10.18
C ALA B 176 19.56 29.63 9.12
N ILE B 177 19.14 30.89 9.21
CA ILE B 177 19.60 31.89 8.23
C ILE B 177 21.10 32.05 8.29
N PHE B 178 21.64 32.22 9.50
CA PHE B 178 23.07 32.44 9.65
C PHE B 178 23.86 31.19 9.27
N HIS B 179 23.34 30.00 9.54
CA HIS B 179 24.02 28.79 9.12
C HIS B 179 24.12 28.71 7.60
N ALA B 180 23.03 29.05 6.89
CA ALA B 180 23.09 29.04 5.44
C ALA B 180 24.16 29.99 4.93
N VAL B 181 24.21 31.21 5.46
CA VAL B 181 25.19 32.17 4.96
C VAL B 181 26.62 31.74 5.32
N ASP B 182 26.82 31.26 6.55
CA ASP B 182 28.15 30.83 6.96
C ASP B 182 28.64 29.66 6.10
N GLN B 183 27.77 28.71 5.79
CA GLN B 183 28.16 27.60 4.94
C GLN B 183 28.47 28.08 3.53
N TYR B 184 27.72 29.05 3.02
CA TYR B 184 28.07 29.63 1.73
C TYR B 184 29.47 30.19 1.75
N LEU B 185 29.84 30.89 2.82
CA LEU B 185 31.18 31.47 2.90
C LEU B 185 32.26 30.42 3.13
N ALA B 186 31.92 29.29 3.75
CA ALA B 186 32.89 28.24 4.03
C ALA B 186 32.97 27.17 2.94
N LEU B 187 32.14 27.27 1.91
CA LEU B 187 32.03 26.19 0.90
C LEU B 187 33.38 25.70 0.37
N PRO B 188 34.34 26.54 0.01
CA PRO B 188 35.59 26.01 -0.55
C PRO B 188 36.34 25.08 0.38
N ASP B 189 36.20 25.24 1.69
CA ASP B 189 36.95 24.43 2.65
C ASP B 189 36.24 23.15 3.07
N VAL B 190 34.92 23.08 2.96
CA VAL B 190 34.17 21.99 3.56
C VAL B 190 33.53 21.07 2.52
N SER B 191 33.19 21.57 1.35
CA SER B 191 32.39 20.80 0.40
C SER B 191 33.23 19.73 -0.29
N LEU B 192 32.59 18.59 -0.56
CA LEU B 192 33.21 17.55 -1.38
C LEU B 192 33.17 17.87 -2.86
N GLY B 193 32.28 18.77 -3.29
CA GLY B 193 32.28 19.24 -4.66
C GLY B 193 33.19 20.43 -4.85
N ARG B 194 33.49 20.74 -6.11
CA ARG B 194 34.28 21.91 -6.46
C ARG B 194 33.36 22.92 -7.12
N TYR B 195 33.15 24.04 -6.45
CA TYR B 195 32.21 25.06 -6.89
C TYR B 195 32.93 26.39 -7.06
N ALA B 196 32.45 27.18 -8.00
CA ALA B 196 32.93 28.53 -8.21
C ALA B 196 31.79 29.52 -7.96
N TYR B 197 32.13 30.65 -7.37
CA TYR B 197 31.15 31.70 -7.08
C TYR B 197 30.82 32.50 -8.32
N VAL B 198 29.62 33.08 -8.32
CA VAL B 198 29.17 33.99 -9.37
C VAL B 198 28.77 35.31 -8.70
N ARG B 199 29.22 36.43 -9.27
CA ARG B 199 28.98 37.75 -8.72
C ARG B 199 28.19 38.61 -9.69
N GLY B 200 27.44 39.57 -9.15
CA GLY B 200 26.77 40.56 -9.98
C GLY B 200 25.70 39.95 -10.86
N GLY B 201 25.62 40.44 -12.08
CA GLY B 201 24.71 39.88 -13.07
C GLY B 201 23.25 40.22 -12.89
N GLY B 202 22.94 41.34 -12.25
CA GLY B 202 21.57 41.80 -12.14
C GLY B 202 20.91 41.40 -10.84
N ASP B 203 19.64 41.76 -10.74
CA ASP B 203 18.90 41.58 -9.51
C ASP B 203 18.73 40.09 -9.19
N PRO B 204 18.70 39.73 -7.90
CA PRO B 204 18.75 40.61 -6.73
C PRO B 204 20.17 40.96 -6.29
N TRP B 205 21.19 40.63 -7.07
CA TRP B 205 22.57 40.88 -6.68
C TRP B 205 23.04 42.23 -7.20
N THR B 206 23.72 42.98 -6.34
CA THR B 206 24.50 44.11 -6.82
C THR B 206 25.80 43.61 -7.42
N ASN B 207 26.50 44.51 -8.11
CA ASN B 207 27.77 44.15 -8.71
C ASN B 207 28.77 43.76 -7.64
N GLY B 208 29.47 42.66 -7.85
CA GLY B 208 30.43 42.16 -6.89
C GLY B 208 29.84 41.33 -5.78
N SER B 209 28.52 41.19 -5.72
CA SER B 209 27.85 40.46 -4.64
C SER B 209 27.54 39.04 -5.11
N GLY B 210 27.80 38.08 -4.23
CA GLY B 210 27.54 36.68 -4.52
C GLY B 210 26.26 36.17 -3.92
N LEU B 211 25.89 36.64 -2.74
CA LEU B 211 24.71 36.15 -2.04
C LEU B 211 23.80 37.33 -1.66
N ALA B 212 22.51 37.16 -1.87
CA ALA B 212 21.52 38.17 -1.50
C ALA B 212 20.61 37.60 -0.43
N LEU B 213 20.55 38.28 0.72
CA LEU B 213 19.69 37.89 1.83
C LEU B 213 18.61 38.95 1.98
N CYS B 214 17.38 38.60 1.61
CA CYS B 214 16.31 39.58 1.49
C CYS B 214 15.17 39.23 2.45
N GLN B 215 14.63 40.24 3.12
CA GLN B 215 13.42 40.08 3.91
C GLN B 215 12.33 40.98 3.34
N ARG B 216 11.13 40.42 3.23
CA ARG B 216 9.98 41.09 2.66
C ARG B 216 8.88 41.18 3.70
N TYR B 217 8.38 42.39 3.91
CA TYR B 217 7.40 42.68 4.97
C TYR B 217 6.44 43.76 4.51
N TYR B 218 5.36 43.92 5.27
CA TYR B 218 4.34 44.92 4.92
C TYR B 218 4.87 46.33 5.15
N HIS B 219 4.44 47.25 4.29
CA HIS B 219 4.90 48.63 4.38
C HIS B 219 4.51 49.25 5.73
N ARG B 220 3.27 49.04 6.16
CA ARG B 220 2.82 49.43 7.48
C ARG B 220 2.11 48.24 8.12
N GLY B 221 2.49 47.92 9.35
CA GLY B 221 2.11 46.65 9.92
C GLY B 221 1.67 46.62 11.38
N HIS B 222 0.88 47.58 11.85
CA HIS B 222 0.50 47.55 13.26
C HIS B 222 -0.50 46.43 13.51
N VAL B 223 -0.15 45.50 14.40
CA VAL B 223 -0.96 44.31 14.68
C VAL B 223 -1.11 44.20 16.20
N ASP B 224 -2.35 44.31 16.69
CA ASP B 224 -2.64 44.34 18.12
C ASP B 224 -3.78 43.37 18.42
N PRO B 225 -3.49 42.08 18.50
CA PRO B 225 -4.55 41.11 18.85
C PRO B 225 -5.11 41.31 20.24
N ALA B 226 -4.36 41.93 21.17
CA ALA B 226 -4.87 42.16 22.51
C ALA B 226 -6.10 43.05 22.47
N ASN B 227 -6.09 44.08 21.63
CA ASN B 227 -7.22 44.97 21.43
C ASN B 227 -8.06 44.60 20.22
N ASP B 228 -7.79 43.47 19.59
CA ASP B 228 -8.55 43.00 18.43
C ASP B 228 -8.51 44.03 17.30
N THR B 229 -7.33 44.54 16.99
CA THR B 229 -7.25 45.61 16.00
C THR B 229 -5.96 45.50 15.20
N PHE B 230 -5.96 46.17 14.04
CA PHE B 230 -4.76 46.24 13.22
C PHE B 230 -4.90 47.39 12.24
N ASP B 231 -3.74 47.82 11.73
CA ASP B 231 -3.65 48.89 10.74
C ASP B 231 -2.55 48.48 9.77
N ILE B 232 -2.93 48.09 8.57
CA ILE B 232 -2.04 47.44 7.61
C ILE B 232 -2.08 48.18 6.29
N ASP B 233 -0.90 48.45 5.75
CA ASP B 233 -0.73 48.76 4.34
C ASP B 233 -0.06 47.56 3.70
N PRO B 234 -0.78 46.72 2.94
CA PRO B 234 -0.20 45.44 2.50
C PRO B 234 0.81 45.55 1.37
N MET B 235 1.25 46.74 1.00
CA MET B 235 2.32 46.86 0.01
C MET B 235 3.59 46.22 0.54
N VAL B 236 4.21 45.36 -0.26
CA VAL B 236 5.37 44.59 0.18
C VAL B 236 6.64 45.40 -0.04
N VAL B 237 7.43 45.54 1.02
CA VAL B 237 8.72 46.20 0.98
C VAL B 237 9.80 45.14 1.12
N THR B 238 10.80 45.21 0.25
CA THR B 238 11.92 44.28 0.22
C THR B 238 13.17 45.00 0.71
N ASP B 239 13.88 44.39 1.65
CA ASP B 239 15.15 44.89 2.15
C ASP B 239 16.19 43.80 1.99
N CYS B 240 17.27 44.09 1.27
CA CYS B 240 18.26 43.09 0.91
C CYS B 240 19.63 43.46 1.44
N ILE B 241 20.35 42.46 1.94
CA ILE B 241 21.73 42.57 2.35
C ILE B 241 22.57 41.78 1.37
N GLN B 242 23.67 42.38 0.90
CA GLN B 242 24.54 41.75 -0.08
C GLN B 242 25.78 41.22 0.62
N VAL B 243 26.15 39.99 0.27
CA VAL B 243 27.34 39.34 0.81
C VAL B 243 28.25 39.00 -0.36
N ASP B 244 29.49 39.49 -0.31
CA ASP B 244 30.48 39.10 -1.29
C ASP B 244 31.06 37.73 -0.95
N PRO B 245 31.46 36.96 -1.95
CA PRO B 245 32.16 35.70 -1.66
C PRO B 245 33.51 35.97 -1.03
N PRO B 246 34.05 35.01 -0.27
CA PRO B 246 35.33 35.19 0.42
C PRO B 246 36.50 35.42 -0.52
N SER B 265 28.28 41.71 8.59
CA SER B 265 27.24 42.69 8.31
C SER B 265 25.88 42.01 8.21
N TYR B 266 25.83 40.86 7.54
CA TYR B 266 24.60 40.08 7.52
C TYR B 266 24.25 39.58 8.92
N LYS B 267 25.19 39.57 9.84
CA LYS B 267 24.92 39.13 11.21
C LYS B 267 24.10 40.14 12.00
N ASN B 268 23.95 41.36 11.51
CA ASN B 268 23.12 42.38 12.15
C ASN B 268 21.68 42.36 11.68
N LEU B 269 21.31 41.39 10.84
CA LEU B 269 19.94 41.28 10.36
C LEU B 269 18.95 41.34 11.52
N THR B 270 17.94 42.18 11.38
CA THR B 270 16.87 42.32 12.37
C THR B 270 15.55 42.07 11.66
N LEU B 271 14.90 40.94 11.99
CA LEU B 271 13.67 40.57 11.32
C LEU B 271 12.48 41.28 11.95
N LYS B 272 11.59 41.79 11.11
CA LYS B 272 10.34 42.42 11.56
C LYS B 272 9.27 41.33 11.61
N PHE B 273 9.30 40.56 12.70
CA PHE B 273 8.55 39.31 12.76
C PHE B 273 7.06 39.53 12.57
N HIS B 274 6.49 40.55 13.22
CA HIS B 274 5.03 40.68 13.25
C HIS B 274 4.43 41.05 11.90
N LYS B 275 5.21 41.62 10.97
CA LYS B 275 4.73 41.92 9.63
C LYS B 275 5.57 41.27 8.55
N LEU B 276 6.33 40.24 8.90
CA LEU B 276 7.23 39.58 7.96
C LEU B 276 6.45 38.71 6.98
N VAL B 277 6.73 38.87 5.70
CA VAL B 277 6.13 38.02 4.68
C VAL B 277 7.02 36.83 4.34
N ASN B 278 8.29 37.08 4.02
CA ASN B 278 9.21 35.94 3.88
C ASN B 278 10.65 36.43 3.91
N VAL B 279 11.56 35.45 3.95
CA VAL B 279 12.99 35.69 3.83
C VAL B 279 13.54 34.77 2.75
N THR B 280 14.37 35.31 1.88
CA THR B 280 14.97 34.52 0.81
C THR B 280 16.49 34.71 0.79
N ILE B 281 17.18 33.66 0.39
CA ILE B 281 18.62 33.67 0.15
C ILE B 281 18.84 33.21 -1.28
N HIS B 282 19.51 34.05 -2.06
CA HIS B 282 19.76 33.79 -3.48
C HIS B 282 21.25 33.76 -3.74
N PHE B 283 21.74 32.69 -4.39
CA PHE B 283 23.11 32.70 -4.85
C PHE B 283 23.30 31.68 -5.96
N ARG B 284 24.38 31.84 -6.73
CA ARG B 284 24.66 30.96 -7.86
C ARG B 284 26.03 30.30 -7.69
N LEU B 285 26.13 29.05 -8.11
CA LEU B 285 27.38 28.29 -8.05
C LEU B 285 27.65 27.62 -9.38
N LYS B 286 28.92 27.59 -9.79
CA LYS B 286 29.33 26.98 -11.04
C LYS B 286 30.10 25.69 -10.76
N THR B 287 29.79 24.64 -11.52
CA THR B 287 30.46 23.36 -11.36
C THR B 287 30.52 22.65 -12.71
N ILE B 288 31.28 21.56 -12.77
CA ILE B 288 31.54 20.84 -14.01
C ILE B 288 31.08 19.40 -13.84
N ASN B 289 30.29 18.92 -14.80
CA ASN B 289 29.72 17.57 -14.76
C ASN B 289 30.74 16.58 -15.34
N LEU B 290 31.70 16.21 -14.48
CA LEU B 290 32.82 15.37 -14.91
C LEU B 290 32.38 13.95 -15.28
N GLN B 291 31.29 13.46 -14.71
CA GLN B 291 30.90 12.08 -14.92
C GLN B 291 30.66 11.77 -16.40
N SER B 292 30.40 12.79 -17.21
CA SER B 292 30.21 12.58 -18.65
C SER B 292 31.40 11.89 -19.30
N LEU B 293 32.59 12.00 -18.69
CA LEU B 293 33.76 11.30 -19.24
C LEU B 293 33.51 9.80 -19.37
N ILE B 294 32.72 9.22 -18.46
CA ILE B 294 32.46 7.79 -18.51
C ILE B 294 31.70 7.42 -19.78
N ASN B 295 30.98 8.36 -20.37
CA ASN B 295 30.22 8.13 -21.59
C ASN B 295 30.95 8.64 -22.82
N ASN B 296 32.25 8.92 -22.71
CA ASN B 296 33.04 9.47 -23.80
C ASN B 296 32.44 10.77 -24.34
N GLU B 297 31.98 11.62 -23.44
CA GLU B 297 31.45 12.92 -23.77
C GLU B 297 32.28 13.98 -23.06
N ILE B 298 32.32 15.18 -23.63
CA ILE B 298 33.01 16.31 -23.00
C ILE B 298 32.12 16.87 -21.90
N PRO B 299 32.61 17.03 -20.67
CA PRO B 299 31.79 17.59 -19.60
C PRO B 299 31.26 18.98 -19.94
N ASP B 300 30.03 19.24 -19.51
CA ASP B 300 29.41 20.55 -19.61
C ASP B 300 29.69 21.38 -18.36
N CYS B 301 29.48 22.68 -18.48
CA CYS B 301 29.60 23.62 -17.38
C CYS B 301 28.20 23.98 -16.88
N TYR B 302 27.91 23.66 -15.63
CA TYR B 302 26.61 23.93 -15.02
C TYR B 302 26.68 25.17 -14.14
N THR B 303 25.63 25.98 -14.19
CA THR B 303 25.39 27.03 -13.22
C THR B 303 24.10 26.70 -12.47
N PHE B 304 24.20 26.56 -11.16
CA PHE B 304 23.05 26.31 -10.30
C PHE B 304 22.64 27.62 -9.64
N SER B 305 21.39 28.01 -9.83
CA SER B 305 20.79 29.12 -9.11
C SER B 305 20.04 28.55 -7.92
N VAL B 306 20.48 28.91 -6.72
CA VAL B 306 19.99 28.34 -5.47
C VAL B 306 19.13 29.39 -4.78
N LEU B 307 17.91 28.98 -4.42
CA LEU B 307 16.96 29.82 -3.70
C LEU B 307 16.54 29.10 -2.42
N ILE B 308 16.78 29.73 -1.28
CA ILE B 308 16.34 29.21 0.02
C ILE B 308 15.25 30.13 0.53
N THR B 309 14.09 29.56 0.84
CA THR B 309 12.91 30.32 1.26
C THR B 309 12.51 29.94 2.67
N PHE B 310 12.39 30.95 3.52
CA PHE B 310 11.76 30.85 4.84
C PHE B 310 10.43 31.58 4.71
N ASP B 311 9.35 30.82 4.62
CA ASP B 311 8.05 31.35 4.20
C ASP B 311 7.15 31.61 5.40
N ASN B 312 6.73 32.85 5.58
CA ASN B 312 5.83 33.24 6.66
C ASN B 312 4.49 33.76 6.16
N LYS B 313 4.08 33.39 4.95
CA LYS B 313 2.86 33.96 4.38
C LYS B 313 1.61 33.58 5.17
N ALA B 314 1.63 32.46 5.90
CA ALA B 314 0.49 32.08 6.72
C ALA B 314 0.44 32.78 8.06
N HIS B 315 1.54 33.38 8.52
CA HIS B 315 1.58 34.09 9.79
C HIS B 315 1.05 33.21 10.94
N SER B 316 1.43 31.94 10.93
CA SER B 316 0.81 30.95 11.80
C SER B 316 1.70 30.50 12.94
N GLY B 317 2.87 31.09 13.12
CA GLY B 317 3.85 30.61 14.07
C GLY B 317 4.69 29.46 13.58
N ARG B 318 4.47 28.99 12.36
CA ARG B 318 5.27 27.94 11.75
C ARG B 318 5.78 28.45 10.40
N ILE B 319 7.08 28.45 10.22
CA ILE B 319 7.71 28.99 9.02
C ILE B 319 8.41 27.86 8.29
N PRO B 320 7.81 27.30 7.23
CA PRO B 320 8.48 26.27 6.47
C PRO B 320 9.70 26.79 5.72
N ILE B 321 10.68 25.91 5.58
CA ILE B 321 11.97 26.23 4.98
C ILE B 321 12.19 25.28 3.80
N SER B 322 12.52 25.84 2.64
CA SER B 322 12.74 25.03 1.45
C SER B 322 13.96 25.52 0.69
N LEU B 323 14.55 24.62 -0.08
CA LEU B 323 15.65 24.94 -0.99
C LEU B 323 15.29 24.42 -2.37
N GLU B 324 15.45 25.27 -3.38
CA GLU B 324 15.19 24.90 -4.76
C GLU B 324 16.36 25.36 -5.63
N THR B 325 16.57 24.65 -6.74
CA THR B 325 17.64 24.98 -7.68
C THR B 325 17.11 25.05 -9.10
N GLN B 326 17.72 25.92 -9.89
CA GLN B 326 17.56 25.96 -11.33
C GLN B 326 18.92 25.73 -11.97
N ALA B 327 18.99 24.80 -12.92
CA ALA B 327 20.26 24.45 -13.55
C ALA B 327 20.30 24.99 -14.96
N HIS B 328 21.39 25.69 -15.30
CA HIS B 328 21.62 26.18 -16.65
C HIS B 328 22.91 25.55 -17.18
N ILE B 329 22.83 24.90 -18.33
CA ILE B 329 23.94 24.18 -18.91
C ILE B 329 24.55 25.03 -20.02
N GLN B 330 25.87 25.15 -20.02
CA GLN B 330 26.59 25.87 -21.05
C GLN B 330 27.83 25.07 -21.43
N GLU B 331 28.33 25.35 -22.63
CA GLU B 331 29.59 24.77 -23.08
C GLU B 331 30.76 25.45 -22.39
N CYS B 332 31.74 24.66 -22.00
CA CYS B 332 32.93 25.20 -21.34
C CYS B 332 33.87 25.82 -22.38
N LYS B 333 34.80 26.64 -21.89
CA LYS B 333 35.69 27.42 -22.75
C LYS B 333 36.96 26.63 -23.05
N HIS B 334 37.07 26.13 -24.28
CA HIS B 334 38.22 25.42 -24.79
C HIS B 334 38.75 24.39 -23.77
N PRO B 335 37.96 23.36 -23.45
CA PRO B 335 38.45 22.32 -22.53
C PRO B 335 39.46 21.41 -23.21
N SER B 336 40.04 20.49 -22.45
CA SER B 336 40.95 19.49 -23.01
C SER B 336 40.73 18.16 -22.29
N VAL B 337 40.50 17.11 -23.06
CA VAL B 337 40.44 15.74 -22.56
C VAL B 337 41.44 14.92 -23.34
N PHE B 338 42.37 14.28 -22.63
CA PHE B 338 43.42 13.49 -23.25
C PHE B 338 42.84 12.36 -24.09
N PHE B 345 30.00 4.65 -34.01
CA PHE B 345 29.90 6.01 -33.50
C PHE B 345 28.47 6.52 -33.56
N ARG B 346 28.15 7.41 -32.62
CA ARG B 346 26.77 7.84 -32.47
C ARG B 346 26.29 8.70 -33.63
N LEU B 347 27.18 9.50 -34.23
CA LEU B 347 26.78 10.32 -35.36
C LEU B 347 26.33 9.44 -36.53
N LEU B 348 27.10 8.40 -36.83
CA LEU B 348 26.75 7.51 -37.93
C LEU B 348 25.46 6.74 -37.64
N PHE B 349 25.28 6.30 -36.39
CA PHE B 349 24.05 5.57 -36.05
C PHE B 349 22.83 6.49 -36.15
N ASP B 350 22.97 7.74 -35.72
CA ASP B 350 21.88 8.69 -35.90
C ASP B 350 21.59 8.91 -37.38
N VAL B 351 22.64 8.98 -38.21
CA VAL B 351 22.44 9.12 -39.65
C VAL B 351 21.68 7.91 -40.20
N VAL B 352 22.03 6.71 -39.73
CA VAL B 352 21.33 5.52 -40.18
C VAL B 352 19.86 5.57 -39.81
N VAL B 353 19.57 6.00 -38.58
CA VAL B 353 18.17 6.14 -38.16
C VAL B 353 17.46 7.13 -39.07
N ILE B 354 18.11 8.25 -39.38
CA ILE B 354 17.52 9.26 -40.26
C ILE B 354 17.18 8.65 -41.61
N LEU B 355 18.13 7.88 -42.17
CA LEU B 355 17.92 7.33 -43.51
C LEU B 355 16.82 6.28 -43.51
N THR B 356 16.78 5.41 -42.50
CA THR B 356 15.72 4.42 -42.42
C THR B 356 14.36 5.08 -42.32
N CYS B 357 14.23 6.08 -41.44
CA CYS B 357 12.96 6.76 -41.28
C CYS B 357 12.58 7.56 -42.53
N SER B 358 13.57 8.11 -43.24
CA SER B 358 13.28 8.86 -44.45
C SER B 358 12.77 7.95 -45.56
N LEU B 359 13.43 6.80 -45.74
CA LEU B 359 12.95 5.84 -46.74
C LEU B 359 11.56 5.34 -46.40
N SER B 360 11.31 5.05 -45.12
CA SER B 360 9.98 4.63 -44.70
C SER B 360 8.95 5.72 -44.99
N PHE B 361 9.30 6.97 -44.68
CA PHE B 361 8.39 8.08 -44.94
C PHE B 361 8.06 8.18 -46.42
N LEU B 362 9.08 8.04 -47.28
CA LEU B 362 8.85 8.15 -48.72
C LEU B 362 7.94 7.04 -49.23
N LEU B 363 8.21 5.80 -48.80
CA LEU B 363 7.38 4.69 -49.26
C LEU B 363 5.94 4.84 -48.77
N CYS B 364 5.76 5.25 -47.52
CA CYS B 364 4.40 5.43 -47.01
C CYS B 364 3.68 6.55 -47.74
N ALA B 365 4.39 7.64 -48.06
CA ALA B 365 3.78 8.73 -48.80
C ALA B 365 3.37 8.26 -50.19
N ARG B 366 4.20 7.45 -50.84
CA ARG B 366 3.86 6.89 -52.14
C ARG B 366 2.60 6.03 -52.04
N SER B 367 2.52 5.19 -51.01
CA SER B 367 1.33 4.37 -50.83
C SER B 367 0.09 5.23 -50.62
N LEU B 368 0.20 6.28 -49.82
CA LEU B 368 -0.95 7.15 -49.59
C LEU B 368 -1.36 7.86 -50.87
N LEU B 369 -0.39 8.27 -51.70
CA LEU B 369 -0.72 8.90 -52.96
C LEU B 369 -1.45 7.93 -53.88
N ARG B 370 -0.99 6.69 -53.97
CA ARG B 370 -1.68 5.72 -54.80
C ARG B 370 -3.09 5.46 -54.29
N GLY B 371 -3.25 5.39 -52.96
CA GLY B 371 -4.58 5.22 -52.40
C GLY B 371 -5.50 6.36 -52.76
N PHE B 372 -5.00 7.60 -52.70
CA PHE B 372 -5.80 8.75 -53.06
C PHE B 372 -6.20 8.70 -54.53
N LEU B 373 -5.26 8.33 -55.40
CA LEU B 373 -5.57 8.22 -56.82
C LEU B 373 -6.65 7.16 -57.07
N LEU B 374 -6.52 6.01 -56.41
CA LEU B 374 -7.51 4.96 -56.59
C LEU B 374 -8.87 5.39 -56.07
N GLN B 375 -8.90 6.13 -54.96
CA GLN B 375 -10.16 6.65 -54.46
C GLN B 375 -10.79 7.60 -55.47
N ASN B 376 -9.99 8.48 -56.06
CA ASN B 376 -10.53 9.39 -57.07
C ASN B 376 -11.09 8.62 -58.25
N GLU B 377 -10.37 7.59 -58.72
CA GLU B 377 -10.86 6.80 -59.85
C GLU B 377 -12.17 6.11 -59.51
N PHE B 378 -12.24 5.50 -58.32
CA PHE B 378 -13.46 4.79 -57.92
C PHE B 378 -14.64 5.74 -57.82
N VAL B 379 -14.44 6.92 -57.24
CA VAL B 379 -15.53 7.88 -57.13
C VAL B 379 -15.96 8.35 -58.51
N GLY B 380 -15.00 8.61 -59.39
CA GLY B 380 -15.35 9.06 -60.73
C GLY B 380 -16.14 8.01 -61.50
N PHE B 381 -15.75 6.74 -61.38
CA PHE B 381 -16.43 5.68 -62.11
C PHE B 381 -17.88 5.52 -61.67
N MET B 382 -18.24 6.00 -60.48
CA MET B 382 -19.63 5.99 -60.01
C MET B 382 -20.44 7.12 -60.68
N TRP B 383 -20.54 7.02 -62.00
CA TRP B 383 -21.35 7.95 -62.78
C TRP B 383 -21.14 9.40 -62.36
N SER B 391 -20.55 10.05 -50.82
CA SER B 391 -20.47 10.13 -49.36
C SER B 391 -19.02 10.16 -48.90
N LEU B 392 -18.71 11.09 -48.00
CA LEU B 392 -17.34 11.18 -47.47
C LEU B 392 -17.15 10.28 -46.27
N TRP B 393 -17.56 9.03 -46.42
CA TRP B 393 -17.30 7.96 -45.47
C TRP B 393 -16.78 6.71 -46.16
N GLU B 394 -17.29 6.40 -47.35
CA GLU B 394 -16.75 5.29 -48.13
C GLU B 394 -15.42 5.65 -48.76
N ARG B 395 -15.21 6.93 -49.06
CA ARG B 395 -13.93 7.36 -49.61
C ARG B 395 -12.80 7.13 -48.62
N LEU B 396 -13.07 7.39 -47.34
CA LEU B 396 -12.04 7.21 -46.32
C LEU B 396 -11.59 5.76 -46.19
N GLU B 397 -12.37 4.81 -46.72
CA GLU B 397 -11.91 3.42 -46.72
C GLU B 397 -10.68 3.22 -47.59
N PHE B 398 -10.34 4.20 -48.43
CA PHE B 398 -9.11 4.15 -49.21
C PHE B 398 -7.91 4.71 -48.46
N VAL B 399 -8.11 5.25 -47.27
CA VAL B 399 -7.04 5.87 -46.49
C VAL B 399 -6.54 4.85 -45.48
N ASN B 400 -5.24 4.60 -45.52
CA ASN B 400 -4.58 3.69 -44.58
C ASN B 400 -4.20 4.48 -43.33
N GLY B 401 -4.93 4.25 -42.24
CA GLY B 401 -4.59 4.92 -40.99
C GLY B 401 -3.24 4.50 -40.45
N TRP B 402 -2.86 3.24 -40.69
CA TRP B 402 -1.55 2.77 -40.25
C TRP B 402 -0.43 3.56 -40.92
N TYR B 403 -0.62 3.95 -42.18
CA TYR B 403 0.41 4.72 -42.87
C TYR B 403 0.45 6.16 -42.37
N ILE B 404 -0.69 6.71 -41.96
CA ILE B 404 -0.66 8.00 -41.28
C ILE B 404 0.15 7.90 -40.00
N LEU B 405 -0.08 6.83 -39.23
CA LEU B 405 0.67 6.63 -38.00
C LEU B 405 2.17 6.50 -38.30
N LEU B 406 2.53 5.74 -39.33
CA LEU B 406 3.94 5.56 -39.66
C LEU B 406 4.58 6.87 -40.08
N VAL B 407 3.86 7.69 -40.86
CA VAL B 407 4.40 8.98 -41.27
C VAL B 407 4.62 9.87 -40.06
N THR B 408 3.65 9.90 -39.15
CA THR B 408 3.81 10.71 -37.93
C THR B 408 5.00 10.23 -37.12
N SER B 409 5.16 8.92 -37.00
CA SER B 409 6.27 8.38 -36.21
C SER B 409 7.61 8.68 -36.88
N ASP B 410 7.66 8.64 -38.20
CA ASP B 410 8.89 9.03 -38.90
C ASP B 410 9.24 10.49 -38.64
N VAL B 411 8.24 11.37 -38.70
CA VAL B 411 8.48 12.78 -38.45
C VAL B 411 9.02 12.98 -37.02
N LEU B 412 8.37 12.35 -36.05
CA LEU B 412 8.82 12.48 -34.67
C LEU B 412 10.23 11.94 -34.48
N THR B 413 10.52 10.78 -35.08
CA THR B 413 11.84 10.18 -34.94
C THR B 413 12.91 11.09 -35.53
N ILE B 414 12.66 11.64 -36.71
CA ILE B 414 13.67 12.50 -37.33
C ILE B 414 13.88 13.77 -36.52
N SER B 415 12.79 14.37 -36.02
CA SER B 415 12.93 15.57 -35.19
C SER B 415 13.73 15.26 -33.93
N GLY B 416 13.42 14.15 -33.28
CA GLY B 416 14.16 13.78 -32.08
C GLY B 416 15.62 13.50 -32.36
N THR B 417 15.91 12.88 -33.51
CA THR B 417 17.30 12.58 -33.85
C THR B 417 18.08 13.85 -34.14
N ILE B 418 17.47 14.80 -34.85
CA ILE B 418 18.15 16.07 -35.09
C ILE B 418 18.39 16.79 -33.77
N MET B 419 17.40 16.79 -32.87
CA MET B 419 17.59 17.43 -31.58
C MET B 419 18.68 16.74 -30.77
N LYS B 420 18.74 15.41 -30.84
CA LYS B 420 19.79 14.66 -30.15
C LYS B 420 21.17 15.02 -30.68
N ILE B 421 21.29 15.14 -32.01
CA ILE B 421 22.57 15.54 -32.59
C ILE B 421 22.93 16.95 -32.12
N GLY B 422 21.96 17.85 -32.09
CA GLY B 422 22.22 19.20 -31.60
C GLY B 422 22.69 19.20 -30.16
N ILE B 423 22.08 18.37 -29.31
CA ILE B 423 22.49 18.30 -27.91
C ILE B 423 23.90 17.74 -27.81
N GLU B 424 24.21 16.68 -28.57
CA GLU B 424 25.55 16.12 -28.52
C GLU B 424 26.59 17.12 -28.99
N ALA B 425 26.25 17.94 -29.99
CA ALA B 425 27.15 18.99 -30.44
C ALA B 425 27.18 20.19 -29.49
N LYS B 426 26.33 20.20 -28.46
CA LYS B 426 26.25 21.26 -27.47
C LYS B 426 25.70 22.57 -28.03
N ASN B 427 24.88 22.49 -29.09
CA ASN B 427 24.09 23.63 -29.51
C ASN B 427 22.77 23.73 -28.75
N LEU B 428 22.29 22.63 -28.21
CA LEU B 428 21.04 22.59 -27.45
C LEU B 428 21.26 21.84 -26.14
N ALA B 429 20.36 22.06 -25.19
CA ALA B 429 20.41 21.36 -23.92
C ALA B 429 19.02 20.90 -23.47
N SER B 430 18.11 20.67 -24.41
CA SER B 430 16.72 20.35 -24.09
C SER B 430 16.54 18.83 -23.99
N TYR B 431 17.10 18.28 -22.92
CA TYR B 431 17.08 16.82 -22.73
C TYR B 431 15.66 16.30 -22.61
N ASP B 432 14.80 17.01 -21.88
CA ASP B 432 13.44 16.51 -21.63
C ASP B 432 12.63 16.41 -22.91
N VAL B 433 12.67 17.46 -23.75
CA VAL B 433 11.92 17.45 -25.00
C VAL B 433 12.42 16.34 -25.91
N CYS B 434 13.74 16.20 -26.03
CA CYS B 434 14.32 15.14 -26.85
C CYS B 434 13.89 13.77 -26.35
N SER B 435 13.94 13.55 -25.04
CA SER B 435 13.54 12.27 -24.49
C SER B 435 12.07 11.98 -24.81
N ILE B 436 11.20 12.98 -24.68
CA ILE B 436 9.79 12.75 -25.00
C ILE B 436 9.63 12.39 -26.47
N LEU B 437 10.28 13.13 -27.36
CA LEU B 437 10.17 12.83 -28.79
C LEU B 437 10.62 11.41 -29.09
N LEU B 438 11.81 11.03 -28.62
CA LEU B 438 12.34 9.72 -28.95
C LEU B 438 11.54 8.60 -28.31
N GLY B 439 11.08 8.78 -27.06
CA GLY B 439 10.27 7.75 -26.42
C GLY B 439 8.93 7.55 -27.10
N THR B 440 8.25 8.65 -27.44
CA THR B 440 6.98 8.53 -28.16
C THR B 440 7.19 7.85 -29.51
N SER B 441 8.24 8.23 -30.23
CA SER B 441 8.48 7.60 -31.52
C SER B 441 8.81 6.11 -31.37
N THR B 442 9.52 5.74 -30.31
CA THR B 442 9.81 4.33 -30.08
C THR B 442 8.52 3.54 -29.84
N LEU B 443 7.62 4.09 -29.01
CA LEU B 443 6.35 3.41 -28.76
C LEU B 443 5.56 3.27 -30.05
N LEU B 444 5.50 4.34 -30.85
CA LEU B 444 4.75 4.28 -32.11
C LEU B 444 5.36 3.28 -33.08
N VAL B 445 6.70 3.20 -33.13
CA VAL B 445 7.35 2.25 -34.02
C VAL B 445 7.02 0.82 -33.61
N TRP B 446 7.05 0.52 -32.31
CA TRP B 446 6.68 -0.81 -31.87
C TRP B 446 5.21 -1.10 -32.20
N VAL B 447 4.33 -0.12 -32.02
CA VAL B 447 2.91 -0.35 -32.25
C VAL B 447 2.62 -0.55 -33.74
N GLY B 448 3.34 0.17 -34.61
CA GLY B 448 3.01 0.18 -36.02
C GLY B 448 3.14 -1.16 -36.72
N VAL B 449 3.91 -2.09 -36.16
CA VAL B 449 4.05 -3.40 -36.77
C VAL B 449 2.78 -4.23 -36.69
N ILE B 450 1.78 -3.79 -35.93
CA ILE B 450 0.51 -4.49 -35.87
C ILE B 450 -0.25 -4.37 -37.19
N ARG B 451 0.11 -3.41 -38.03
CA ARG B 451 -0.57 -3.25 -39.31
C ARG B 451 -0.59 -4.55 -40.10
N TYR B 452 0.45 -5.35 -40.00
CA TYR B 452 0.57 -6.58 -40.76
C TYR B 452 -0.12 -7.77 -40.12
N LEU B 453 -0.57 -7.63 -38.88
CA LEU B 453 -1.42 -8.65 -38.26
C LEU B 453 -2.89 -8.44 -38.55
N THR B 454 -3.26 -7.30 -39.12
CA THR B 454 -4.67 -7.01 -39.40
C THR B 454 -5.23 -7.89 -40.52
N PHE B 455 -4.37 -8.51 -41.32
CA PHE B 455 -4.82 -9.33 -42.44
C PHE B 455 -5.29 -10.71 -42.01
N PHE B 456 -5.15 -11.06 -40.73
CA PHE B 456 -5.41 -12.41 -40.26
C PHE B 456 -6.35 -12.32 -39.06
N HIS B 457 -7.53 -12.91 -39.18
CA HIS B 457 -8.57 -12.70 -38.19
C HIS B 457 -8.13 -13.14 -36.80
N ASN B 458 -7.48 -14.30 -36.70
CA ASN B 458 -7.10 -14.81 -35.40
C ASN B 458 -6.17 -13.86 -34.65
N TYR B 459 -5.35 -13.11 -35.38
CA TYR B 459 -4.39 -12.20 -34.76
C TYR B 459 -4.91 -10.78 -34.61
N ASN B 460 -6.12 -10.49 -35.07
CA ASN B 460 -6.60 -9.11 -35.16
C ASN B 460 -7.77 -8.83 -34.22
N ILE B 461 -7.91 -9.59 -33.14
CA ILE B 461 -9.08 -9.44 -32.27
C ILE B 461 -9.12 -8.05 -31.65
N LEU B 462 -7.96 -7.58 -31.16
CA LEU B 462 -7.94 -6.30 -30.44
C LEU B 462 -8.39 -5.16 -31.34
N ILE B 463 -7.83 -5.06 -32.55
CA ILE B 463 -8.15 -3.94 -33.43
C ILE B 463 -9.60 -4.02 -33.91
N ALA B 464 -10.06 -5.21 -34.29
CA ALA B 464 -11.43 -5.35 -34.76
C ALA B 464 -12.43 -5.00 -33.66
N THR B 465 -12.17 -5.46 -32.43
CA THR B 465 -13.03 -5.10 -31.32
C THR B 465 -13.00 -3.61 -31.06
N LEU B 466 -11.82 -2.99 -31.11
CA LEU B 466 -11.73 -1.55 -30.90
C LEU B 466 -12.58 -0.81 -31.92
N ARG B 467 -12.45 -1.18 -33.19
CA ARG B 467 -13.20 -0.51 -34.25
C ARG B 467 -14.70 -0.64 -34.02
N VAL B 468 -15.15 -1.82 -33.62
CA VAL B 468 -16.59 -1.99 -33.39
C VAL B 468 -17.05 -1.22 -32.15
N ALA B 469 -16.22 -1.20 -31.10
CA ALA B 469 -16.66 -0.72 -29.80
C ALA B 469 -16.56 0.79 -29.65
N LEU B 470 -15.66 1.44 -30.37
CA LEU B 470 -15.34 2.84 -30.09
C LEU B 470 -16.57 3.76 -30.07
N PRO B 471 -17.47 3.71 -31.05
CA PRO B 471 -18.61 4.66 -31.01
C PRO B 471 -19.46 4.56 -29.75
N SER B 472 -19.88 3.34 -29.38
CA SER B 472 -20.70 3.19 -28.20
C SER B 472 -19.95 3.58 -26.94
N VAL B 473 -18.64 3.31 -26.89
CA VAL B 473 -17.84 3.70 -25.74
C VAL B 473 -17.79 5.21 -25.60
N MET B 474 -17.57 5.92 -26.70
CA MET B 474 -17.52 7.39 -26.62
C MET B 474 -18.89 7.96 -26.22
N ARG B 475 -19.97 7.41 -26.75
CA ARG B 475 -21.30 7.87 -26.34
C ARG B 475 -21.53 7.63 -24.85
N PHE B 476 -21.11 6.48 -24.34
CA PHE B 476 -21.20 6.20 -22.90
C PHE B 476 -20.37 7.19 -22.10
N CYS B 477 -19.17 7.50 -22.58
CA CYS B 477 -18.31 8.46 -21.89
C CYS B 477 -18.95 9.83 -21.81
N CYS B 478 -19.74 10.21 -22.83
CA CYS B 478 -20.43 11.49 -22.76
C CYS B 478 -21.21 11.62 -21.45
N CYS B 479 -22.01 10.61 -21.11
CA CYS B 479 -22.77 10.64 -19.88
C CYS B 479 -21.87 10.50 -18.66
N VAL B 480 -20.90 9.59 -18.70
CA VAL B 480 -20.11 9.32 -17.50
C VAL B 480 -19.25 10.52 -17.09
N ALA B 481 -18.75 11.28 -18.07
CA ALA B 481 -17.78 12.33 -17.79
C ALA B 481 -18.36 13.44 -16.93
N VAL B 482 -19.63 13.80 -17.13
CA VAL B 482 -20.21 14.87 -16.32
C VAL B 482 -20.30 14.46 -14.86
N ILE B 483 -20.69 13.21 -14.60
CA ILE B 483 -20.72 12.71 -13.21
C ILE B 483 -19.31 12.72 -12.63
N TYR B 484 -18.34 12.22 -13.40
CA TYR B 484 -16.97 12.16 -12.91
C TYR B 484 -16.45 13.56 -12.56
N LEU B 485 -16.72 14.54 -13.42
CA LEU B 485 -16.25 15.90 -13.18
C LEU B 485 -16.97 16.54 -11.99
N GLY B 486 -18.26 16.29 -11.84
CA GLY B 486 -18.96 16.79 -10.67
C GLY B 486 -18.32 16.28 -9.39
N TYR B 487 -18.02 14.98 -9.34
CA TYR B 487 -17.34 14.42 -8.18
C TYR B 487 -15.96 15.04 -8.01
N CYS B 488 -15.22 15.25 -9.11
CA CYS B 488 -13.89 15.83 -9.02
C CYS B 488 -13.94 17.21 -8.35
N PHE B 489 -14.80 18.09 -8.83
CA PHE B 489 -14.85 19.45 -8.30
C PHE B 489 -15.33 19.44 -6.85
N CYS B 490 -16.40 18.69 -6.55
CA CYS B 490 -16.89 18.63 -5.19
C CYS B 490 -15.81 18.14 -4.23
N GLY B 491 -15.14 17.04 -4.58
CA GLY B 491 -14.10 16.52 -3.71
C GLY B 491 -12.94 17.49 -3.55
N TRP B 492 -12.49 18.09 -4.65
CA TRP B 492 -11.37 19.02 -4.60
C TRP B 492 -11.65 20.16 -3.63
N ILE B 493 -12.83 20.75 -3.71
CA ILE B 493 -13.07 21.95 -2.90
C ILE B 493 -13.47 21.59 -1.47
N VAL B 494 -14.32 20.58 -1.28
CA VAL B 494 -14.80 20.26 0.05
C VAL B 494 -13.74 19.52 0.87
N LEU B 495 -13.12 18.49 0.28
CA LEU B 495 -12.22 17.64 1.03
C LEU B 495 -10.76 18.03 0.92
N GLY B 496 -10.39 18.84 -0.09
CA GLY B 496 -9.01 19.17 -0.31
C GLY B 496 -8.27 19.76 0.87
N PRO B 497 -8.87 20.68 1.62
CA PRO B 497 -8.19 21.22 2.80
C PRO B 497 -7.96 20.19 3.91
N TYR B 498 -8.70 19.09 3.93
CA TYR B 498 -8.60 18.10 4.99
C TYR B 498 -7.91 16.82 4.58
N HIS B 499 -7.78 16.55 3.29
CA HIS B 499 -7.37 15.23 2.79
C HIS B 499 -6.17 15.40 1.89
N VAL B 500 -5.07 14.71 2.22
CA VAL B 500 -3.82 14.87 1.48
C VAL B 500 -3.94 14.44 0.03
N LYS B 501 -4.91 13.58 -0.30
CA LYS B 501 -5.07 13.10 -1.66
C LYS B 501 -5.99 13.97 -2.51
N PHE B 502 -6.56 15.04 -1.95
CA PHE B 502 -7.48 15.90 -2.67
C PHE B 502 -6.96 17.33 -2.82
N ARG B 503 -5.64 17.53 -2.73
CA ARG B 503 -5.09 18.88 -2.65
C ARG B 503 -5.33 19.67 -3.93
N SER B 504 -5.19 19.04 -5.09
CA SER B 504 -5.33 19.72 -6.37
C SER B 504 -6.23 18.89 -7.28
N LEU B 505 -6.65 19.51 -8.38
CA LEU B 505 -7.58 18.85 -9.29
C LEU B 505 -6.94 17.63 -9.95
N SER B 506 -5.69 17.73 -10.39
CA SER B 506 -5.02 16.58 -10.98
C SER B 506 -4.86 15.46 -9.96
N MET B 507 -4.54 15.81 -8.72
CA MET B 507 -4.45 14.80 -7.66
C MET B 507 -5.81 14.18 -7.39
N VAL B 508 -6.88 14.96 -7.42
CA VAL B 508 -8.21 14.41 -7.19
C VAL B 508 -8.56 13.43 -8.29
N SER B 509 -8.27 13.78 -9.54
CA SER B 509 -8.52 12.85 -10.64
C SER B 509 -7.71 11.57 -10.45
N GLU B 510 -6.44 11.69 -10.05
CA GLU B 510 -5.64 10.50 -9.82
C GLU B 510 -6.26 9.63 -8.74
N CYS B 511 -6.70 10.24 -7.63
CA CYS B 511 -7.28 9.48 -6.54
C CYS B 511 -8.56 8.78 -6.97
N LEU B 512 -9.45 9.49 -7.65
CA LEU B 512 -10.73 8.88 -8.04
C LEU B 512 -10.53 7.79 -9.08
N PHE B 513 -9.66 8.02 -10.07
CA PHE B 513 -9.36 6.99 -11.06
C PHE B 513 -8.78 5.75 -10.40
N SER B 514 -7.87 5.93 -9.44
CA SER B 514 -7.33 4.77 -8.73
C SER B 514 -8.40 4.06 -7.92
N LEU B 515 -9.30 4.80 -7.28
CA LEU B 515 -10.38 4.19 -6.52
C LEU B 515 -11.26 3.33 -7.43
N ILE B 516 -11.56 3.82 -8.63
CA ILE B 516 -12.38 3.03 -9.55
C ILE B 516 -11.75 1.68 -9.81
N ASN B 517 -10.43 1.61 -9.81
CA ASN B 517 -9.72 0.35 -10.01
C ASN B 517 -9.44 -0.36 -8.70
N GLY B 518 -10.07 0.06 -7.61
CA GLY B 518 -9.94 -0.62 -6.34
C GLY B 518 -8.65 -0.38 -5.59
N ASP B 519 -7.92 0.68 -5.91
CA ASP B 519 -6.57 0.89 -5.39
C ASP B 519 -6.59 1.94 -4.28
N ASP B 520 -5.88 1.64 -3.19
CA ASP B 520 -5.60 2.61 -2.14
C ASP B 520 -6.88 3.11 -1.46
N MET B 521 -7.83 2.20 -1.26
CA MET B 521 -9.16 2.60 -0.84
C MET B 521 -9.24 2.79 0.68
N PHE B 522 -8.74 1.80 1.45
CA PHE B 522 -8.80 1.94 2.91
C PHE B 522 -7.99 3.13 3.38
N VAL B 523 -6.84 3.40 2.77
CA VAL B 523 -6.04 4.56 3.13
C VAL B 523 -6.81 5.84 2.87
N THR B 524 -7.55 5.90 1.76
CA THR B 524 -8.38 7.06 1.48
C THR B 524 -9.41 7.27 2.58
N PHE B 525 -10.04 6.19 3.03
CA PHE B 525 -10.97 6.31 4.16
C PHE B 525 -10.25 6.76 5.42
N ALA B 526 -9.08 6.19 5.70
CA ALA B 526 -8.41 6.41 6.98
C ALA B 526 -7.86 7.82 7.10
N ALA B 527 -7.53 8.47 5.98
CA ALA B 527 -7.04 9.84 6.07
C ALA B 527 -8.06 10.76 6.74
N MET B 528 -9.35 10.45 6.61
CA MET B 528 -10.40 11.28 7.21
C MET B 528 -10.71 10.90 8.66
N GLN B 529 -10.23 9.76 9.15
CA GLN B 529 -10.61 9.33 10.48
C GLN B 529 -10.15 10.31 11.56
N ALA B 530 -9.14 11.12 11.29
CA ALA B 530 -8.70 12.12 12.27
C ALA B 530 -9.73 13.23 12.46
N GLN B 531 -10.52 13.54 11.43
CA GLN B 531 -11.52 14.58 11.54
C GLN B 531 -12.80 14.11 12.21
N GLN B 532 -12.93 12.82 12.51
CA GLN B 532 -14.17 12.32 13.11
C GLN B 532 -14.44 12.99 14.45
N GLY B 533 -13.40 13.44 15.15
CA GLY B 533 -13.58 14.14 16.40
C GLY B 533 -13.48 15.65 16.24
N ARG B 534 -12.68 16.10 15.28
CA ARG B 534 -12.45 17.53 15.09
C ARG B 534 -13.58 18.17 14.28
N SER B 535 -13.79 17.71 13.06
CA SER B 535 -14.83 18.24 12.18
C SER B 535 -15.75 17.10 11.78
N SER B 536 -16.76 16.84 12.60
CA SER B 536 -17.58 15.65 12.45
C SER B 536 -18.47 15.73 11.21
N LEU B 537 -19.00 16.93 10.90
CA LEU B 537 -19.85 17.08 9.74
C LEU B 537 -19.08 16.80 8.45
N VAL B 538 -17.86 17.32 8.34
CA VAL B 538 -17.03 17.04 7.18
C VAL B 538 -16.72 15.55 7.09
N TRP B 539 -16.50 14.90 8.23
CA TRP B 539 -16.23 13.46 8.22
C TRP B 539 -17.43 12.67 7.69
N LEU B 540 -18.63 13.02 8.15
CA LEU B 540 -19.83 12.34 7.67
C LEU B 540 -20.02 12.56 6.18
N PHE B 541 -19.80 13.80 5.72
CA PHE B 541 -19.90 14.06 4.29
C PHE B 541 -18.90 13.24 3.51
N SER B 542 -17.67 13.12 4.02
CA SER B 542 -16.65 12.34 3.32
C SER B 542 -17.06 10.87 3.24
N GLN B 543 -17.66 10.35 4.31
CA GLN B 543 -18.20 8.99 4.26
C GLN B 543 -19.19 8.84 3.13
N LEU B 544 -20.18 9.72 3.07
CA LEU B 544 -21.20 9.62 2.02
C LEU B 544 -20.57 9.76 0.64
N TYR B 545 -19.67 10.72 0.47
CA TYR B 545 -19.03 10.97 -0.82
C TYR B 545 -18.28 9.74 -1.29
N LEU B 546 -17.43 9.17 -0.43
CA LEU B 546 -16.60 8.04 -0.84
C LEU B 546 -17.45 6.80 -1.11
N TYR B 547 -18.37 6.47 -0.21
CA TYR B 547 -19.19 5.28 -0.42
C TYR B 547 -20.00 5.39 -1.70
N SER B 548 -20.64 6.54 -1.92
CA SER B 548 -21.46 6.69 -3.12
C SER B 548 -20.61 6.64 -4.39
N PHE B 549 -19.46 7.32 -4.41
CA PHE B 549 -18.62 7.29 -5.60
C PHE B 549 -18.17 5.87 -5.91
N ILE B 550 -17.63 5.17 -4.91
CA ILE B 550 -17.08 3.84 -5.16
C ILE B 550 -18.18 2.91 -5.63
N SER B 551 -19.32 2.90 -4.93
CA SER B 551 -20.41 2.01 -5.33
C SER B 551 -20.85 2.29 -6.75
N LEU B 552 -21.16 3.56 -7.05
CA LEU B 552 -21.67 3.90 -8.37
C LEU B 552 -20.68 3.52 -9.45
N PHE B 553 -19.39 3.84 -9.27
CA PHE B 553 -18.49 3.70 -10.40
C PHE B 553 -17.97 2.28 -10.56
N ILE B 554 -17.63 1.59 -9.46
CA ILE B 554 -17.16 0.22 -9.61
C ILE B 554 -18.29 -0.69 -10.04
N TYR B 555 -19.45 -0.61 -9.39
CA TYR B 555 -20.44 -1.66 -9.62
C TYR B 555 -21.39 -1.36 -10.78
N MET B 556 -21.69 -0.10 -11.06
CA MET B 556 -22.58 0.24 -12.18
C MET B 556 -21.81 0.68 -13.42
N VAL B 557 -21.00 1.73 -13.31
CA VAL B 557 -20.39 2.33 -14.50
C VAL B 557 -19.39 1.36 -15.13
N LEU B 558 -18.44 0.87 -14.34
CA LEU B 558 -17.38 0.03 -14.91
C LEU B 558 -17.94 -1.27 -15.47
N SER B 559 -18.94 -1.86 -14.79
CA SER B 559 -19.56 -3.07 -15.30
C SER B 559 -20.16 -2.83 -16.68
N LEU B 560 -20.86 -1.72 -16.87
CA LEU B 560 -21.45 -1.40 -18.16
C LEU B 560 -20.38 -1.14 -19.23
N PHE B 561 -19.30 -0.45 -18.84
CA PHE B 561 -18.19 -0.22 -19.76
C PHE B 561 -17.63 -1.55 -20.29
N ILE B 562 -17.33 -2.47 -19.37
CA ILE B 562 -16.81 -3.76 -19.77
C ILE B 562 -17.84 -4.52 -20.59
N ALA B 563 -19.11 -4.40 -20.25
CA ALA B 563 -20.15 -5.09 -21.02
C ALA B 563 -20.18 -4.58 -22.46
N LEU B 564 -20.05 -3.26 -22.65
CA LEU B 564 -19.97 -2.73 -24.01
C LEU B 564 -18.80 -3.34 -24.76
N ILE B 565 -17.63 -3.41 -24.13
CA ILE B 565 -16.45 -3.91 -24.82
C ILE B 565 -16.61 -5.39 -25.18
N THR B 566 -17.09 -6.21 -24.23
CA THR B 566 -17.22 -7.63 -24.50
C THR B 566 -18.35 -7.91 -25.48
N GLY B 567 -19.41 -7.10 -25.50
CA GLY B 567 -20.43 -7.25 -26.52
C GLY B 567 -19.90 -6.94 -27.91
N ALA B 568 -19.12 -5.86 -28.03
CA ALA B 568 -18.46 -5.59 -29.30
C ALA B 568 -17.63 -6.79 -29.75
N TYR B 569 -16.86 -7.37 -28.82
CA TYR B 569 -16.09 -8.55 -29.17
C TYR B 569 -16.99 -9.70 -29.61
N ASP B 570 -18.14 -9.87 -28.94
CA ASP B 570 -19.07 -10.93 -29.32
C ASP B 570 -19.54 -10.75 -30.76
N THR B 571 -19.73 -9.50 -31.21
CA THR B 571 -20.23 -9.31 -32.57
C THR B 571 -19.19 -9.71 -33.62
N ILE B 572 -17.90 -9.60 -33.33
CA ILE B 572 -16.85 -9.93 -34.28
C ILE B 572 -16.22 -11.28 -33.99
N LYS B 573 -16.85 -12.09 -33.14
CA LYS B 573 -16.21 -13.32 -32.67
C LYS B 573 -15.93 -14.27 -33.83
N HIS B 574 -16.89 -14.46 -34.72
CA HIS B 574 -16.78 -15.43 -35.80
C HIS B 574 -16.40 -14.74 -37.11
N LEU C 89 -56.49 15.43 -26.76
CA LEU C 89 -55.77 15.04 -25.55
C LEU C 89 -54.55 14.20 -25.89
N ARG C 90 -54.70 13.29 -26.85
CA ARG C 90 -53.58 12.44 -27.25
C ARG C 90 -52.43 13.29 -27.78
N ARG C 91 -52.74 14.30 -28.59
CA ARG C 91 -51.68 15.15 -29.13
C ARG C 91 -50.95 15.89 -28.03
N ARG C 92 -51.68 16.42 -27.05
CA ARG C 92 -51.04 17.14 -25.96
C ARG C 92 -50.16 16.23 -25.13
N LEU C 93 -50.64 15.01 -24.83
CA LEU C 93 -49.83 14.07 -24.08
C LEU C 93 -48.58 13.69 -24.85
N LYS C 94 -48.71 13.45 -26.17
CA LYS C 94 -47.55 13.10 -26.96
C LYS C 94 -46.56 14.25 -27.00
N TYR C 95 -47.06 15.49 -27.00
CA TYR C 95 -46.18 16.65 -26.95
C TYR C 95 -45.47 16.76 -25.61
N PHE C 96 -46.14 16.36 -24.53
CA PHE C 96 -45.56 16.51 -23.20
C PHE C 96 -44.25 15.73 -23.07
N PHE C 97 -44.16 14.55 -23.69
CA PHE C 97 -42.99 13.70 -23.56
C PHE C 97 -41.98 13.87 -24.69
N MET C 98 -42.16 14.87 -25.56
CA MET C 98 -41.24 15.10 -26.65
C MET C 98 -39.93 15.72 -26.14
N SER C 99 -38.88 15.54 -26.93
CA SER C 99 -37.56 16.04 -26.59
C SER C 99 -37.45 17.52 -26.95
N PRO C 100 -36.44 18.21 -26.43
CA PRO C 100 -36.33 19.65 -26.73
C PRO C 100 -36.27 19.95 -28.22
N CYS C 101 -35.55 19.15 -28.99
CA CYS C 101 -35.55 19.34 -30.44
C CYS C 101 -36.93 19.09 -31.02
N ASP C 102 -37.61 18.04 -30.57
CA ASP C 102 -38.95 17.75 -31.07
C ASP C 102 -39.93 18.85 -30.66
N LYS C 103 -39.84 19.34 -29.43
CA LYS C 103 -40.73 20.41 -29.00
C LYS C 103 -40.47 21.67 -29.82
N PHE C 104 -39.21 21.94 -30.14
CA PHE C 104 -38.91 23.06 -31.04
C PHE C 104 -39.57 22.85 -32.39
N ARG C 105 -39.42 21.65 -32.97
CA ARG C 105 -40.02 21.40 -34.27
C ARG C 105 -41.53 21.55 -34.24
N ALA C 106 -42.15 21.20 -33.11
CA ALA C 106 -43.61 21.30 -33.02
C ALA C 106 -44.07 22.74 -32.85
N LYS C 107 -43.62 23.41 -31.78
CA LYS C 107 -44.11 24.74 -31.45
C LYS C 107 -43.02 25.80 -31.49
N GLY C 108 -41.84 25.49 -32.02
CA GLY C 108 -40.77 26.47 -32.04
C GLY C 108 -40.31 26.91 -30.67
N ARG C 109 -40.59 26.14 -29.64
CA ARG C 109 -40.26 26.53 -28.28
C ARG C 109 -38.75 26.59 -28.10
N LYS C 110 -38.28 27.67 -27.47
CA LYS C 110 -36.86 27.84 -27.23
C LYS C 110 -36.41 26.95 -26.07
N PRO C 111 -35.22 26.35 -26.16
CA PRO C 111 -34.74 25.51 -25.04
C PRO C 111 -34.09 26.33 -23.94
N CYS C 112 -34.93 27.11 -23.26
CA CYS C 112 -34.42 28.00 -22.21
C CYS C 112 -33.82 27.21 -21.05
N LYS C 113 -34.46 26.10 -20.67
CA LYS C 113 -33.98 25.32 -19.53
C LYS C 113 -32.58 24.75 -19.80
N LEU C 114 -32.33 24.28 -21.02
CA LEU C 114 -31.02 23.70 -21.33
C LEU C 114 -29.92 24.74 -21.24
N MET C 115 -30.15 25.92 -21.82
CA MET C 115 -29.17 26.99 -21.73
C MET C 115 -28.95 27.41 -20.29
N LEU C 116 -30.03 27.50 -19.52
CA LEU C 116 -29.89 27.81 -18.10
C LEU C 116 -29.04 26.77 -17.40
N GLN C 117 -29.23 25.50 -17.73
CA GLN C 117 -28.45 24.44 -17.09
C GLN C 117 -26.96 24.58 -17.39
N VAL C 118 -26.62 24.88 -18.65
CA VAL C 118 -25.20 25.05 -18.99
C VAL C 118 -24.61 26.25 -18.26
N VAL C 119 -25.32 27.38 -18.27
CA VAL C 119 -24.85 28.56 -17.58
C VAL C 119 -24.69 28.27 -16.09
N LYS C 120 -25.63 27.50 -15.53
CA LYS C 120 -25.58 27.15 -14.11
C LYS C 120 -24.34 26.33 -13.82
N ILE C 121 -24.03 25.34 -14.65
CA ILE C 121 -22.82 24.56 -14.42
C ILE C 121 -21.63 25.49 -14.34
N LEU C 122 -21.49 26.38 -15.32
CA LEU C 122 -20.34 27.28 -15.33
C LEU C 122 -20.28 28.13 -14.06
N VAL C 123 -21.35 28.84 -13.74
CA VAL C 123 -21.29 29.82 -12.67
C VAL C 123 -21.19 29.14 -11.31
N VAL C 124 -21.91 28.02 -11.11
CA VAL C 124 -21.85 27.32 -9.83
C VAL C 124 -20.45 26.75 -9.60
N THR C 125 -19.82 26.18 -10.63
CA THR C 125 -18.46 25.67 -10.45
C THR C 125 -17.50 26.81 -10.12
N VAL C 126 -17.61 27.94 -10.83
CA VAL C 126 -16.72 29.07 -10.55
C VAL C 126 -16.93 29.56 -9.12
N GLN C 127 -18.19 29.67 -8.69
CA GLN C 127 -18.47 30.12 -7.33
C GLN C 127 -17.86 29.17 -6.31
N LEU C 128 -17.96 27.86 -6.55
CA LEU C 128 -17.38 26.90 -5.62
C LEU C 128 -15.88 27.09 -5.49
N ILE C 129 -15.19 27.29 -6.61
CA ILE C 129 -13.74 27.49 -6.55
C ILE C 129 -13.40 28.78 -5.79
N LEU C 130 -14.13 29.86 -6.09
CA LEU C 130 -13.88 31.12 -5.41
C LEU C 130 -14.08 30.99 -3.91
N PHE C 131 -15.13 30.27 -3.49
CA PHE C 131 -15.32 30.01 -2.07
C PHE C 131 -14.19 29.17 -1.50
N GLY C 132 -13.72 28.19 -2.27
CA GLY C 132 -12.64 27.34 -1.82
C GLY C 132 -11.42 28.13 -1.41
N LEU C 133 -11.16 29.26 -2.08
CA LEU C 133 -10.04 30.09 -1.66
C LEU C 133 -10.15 30.49 -0.18
N SER C 134 -11.29 31.07 0.22
CA SER C 134 -11.45 31.50 1.61
C SER C 134 -11.48 30.32 2.57
N ASN C 135 -12.15 29.24 2.16
CA ASN C 135 -12.24 28.05 3.00
C ASN C 135 -10.84 27.51 3.31
N GLN C 136 -10.00 27.42 2.28
CA GLN C 136 -8.64 26.96 2.46
C GLN C 136 -7.86 27.88 3.39
N LEU C 137 -8.03 29.19 3.24
CA LEU C 137 -7.32 30.11 4.14
C LEU C 137 -7.67 29.82 5.60
N ALA C 138 -8.96 29.66 5.90
CA ALA C 138 -9.35 29.41 7.29
C ALA C 138 -8.79 28.09 7.81
N VAL C 139 -8.96 27.01 7.03
CA VAL C 139 -8.52 25.71 7.50
C VAL C 139 -7.01 25.71 7.71
N THR C 140 -6.26 26.30 6.78
CA THR C 140 -4.81 26.36 6.91
C THR C 140 -4.40 27.13 8.17
N PHE C 141 -5.04 28.27 8.44
CA PHE C 141 -4.68 29.02 9.64
C PHE C 141 -4.84 28.15 10.88
N ARG C 142 -5.99 27.49 11.02
CA ARG C 142 -6.22 26.66 12.21
C ARG C 142 -5.16 25.56 12.32
N GLU C 143 -4.95 24.81 11.23
CA GLU C 143 -4.05 23.65 11.28
C GLU C 143 -2.61 24.06 11.57
N GLU C 144 -2.13 25.10 10.88
CA GLU C 144 -0.74 25.52 11.07
C GLU C 144 -0.51 26.02 12.48
N ASN C 145 -1.46 26.79 13.03
CA ASN C 145 -1.30 27.24 14.40
C ASN C 145 -1.25 26.06 15.36
N THR C 146 -2.08 25.04 15.13
CA THR C 146 -2.07 23.87 16.01
C THR C 146 -0.73 23.14 15.96
N ILE C 147 -0.17 22.97 14.76
CA ILE C 147 1.14 22.32 14.65
C ILE C 147 2.21 23.14 15.38
N ALA C 148 2.17 24.47 15.21
CA ALA C 148 3.12 25.31 15.92
C ALA C 148 2.96 25.17 17.43
N PHE C 149 1.73 25.08 17.92
CA PHE C 149 1.52 24.88 19.36
C PHE C 149 2.14 23.57 19.82
N ARG C 150 1.96 22.50 19.04
CA ARG C 150 2.56 21.23 19.42
C ARG C 150 4.07 21.35 19.53
N HIS C 151 4.70 22.01 18.57
CA HIS C 151 6.15 22.16 18.63
C HIS C 151 6.58 23.08 19.78
N LEU C 152 5.78 24.09 20.11
CA LEU C 152 6.17 25.04 21.14
C LEU C 152 5.99 24.48 22.55
N PHE C 153 4.94 23.71 22.80
CA PHE C 153 4.52 23.40 24.16
C PHE C 153 4.79 21.97 24.59
N LEU C 154 5.03 21.04 23.66
CA LEU C 154 5.25 19.64 24.00
C LEU C 154 6.75 19.34 23.95
N LEU C 155 7.32 19.01 25.10
CA LEU C 155 8.76 18.80 25.19
C LEU C 155 9.18 17.59 24.36
N GLY C 156 10.14 17.80 23.47
CA GLY C 156 10.64 16.73 22.64
C GLY C 156 9.68 16.21 21.60
N TYR C 157 8.70 17.01 21.21
CA TYR C 157 7.76 16.59 20.18
C TYR C 157 8.39 16.66 18.80
N SER C 158 8.01 15.73 17.94
CA SER C 158 8.41 15.75 16.53
C SER C 158 7.22 15.30 15.68
N ASP C 159 7.25 15.69 14.42
CA ASP C 159 6.15 15.41 13.52
C ASP C 159 5.96 13.89 13.34
N GLY C 160 4.70 13.47 13.28
CA GLY C 160 4.36 12.08 13.11
C GLY C 160 4.29 11.27 14.38
N ALA C 161 4.63 11.85 15.53
CA ALA C 161 4.71 11.12 16.79
C ALA C 161 3.44 11.24 17.63
N ASP C 162 2.37 11.84 17.08
CA ASP C 162 1.20 12.14 17.89
C ASP C 162 0.62 10.90 18.53
N ASP C 163 0.57 9.79 17.78
CA ASP C 163 -0.11 8.60 18.27
C ASP C 163 0.65 7.90 19.38
N THR C 164 1.98 8.05 19.42
CA THR C 164 2.79 7.35 20.43
C THR C 164 3.39 8.27 21.49
N PHE C 165 3.25 9.58 21.34
CA PHE C 165 3.85 10.52 22.28
C PHE C 165 3.34 10.26 23.70
N ALA C 166 4.26 9.97 24.62
CA ALA C 166 3.88 9.58 25.98
C ALA C 166 5.05 9.79 26.92
N ALA C 167 4.73 9.87 28.21
CA ALA C 167 5.73 9.88 29.27
C ALA C 167 5.75 8.52 29.96
N TYR C 168 6.90 8.19 30.54
CA TYR C 168 7.10 6.88 31.16
C TYR C 168 7.75 6.93 32.54
N THR C 169 8.24 8.08 32.97
CA THR C 169 8.80 8.23 34.31
C THR C 169 8.22 9.49 34.94
N ARG C 170 8.29 9.55 36.27
CA ARG C 170 7.83 10.73 36.98
C ARG C 170 8.61 11.97 36.55
N GLU C 171 9.91 11.80 36.35
CA GLU C 171 10.75 12.93 35.95
C GLU C 171 10.35 13.44 34.58
N GLN C 172 10.08 12.53 33.64
CA GLN C 172 9.61 12.94 32.32
C GLN C 172 8.31 13.72 32.41
N LEU C 173 7.36 13.24 33.22
CA LEU C 173 6.07 13.91 33.32
C LEU C 173 6.22 15.31 33.89
N TYR C 174 6.98 15.44 34.99
CA TYR C 174 7.18 16.76 35.57
C TYR C 174 7.85 17.69 34.59
N GLN C 175 8.87 17.20 33.87
CA GLN C 175 9.56 18.05 32.92
C GLN C 175 8.64 18.50 31.80
N ALA C 176 7.78 17.62 31.30
CA ALA C 176 6.84 18.00 30.26
C ALA C 176 5.87 19.08 30.75
N ILE C 177 5.31 18.89 31.94
CA ILE C 177 4.35 19.86 32.49
C ILE C 177 5.01 21.23 32.64
N PHE C 178 6.19 21.24 33.28
CA PHE C 178 6.86 22.51 33.52
C PHE C 178 7.33 23.16 32.23
N HIS C 179 7.73 22.37 31.24
CA HIS C 179 8.10 22.94 29.95
C HIS C 179 6.91 23.63 29.29
N ALA C 180 5.73 22.99 29.33
CA ALA C 180 4.55 23.63 28.76
C ALA C 180 4.28 24.97 29.42
N VAL C 181 4.30 25.00 30.76
CA VAL C 181 3.99 26.26 31.44
C VAL C 181 5.07 27.32 31.18
N ASP C 182 6.34 26.93 31.21
CA ASP C 182 7.42 27.88 30.96
C ASP C 182 7.32 28.46 29.56
N GLN C 183 7.02 27.63 28.57
CA GLN C 183 6.86 28.13 27.21
C GLN C 183 5.67 29.06 27.09
N TYR C 184 4.58 28.76 27.81
CA TYR C 184 3.46 29.69 27.83
C TYR C 184 3.89 31.06 28.35
N LEU C 185 4.70 31.07 29.41
CA LEU C 185 5.14 32.34 29.97
C LEU C 185 6.18 33.04 29.09
N ALA C 186 6.94 32.29 28.29
CA ALA C 186 7.96 32.87 27.43
C ALA C 186 7.47 33.19 26.02
N LEU C 187 6.20 32.87 25.71
CA LEU C 187 5.70 32.99 24.33
C LEU C 187 6.02 34.32 23.65
N PRO C 188 5.85 35.48 24.29
CA PRO C 188 6.11 36.75 23.56
C PRO C 188 7.54 36.89 23.08
N ASP C 189 8.51 36.26 23.74
CA ASP C 189 9.90 36.41 23.36
C ASP C 189 10.39 35.38 22.34
N VAL C 190 9.76 34.21 22.25
CA VAL C 190 10.30 33.12 21.48
C VAL C 190 9.49 32.80 20.23
N SER C 191 8.18 33.04 20.23
CA SER C 191 7.33 32.57 19.16
C SER C 191 7.47 33.42 17.91
N LEU C 192 7.36 32.76 16.75
CA LEU C 192 7.32 33.46 15.47
C LEU C 192 5.96 34.07 15.19
N GLY C 193 4.91 33.61 15.87
CA GLY C 193 3.60 34.24 15.78
C GLY C 193 3.44 35.35 16.79
N ARG C 194 2.41 36.17 16.58
CA ARG C 194 2.06 37.23 17.51
C ARG C 194 0.75 36.83 18.20
N TYR C 195 0.83 36.58 19.49
CA TYR C 195 -0.29 36.09 20.26
C TYR C 195 -0.59 37.04 21.41
N ALA C 196 -1.85 37.12 21.78
CA ALA C 196 -2.29 37.87 22.95
C ALA C 196 -2.91 36.92 23.96
N TYR C 197 -2.67 37.19 25.23
CA TYR C 197 -3.21 36.36 26.31
C TYR C 197 -4.68 36.71 26.58
N VAL C 198 -5.40 35.73 27.11
CA VAL C 198 -6.78 35.89 27.56
C VAL C 198 -6.87 35.51 29.03
N ARG C 199 -7.51 36.35 29.83
CA ARG C 199 -7.63 36.13 31.27
C ARG C 199 -9.09 35.98 31.69
N GLY C 200 -9.29 35.22 32.77
CA GLY C 200 -10.62 35.13 33.37
C GLY C 200 -11.61 34.42 32.47
N GLY C 201 -12.84 34.92 32.45
CA GLY C 201 -13.84 34.40 31.55
C GLY C 201 -14.45 33.08 31.95
N GLY C 202 -14.45 32.74 33.23
CA GLY C 202 -15.13 31.55 33.71
C GLY C 202 -14.19 30.37 33.85
N ASP C 203 -14.79 29.25 34.23
CA ASP C 203 -14.02 28.05 34.54
C ASP C 203 -13.32 27.51 33.30
N PRO C 204 -12.14 26.91 33.47
CA PRO C 204 -11.44 26.63 34.72
C PRO C 204 -10.58 27.79 35.22
N TRP C 205 -10.67 28.97 34.60
CA TRP C 205 -9.82 30.09 34.97
C TRP C 205 -10.52 30.95 36.01
N THR C 206 -9.77 31.37 37.03
CA THR C 206 -10.21 32.44 37.89
C THR C 206 -9.97 33.78 37.18
N ASN C 207 -10.56 34.84 37.74
CA ASN C 207 -10.37 36.15 37.16
C ASN C 207 -8.90 36.56 37.23
N GLY C 208 -8.39 37.08 36.13
CA GLY C 208 -7.00 37.46 36.04
C GLY C 208 -6.05 36.34 35.69
N SER C 209 -6.52 35.11 35.61
CA SER C 209 -5.67 33.96 35.35
C SER C 209 -5.70 33.61 33.87
N GLY C 210 -4.52 33.31 33.31
CA GLY C 210 -4.41 32.96 31.92
C GLY C 210 -4.28 31.47 31.67
N LEU C 211 -3.65 30.75 32.59
CA LEU C 211 -3.42 29.33 32.40
C LEU C 211 -3.90 28.57 33.64
N ALA C 212 -4.59 27.46 33.41
CA ALA C 212 -5.06 26.60 34.50
C ALA C 212 -4.36 25.25 34.38
N LEU C 213 -3.68 24.85 35.45
CA LEU C 213 -2.99 23.56 35.53
C LEU C 213 -3.71 22.72 36.57
N CYS C 214 -4.43 21.70 36.11
CA CYS C 214 -5.34 20.96 36.98
C CYS C 214 -4.93 19.49 37.03
N GLN C 215 -4.96 18.91 38.22
CA GLN C 215 -4.77 17.48 38.39
C GLN C 215 -6.03 16.88 39.00
N ARG C 216 -6.46 15.74 38.45
CA ARG C 216 -7.67 15.06 38.85
C ARG C 216 -7.32 13.66 39.34
N TYR C 217 -7.78 13.34 40.54
CA TYR C 217 -7.43 12.09 41.23
C TYR C 217 -8.60 11.60 42.06
N TYR C 218 -8.52 10.35 42.50
CA TYR C 218 -9.58 9.75 43.29
C TYR C 218 -9.66 10.38 44.67
N HIS C 219 -10.88 10.50 45.20
CA HIS C 219 -11.08 11.11 46.51
C HIS C 219 -10.35 10.32 47.60
N ARG C 220 -10.47 9.00 47.59
CA ARG C 220 -9.70 8.12 48.45
C ARG C 220 -9.07 7.04 47.60
N GLY C 221 -7.78 6.82 47.77
CA GLY C 221 -7.01 6.03 46.83
C GLY C 221 -5.99 5.05 47.36
N HIS C 222 -6.27 4.31 48.43
CA HIS C 222 -5.27 3.39 48.96
C HIS C 222 -5.10 2.20 48.03
N VAL C 223 -3.89 2.00 47.52
CA VAL C 223 -3.59 0.94 46.55
C VAL C 223 -2.38 0.17 47.03
N ASP C 224 -2.54 -1.11 47.33
CA ASP C 224 -1.50 -1.94 47.91
C ASP C 224 -1.41 -3.24 47.15
N PRO C 225 -0.77 -3.25 45.97
CA PRO C 225 -0.62 -4.51 45.24
C PRO C 225 0.23 -5.54 45.95
N ALA C 226 1.11 -5.12 46.88
CA ALA C 226 1.92 -6.09 47.61
C ALA C 226 1.05 -7.02 48.43
N ASN C 227 -0.01 -6.48 49.04
CA ASN C 227 -0.98 -7.28 49.80
C ASN C 227 -2.22 -7.60 48.99
N ASP C 228 -2.23 -7.30 47.69
CA ASP C 228 -3.36 -7.61 46.82
C ASP C 228 -4.65 -6.95 47.33
N THR C 229 -4.56 -5.66 47.68
CA THR C 229 -5.71 -5.01 48.28
C THR C 229 -5.77 -3.54 47.87
N PHE C 230 -6.97 -2.97 48.03
CA PHE C 230 -7.15 -1.54 47.77
C PHE C 230 -8.42 -1.07 48.46
N ASP C 231 -8.49 0.24 48.65
CA ASP C 231 -9.64 0.91 49.24
C ASP C 231 -9.82 2.23 48.49
N ILE C 232 -10.85 2.29 47.66
CA ILE C 232 -11.02 3.35 46.69
C ILE C 232 -12.39 3.99 46.85
N ASP C 233 -12.42 5.31 46.89
CA ASP C 233 -13.63 6.09 46.63
C ASP C 233 -13.44 6.75 45.27
N PRO C 234 -14.08 6.25 44.21
CA PRO C 234 -13.76 6.73 42.86
C PRO C 234 -14.30 8.11 42.51
N MET C 235 -14.83 8.86 43.46
CA MET C 235 -15.23 10.24 43.17
C MET C 235 -14.00 11.06 42.79
N VAL C 236 -14.10 11.79 41.69
CA VAL C 236 -12.95 12.52 41.14
C VAL C 236 -12.86 13.88 41.80
N VAL C 237 -11.69 14.20 42.33
CA VAL C 237 -11.38 15.49 42.92
C VAL C 237 -10.43 16.22 41.99
N THR C 238 -10.74 17.48 41.71
CA THR C 238 -9.95 18.34 40.84
C THR C 238 -9.24 19.39 41.68
N ASP C 239 -7.94 19.54 41.48
CA ASP C 239 -7.15 20.58 42.13
C ASP C 239 -6.44 21.38 41.06
N CYS C 240 -6.67 22.69 41.04
CA CYS C 240 -6.18 23.55 39.97
C CYS C 240 -5.27 24.64 40.51
N ILE C 241 -4.20 24.90 39.79
CA ILE C 241 -3.29 26.00 40.04
C ILE C 241 -3.46 27.02 38.92
N GLN C 242 -3.58 28.29 39.29
CA GLN C 242 -3.79 29.37 38.33
C GLN C 242 -2.49 30.10 38.10
N VAL C 243 -2.18 30.37 36.83
CA VAL C 243 -0.99 31.10 36.43
C VAL C 243 -1.44 32.33 35.66
N ASP C 244 -1.04 33.51 36.13
CA ASP C 244 -1.28 34.73 35.38
C ASP C 244 -0.27 34.87 34.25
N PRO C 245 -0.64 35.50 33.15
CA PRO C 245 0.33 35.79 32.10
C PRO C 245 1.36 36.79 32.58
N PRO C 246 2.56 36.81 31.98
CA PRO C 246 3.62 37.71 32.42
C PRO C 246 3.28 39.20 32.25
N SER C 265 5.05 29.24 41.62
CA SER C 265 4.02 28.59 42.43
C SER C 265 3.58 27.28 41.78
N TYR C 266 3.40 27.31 40.45
CA TYR C 266 3.12 26.07 39.74
C TYR C 266 4.29 25.10 39.81
N LYS C 267 5.48 25.59 40.15
CA LYS C 267 6.65 24.72 40.28
C LYS C 267 6.59 23.83 41.51
N ASN C 268 5.69 24.11 42.45
CA ASN C 268 5.52 23.29 43.65
C ASN C 268 4.50 22.19 43.45
N LEU C 269 3.98 22.01 42.23
CA LEU C 269 3.02 20.95 41.96
C LEU C 269 3.53 19.60 42.46
N THR C 270 2.67 18.89 43.19
CA THR C 270 2.98 17.57 43.70
C THR C 270 1.90 16.61 43.21
N LEU C 271 2.28 15.71 42.31
CA LEU C 271 1.31 14.81 41.71
C LEU C 271 1.07 13.60 42.62
N LYS C 272 -0.21 13.24 42.76
CA LYS C 272 -0.60 12.05 43.52
C LYS C 272 -0.64 10.87 42.55
N PHE C 273 0.55 10.32 42.27
CA PHE C 273 0.71 9.41 41.15
C PHE C 273 -0.19 8.18 41.27
N HIS C 274 -0.25 7.58 42.47
CA HIS C 274 -0.91 6.28 42.61
C HIS C 274 -2.42 6.35 42.43
N LYS C 275 -3.05 7.53 42.59
CA LYS C 275 -4.47 7.68 42.35
C LYS C 275 -4.78 8.76 41.33
N LEU C 276 -3.79 9.12 40.51
CA LEU C 276 -3.95 10.19 39.54
C LEU C 276 -4.80 9.74 38.36
N VAL C 277 -5.80 10.53 38.01
CA VAL C 277 -6.62 10.25 36.83
C VAL C 277 -6.09 10.98 35.60
N ASN C 278 -5.89 12.30 35.69
CA ASN C 278 -5.22 12.98 34.59
C ASN C 278 -4.72 14.35 35.03
N VAL C 279 -3.95 14.98 34.14
CA VAL C 279 -3.50 16.36 34.32
C VAL C 279 -3.84 17.12 33.05
N THR C 280 -4.40 18.31 33.19
CA THR C 280 -4.74 19.14 32.05
C THR C 280 -4.16 20.55 32.21
N ILE C 281 -3.82 21.14 31.08
CA ILE C 281 -3.40 22.53 31.00
C ILE C 281 -4.32 23.23 30.02
N HIS C 282 -4.97 24.30 30.49
CA HIS C 282 -5.95 25.04 29.69
C HIS C 282 -5.49 26.49 29.55
N PHE C 283 -5.45 26.99 28.33
CA PHE C 283 -5.23 28.43 28.14
C PHE C 283 -5.73 28.86 26.77
N ARG C 284 -5.94 30.16 26.61
CA ARG C 284 -6.45 30.71 25.36
C ARG C 284 -5.48 31.77 24.81
N LEU C 285 -5.34 31.80 23.49
CA LEU C 285 -4.48 32.76 22.81
C LEU C 285 -5.23 33.43 21.67
N LYS C 286 -5.01 34.73 21.49
CA LYS C 286 -5.66 35.50 20.43
C LYS C 286 -4.65 35.85 19.35
N THR C 287 -5.05 35.70 18.10
CA THR C 287 -4.18 36.01 16.97
C THR C 287 -5.03 36.48 15.80
N ILE C 288 -4.36 36.99 14.76
CA ILE C 288 -5.02 37.60 13.61
C ILE C 288 -4.60 36.87 12.35
N ASN C 289 -5.57 36.46 11.54
CA ASN C 289 -5.34 35.71 10.30
C ASN C 289 -5.01 36.69 9.18
N LEU C 290 -3.76 37.14 9.16
CA LEU C 290 -3.34 38.18 8.21
C LEU C 290 -3.33 37.68 6.77
N GLN C 291 -3.15 36.39 6.55
CA GLN C 291 -3.03 35.89 5.18
C GLN C 291 -4.25 36.21 4.34
N SER C 292 -5.41 36.47 4.95
CA SER C 292 -6.61 36.83 4.20
C SER C 292 -6.37 38.05 3.31
N LEU C 293 -5.40 38.89 3.64
CA LEU C 293 -5.10 40.04 2.78
C LEU C 293 -4.80 39.62 1.36
N ILE C 294 -4.18 38.44 1.17
CA ILE C 294 -3.84 37.99 -0.17
C ILE C 294 -5.09 37.73 -1.00
N ASN C 295 -6.23 37.48 -0.35
CA ASN C 295 -7.49 37.25 -1.03
C ASN C 295 -8.37 38.50 -1.05
N ASN C 296 -7.80 39.66 -0.74
CA ASN C 296 -8.55 40.92 -0.67
C ASN C 296 -9.71 40.82 0.31
N GLU C 297 -9.45 40.18 1.45
CA GLU C 297 -10.42 40.08 2.53
C GLU C 297 -9.84 40.72 3.78
N ILE C 298 -10.71 41.19 4.65
CA ILE C 298 -10.28 41.75 5.93
C ILE C 298 -9.95 40.61 6.89
N PRO C 299 -8.77 40.60 7.51
CA PRO C 299 -8.43 39.52 8.45
C PRO C 299 -9.42 39.42 9.60
N ASP C 300 -9.70 38.19 10.01
CA ASP C 300 -10.51 37.91 11.18
C ASP C 300 -9.64 37.80 12.43
N CYS C 301 -10.29 37.89 13.59
CA CYS C 301 -9.64 37.71 14.88
C CYS C 301 -9.96 36.31 15.41
N TYR C 302 -8.94 35.50 15.61
CA TYR C 302 -9.10 34.13 16.09
C TYR C 302 -8.77 34.04 17.58
N THR C 303 -9.55 33.27 18.31
CA THR C 303 -9.21 32.85 19.66
C THR C 303 -9.05 31.33 19.65
N PHE C 304 -7.87 30.86 20.03
CA PHE C 304 -7.57 29.44 20.13
C PHE C 304 -7.66 29.04 21.60
N SER C 305 -8.50 28.06 21.90
CA SER C 305 -8.55 27.42 23.20
C SER C 305 -7.69 26.16 23.14
N VAL C 306 -6.62 26.14 23.94
CA VAL C 306 -5.61 25.10 23.89
C VAL C 306 -5.77 24.23 25.13
N LEU C 307 -5.87 22.93 24.91
CA LEU C 307 -5.98 21.92 25.97
C LEU C 307 -4.85 20.91 25.80
N ILE C 308 -4.02 20.77 26.82
CA ILE C 308 -2.96 19.77 26.85
C ILE C 308 -3.33 18.74 27.90
N THR C 309 -3.39 17.47 27.49
CA THR C 309 -3.81 16.38 28.37
C THR C 309 -2.69 15.38 28.57
N PHE C 310 -2.38 15.11 29.83
CA PHE C 310 -1.53 14.01 30.25
C PHE C 310 -2.47 12.99 30.88
N ASP C 311 -2.75 11.91 30.15
CA ASP C 311 -3.86 11.01 30.48
C ASP C 311 -3.34 9.76 31.18
N ASN C 312 -3.82 9.53 32.41
CA ASN C 312 -3.44 8.35 33.20
C ASN C 312 -4.63 7.44 33.48
N LYS C 313 -5.67 7.49 32.66
CA LYS C 313 -6.88 6.72 32.98
C LYS C 313 -6.64 5.21 32.95
N ALA C 314 -5.64 4.75 32.20
CA ALA C 314 -5.34 3.32 32.17
C ALA C 314 -4.48 2.86 33.34
N HIS C 315 -3.84 3.77 34.06
CA HIS C 315 -3.00 3.43 35.21
C HIS C 315 -2.00 2.34 34.84
N SER C 316 -1.37 2.45 33.68
CA SER C 316 -0.59 1.38 33.10
C SER C 316 0.91 1.64 33.12
N GLY C 317 1.36 2.72 33.73
CA GLY C 317 2.74 3.13 33.66
C GLY C 317 3.11 3.89 32.39
N ARG C 318 2.15 4.10 31.49
CA ARG C 318 2.36 4.88 30.27
C ARG C 318 1.29 5.96 30.23
N ILE C 319 1.71 7.22 30.16
CA ILE C 319 0.80 8.36 30.18
C ILE C 319 0.90 9.08 28.85
N PRO C 320 -0.05 8.86 27.93
CA PRO C 320 -0.02 9.60 26.68
C PRO C 320 -0.29 11.09 26.86
N ILE C 321 0.32 11.87 25.99
CA ILE C 321 0.27 13.34 26.04
C ILE C 321 -0.27 13.83 24.71
N SER C 322 -1.29 14.69 24.77
CA SER C 322 -1.90 15.23 23.56
C SER C 322 -2.16 16.72 23.72
N LEU C 323 -2.22 17.41 22.58
CA LEU C 323 -2.61 18.80 22.51
C LEU C 323 -3.74 18.95 21.51
N GLU C 324 -4.80 19.65 21.90
CA GLU C 324 -5.93 19.91 21.03
C GLU C 324 -6.29 21.38 21.10
N THR C 325 -6.88 21.89 20.03
CA THR C 325 -7.30 23.29 19.95
C THR C 325 -8.73 23.40 19.46
N GLN C 326 -9.43 24.41 19.97
CA GLN C 326 -10.71 24.86 19.44
C GLN C 326 -10.56 26.30 18.98
N ALA C 327 -10.99 26.59 17.75
CA ALA C 327 -10.84 27.91 17.18
C ALA C 327 -12.18 28.61 17.13
N HIS C 328 -12.23 29.85 17.63
CA HIS C 328 -13.42 30.70 17.56
C HIS C 328 -13.07 31.95 16.78
N ILE C 329 -13.83 32.22 15.73
CA ILE C 329 -13.58 33.33 14.83
C ILE C 329 -14.53 34.47 15.18
N GLN C 330 -13.99 35.68 15.29
CA GLN C 330 -14.78 36.86 15.55
C GLN C 330 -14.28 38.00 14.66
N GLU C 331 -15.15 38.97 14.44
CA GLU C 331 -14.77 40.19 13.73
C GLU C 331 -13.92 41.08 14.62
N CYS C 332 -12.89 41.68 14.04
CA CYS C 332 -12.02 42.57 14.78
C CYS C 332 -12.68 43.93 14.95
N LYS C 333 -12.14 44.73 15.89
CA LYS C 333 -12.74 46.00 16.27
C LYS C 333 -12.16 47.12 15.41
N HIS C 334 -12.96 47.63 14.48
CA HIS C 334 -12.63 48.76 13.61
C HIS C 334 -11.20 48.63 13.06
N PRO C 335 -10.92 47.62 12.24
CA PRO C 335 -9.60 47.51 11.63
C PRO C 335 -9.39 48.53 10.53
N SER C 336 -8.19 48.59 9.96
CA SER C 336 -7.90 49.45 8.83
C SER C 336 -6.95 48.74 7.89
N VAL C 337 -7.32 48.67 6.61
CA VAL C 337 -6.46 48.16 5.55
C VAL C 337 -6.38 49.23 4.49
N PHE C 338 -5.16 49.66 4.17
CA PHE C 338 -4.94 50.72 3.19
C PHE C 338 -5.51 50.35 1.83
N PHE C 345 -16.69 41.43 -9.07
CA PHE C 345 -16.77 41.38 -7.62
C PHE C 345 -17.62 40.21 -7.16
N ARG C 346 -17.29 39.70 -5.97
CA ARG C 346 -17.93 38.47 -5.50
C ARG C 346 -19.39 38.67 -5.17
N LEU C 347 -19.77 39.84 -4.67
CA LEU C 347 -21.17 40.07 -4.34
C LEU C 347 -22.04 40.00 -5.59
N LEU C 348 -21.59 40.63 -6.68
CA LEU C 348 -22.35 40.59 -7.92
C LEU C 348 -22.40 39.18 -8.50
N PHE C 349 -21.29 38.44 -8.43
CA PHE C 349 -21.30 37.07 -8.95
C PHE C 349 -22.25 36.19 -8.14
N ASP C 350 -22.26 36.35 -6.83
CA ASP C 350 -23.22 35.62 -6.02
C ASP C 350 -24.65 35.99 -6.40
N VAL C 351 -24.90 37.28 -6.65
CA VAL C 351 -26.22 37.71 -7.09
C VAL C 351 -26.60 37.03 -8.41
N VAL C 352 -25.64 36.94 -9.33
CA VAL C 352 -25.91 36.30 -10.61
C VAL C 352 -26.25 34.82 -10.41
N VAL C 353 -25.52 34.14 -9.53
CA VAL C 353 -25.83 32.75 -9.23
C VAL C 353 -27.24 32.64 -8.67
N ILE C 354 -27.60 33.55 -7.76
CA ILE C 354 -28.93 33.53 -7.18
C ILE C 354 -29.99 33.69 -8.26
N LEU C 355 -29.78 34.63 -9.18
CA LEU C 355 -30.78 34.88 -10.21
C LEU C 355 -30.90 33.70 -11.17
N THR C 356 -29.78 33.11 -11.58
CA THR C 356 -29.84 31.95 -12.46
C THR C 356 -30.59 30.80 -11.79
N CYS C 357 -30.24 30.51 -10.54
CA CYS C 357 -30.92 29.42 -9.85
C CYS C 357 -32.39 29.72 -9.59
N SER C 358 -32.73 30.99 -9.37
CA SER C 358 -34.13 31.34 -9.14
C SER C 358 -34.95 31.19 -10.42
N LEU C 359 -34.42 31.63 -11.56
CA LEU C 359 -35.11 31.44 -12.81
C LEU C 359 -35.27 29.97 -13.13
N SER C 360 -34.22 29.17 -12.90
CA SER C 360 -34.32 27.74 -13.12
C SER C 360 -35.38 27.13 -12.22
N PHE C 361 -35.41 27.53 -10.95
CA PHE C 361 -36.41 27.00 -10.03
C PHE C 361 -37.82 27.33 -10.50
N LEU C 362 -38.03 28.55 -10.97
CA LEU C 362 -39.36 28.95 -11.43
C LEU C 362 -39.79 28.15 -12.65
N LEU C 363 -38.89 28.00 -13.61
CA LEU C 363 -39.25 27.24 -14.82
C LEU C 363 -39.53 25.78 -14.49
N CYS C 364 -38.72 25.18 -13.61
CA CYS C 364 -38.95 23.79 -13.26
C CYS C 364 -40.26 23.63 -12.50
N ALA C 365 -40.59 24.59 -11.62
CA ALA C 365 -41.86 24.53 -10.92
C ALA C 365 -43.03 24.64 -11.89
N ARG C 366 -42.91 25.51 -12.89
CA ARG C 366 -43.95 25.62 -13.90
C ARG C 366 -44.13 24.30 -14.65
N SER C 367 -43.01 23.66 -15.02
CA SER C 367 -43.10 22.38 -15.71
C SER C 367 -43.77 21.33 -14.82
N LEU C 368 -43.41 21.29 -13.53
CA LEU C 368 -44.03 20.33 -12.63
C LEU C 368 -45.52 20.59 -12.48
N LEU C 369 -45.92 21.87 -12.43
CA LEU C 369 -47.33 22.20 -12.36
C LEU C 369 -48.08 21.73 -13.59
N ARG C 370 -47.51 21.97 -14.77
CA ARG C 370 -48.16 21.51 -15.99
C ARG C 370 -48.27 19.99 -16.02
N GLY C 371 -47.21 19.30 -15.56
CA GLY C 371 -47.29 17.85 -15.50
C GLY C 371 -48.38 17.36 -14.57
N PHE C 372 -48.52 18.01 -13.42
CA PHE C 372 -49.59 17.63 -12.49
C PHE C 372 -50.96 17.86 -13.11
N LEU C 373 -51.13 18.99 -13.79
CA LEU C 373 -52.42 19.26 -14.43
C LEU C 373 -52.73 18.22 -15.51
N LEU C 374 -51.73 17.86 -16.31
CA LEU C 374 -51.95 16.85 -17.35
C LEU C 374 -52.27 15.50 -16.73
N GLN C 375 -51.60 15.15 -15.62
CA GLN C 375 -51.93 13.91 -14.94
C GLN C 375 -53.36 13.91 -14.46
N ASN C 376 -53.81 15.03 -13.88
CA ASN C 376 -55.20 15.11 -13.43
C ASN C 376 -56.17 14.94 -14.59
N GLU C 377 -55.88 15.60 -15.71
CA GLU C 377 -56.76 15.48 -16.88
C GLU C 377 -56.81 14.04 -17.39
N PHE C 378 -55.64 13.39 -17.49
CA PHE C 378 -55.61 12.02 -17.99
C PHE C 378 -56.36 11.09 -17.07
N VAL C 379 -56.19 11.23 -15.76
CA VAL C 379 -56.91 10.38 -14.83
C VAL C 379 -58.41 10.62 -14.94
N GLY C 380 -58.82 11.89 -15.03
CA GLY C 380 -60.24 12.19 -15.14
C GLY C 380 -60.86 11.61 -16.40
N PHE C 381 -60.14 11.68 -17.52
CA PHE C 381 -60.68 11.18 -18.78
C PHE C 381 -60.90 9.68 -18.74
N MET C 382 -60.24 8.96 -17.84
CA MET C 382 -60.45 7.53 -17.65
C MET C 382 -61.74 7.27 -16.87
N TRP C 383 -62.86 7.68 -17.47
CA TRP C 383 -64.19 7.42 -16.91
C TRP C 383 -64.25 7.71 -15.41
N SER C 391 -54.63 3.73 -10.29
CA SER C 391 -53.40 3.20 -9.66
C SER C 391 -52.39 4.32 -9.46
N LEU C 392 -51.80 4.38 -8.28
CA LEU C 392 -50.80 5.41 -7.98
C LEU C 392 -49.40 4.94 -8.39
N TRP C 393 -49.30 4.43 -9.59
CA TRP C 393 -48.03 4.10 -10.22
C TRP C 393 -47.96 4.64 -11.65
N GLU C 394 -49.07 4.60 -12.38
CA GLU C 394 -49.10 5.21 -13.70
C GLU C 394 -49.16 6.72 -13.63
N ARG C 395 -49.77 7.26 -12.56
CA ARG C 395 -49.81 8.70 -12.40
C ARG C 395 -48.40 9.28 -12.23
N LEU C 396 -47.54 8.57 -11.49
CA LEU C 396 -46.19 9.05 -11.26
C LEU C 396 -45.39 9.14 -12.55
N GLU C 397 -45.85 8.50 -13.63
CA GLU C 397 -45.17 8.66 -14.91
C GLU C 397 -45.27 10.09 -15.44
N PHE C 398 -46.16 10.90 -14.87
CA PHE C 398 -46.25 12.31 -15.22
C PHE C 398 -45.30 13.18 -14.42
N VAL C 399 -44.58 12.62 -13.45
CA VAL C 399 -43.68 13.37 -12.59
C VAL C 399 -42.26 13.25 -13.14
N ASN C 400 -41.64 14.39 -13.40
CA ASN C 400 -40.26 14.45 -13.87
C ASN C 400 -39.34 14.42 -12.67
N GLY C 401 -38.67 13.29 -12.45
CA GLY C 401 -37.71 13.21 -11.35
C GLY C 401 -36.53 14.13 -11.54
N TRP C 402 -36.11 14.35 -12.79
CA TRP C 402 -35.02 15.27 -13.05
C TRP C 402 -35.36 16.68 -12.59
N TYR C 403 -36.63 17.08 -12.72
CA TYR C 403 -37.01 18.42 -12.28
C TYR C 403 -37.08 18.51 -10.76
N ILE C 404 -37.44 17.42 -10.08
CA ILE C 404 -37.31 17.39 -8.62
C ILE C 404 -35.85 17.59 -8.23
N LEU C 405 -34.94 16.89 -8.93
CA LEU C 405 -33.52 17.03 -8.63
C LEU C 405 -33.07 18.47 -8.88
N LEU C 406 -33.51 19.08 -9.97
CA LEU C 406 -33.10 20.45 -10.28
C LEU C 406 -33.62 21.43 -9.24
N VAL C 407 -34.87 21.24 -8.79
CA VAL C 407 -35.42 22.11 -7.76
C VAL C 407 -34.63 21.97 -6.46
N THR C 408 -34.31 20.74 -6.08
CA THR C 408 -33.51 20.54 -4.86
C THR C 408 -32.14 21.21 -5.00
N SER C 409 -31.52 21.06 -6.16
CA SER C 409 -30.19 21.65 -6.36
C SER C 409 -30.26 23.18 -6.34
N ASP C 410 -31.33 23.75 -6.89
CA ASP C 410 -31.50 25.20 -6.81
C ASP C 410 -31.64 25.67 -5.37
N VAL C 411 -32.43 24.94 -4.58
CA VAL C 411 -32.60 25.30 -3.17
C VAL C 411 -31.26 25.25 -2.45
N LEU C 412 -30.51 24.17 -2.65
CA LEU C 412 -29.22 24.04 -1.99
C LEU C 412 -28.25 25.13 -2.43
N THR C 413 -28.23 25.43 -3.72
CA THR C 413 -27.33 26.46 -4.23
C THR C 413 -27.66 27.82 -3.63
N ILE C 414 -28.94 28.17 -3.57
CA ILE C 414 -29.31 29.47 -3.03
C ILE C 414 -28.98 29.55 -1.55
N SER C 415 -29.26 28.48 -0.80
CA SER C 415 -28.93 28.48 0.63
C SER C 415 -27.42 28.64 0.84
N GLY C 416 -26.63 27.91 0.07
CA GLY C 416 -25.18 28.02 0.19
C GLY C 416 -24.68 29.39 -0.19
N THR C 417 -25.28 30.01 -1.21
CA THR C 417 -24.86 31.35 -1.62
C THR C 417 -25.19 32.39 -0.56
N ILE C 418 -26.38 32.28 0.05
CA ILE C 418 -26.72 33.20 1.13
C ILE C 418 -25.77 33.02 2.30
N MET C 419 -25.46 31.77 2.64
CA MET C 419 -24.51 31.51 3.72
C MET C 419 -23.13 32.07 3.38
N LYS C 420 -22.70 31.93 2.12
CA LYS C 420 -21.42 32.46 1.71
C LYS C 420 -21.38 33.98 1.82
N ILE C 421 -22.47 34.64 1.43
CA ILE C 421 -22.54 36.10 1.57
C ILE C 421 -22.48 36.48 3.05
N GLY C 422 -23.19 35.75 3.89
CA GLY C 422 -23.13 36.02 5.32
C GLY C 422 -21.73 35.86 5.88
N ILE C 423 -21.01 34.82 5.45
CA ILE C 423 -19.64 34.62 5.92
C ILE C 423 -18.74 35.75 5.44
N GLU C 424 -18.87 36.15 4.17
CA GLU C 424 -18.06 37.24 3.67
C GLU C 424 -18.35 38.55 4.41
N ALA C 425 -19.61 38.79 4.75
CA ALA C 425 -19.97 39.95 5.54
C ALA C 425 -19.58 39.82 7.01
N LYS C 426 -19.11 38.64 7.42
CA LYS C 426 -18.65 38.37 8.77
C LYS C 426 -19.80 38.28 9.78
N ASN C 427 -21.01 37.98 9.31
CA ASN C 427 -22.11 37.64 10.21
C ASN C 427 -22.08 36.17 10.61
N LEU C 428 -21.47 35.31 9.80
CA LEU C 428 -21.38 33.88 10.06
C LEU C 428 -19.94 33.43 9.88
N ALA C 429 -19.62 32.27 10.46
CA ALA C 429 -18.30 31.68 10.30
C ALA C 429 -18.38 30.17 10.06
N SER C 430 -19.48 29.69 9.48
CA SER C 430 -19.71 28.26 9.33
C SER C 430 -19.18 27.79 7.97
N TYR C 431 -17.85 27.77 7.87
CA TYR C 431 -17.21 27.43 6.61
C TYR C 431 -17.54 26.00 6.17
N ASP C 432 -17.56 25.06 7.11
CA ASP C 432 -17.78 23.65 6.76
C ASP C 432 -19.17 23.42 6.18
N VAL C 433 -20.20 23.99 6.81
CA VAL C 433 -21.57 23.81 6.33
C VAL C 433 -21.71 24.43 4.94
N CYS C 434 -21.19 25.64 4.77
CA CYS C 434 -21.25 26.31 3.47
C CYS C 434 -20.55 25.49 2.40
N SER C 435 -19.37 24.96 2.71
CA SER C 435 -18.64 24.15 1.74
C SER C 435 -19.44 22.91 1.36
N ILE C 436 -20.07 22.25 2.33
CA ILE C 436 -20.86 21.07 2.01
C ILE C 436 -22.04 21.45 1.10
N LEU C 437 -22.75 22.53 1.44
CA LEU C 437 -23.87 22.95 0.61
C LEU C 437 -23.43 23.23 -0.82
N LEU C 438 -22.39 24.03 -0.99
CA LEU C 438 -21.97 24.42 -2.33
C LEU C 438 -21.41 23.25 -3.11
N GLY C 439 -20.64 22.37 -2.46
CA GLY C 439 -20.11 21.20 -3.16
C GLY C 439 -21.18 20.24 -3.60
N THR C 440 -22.15 19.96 -2.72
CA THR C 440 -23.25 19.08 -3.10
C THR C 440 -24.05 19.69 -4.25
N SER C 441 -24.32 20.99 -4.19
CA SER C 441 -25.07 21.62 -5.26
C SER C 441 -24.28 21.59 -6.58
N THR C 442 -22.96 21.74 -6.51
CA THR C 442 -22.15 21.66 -7.73
C THR C 442 -22.24 20.27 -8.35
N LEU C 443 -22.14 19.23 -7.52
CA LEU C 443 -22.26 17.87 -8.05
C LEU C 443 -23.63 17.64 -8.67
N LEU C 444 -24.69 18.11 -8.00
CA LEU C 444 -26.03 17.91 -8.54
C LEU C 444 -26.23 18.69 -9.83
N VAL C 445 -25.65 19.89 -9.94
CA VAL C 445 -25.78 20.68 -11.16
C VAL C 445 -25.09 19.96 -12.32
N TRP C 446 -23.89 19.42 -12.09
CA TRP C 446 -23.23 18.67 -13.14
C TRP C 446 -24.04 17.43 -13.53
N VAL C 447 -24.61 16.74 -12.55
CA VAL C 447 -25.35 15.51 -12.83
C VAL C 447 -26.63 15.81 -13.60
N GLY C 448 -27.29 16.93 -13.29
CA GLY C 448 -28.61 17.20 -13.82
C GLY C 448 -28.67 17.38 -15.32
N VAL C 449 -27.54 17.65 -15.97
CA VAL C 449 -27.54 17.81 -17.42
C VAL C 449 -27.75 16.50 -18.16
N ILE C 450 -27.71 15.37 -17.44
CA ILE C 450 -27.98 14.08 -18.06
C ILE C 450 -29.44 13.95 -18.46
N ARG C 451 -30.32 14.78 -17.90
CA ARG C 451 -31.73 14.72 -18.24
C ARG C 451 -31.95 14.78 -19.75
N TYR C 452 -31.12 15.54 -20.44
CA TYR C 452 -31.28 15.75 -21.88
C TYR C 452 -30.64 14.66 -22.71
N LEU C 453 -29.84 13.78 -22.12
CA LEU C 453 -29.35 12.61 -22.81
C LEU C 453 -30.31 11.43 -22.72
N THR C 454 -31.35 11.52 -21.88
CA THR C 454 -32.29 10.41 -21.73
C THR C 454 -33.15 10.21 -22.95
N PHE C 455 -33.24 11.20 -23.85
CA PHE C 455 -34.07 11.10 -25.03
C PHE C 455 -33.45 10.26 -26.14
N PHE C 456 -32.21 9.82 -25.97
CA PHE C 456 -31.46 9.15 -27.03
C PHE C 456 -30.91 7.85 -26.48
N HIS C 457 -31.32 6.73 -27.07
CA HIS C 457 -31.02 5.43 -26.48
C HIS C 457 -29.52 5.19 -26.34
N ASN C 458 -28.75 5.53 -27.38
CA ASN C 458 -27.32 5.25 -27.34
C ASN C 458 -26.64 5.96 -26.18
N TYR C 459 -27.14 7.12 -25.78
CA TYR C 459 -26.53 7.91 -24.71
C TYR C 459 -27.12 7.63 -23.34
N ASN C 460 -28.13 6.77 -23.24
CA ASN C 460 -28.89 6.61 -21.99
C ASN C 460 -28.73 5.23 -21.37
N ILE C 461 -27.62 4.54 -21.66
CA ILE C 461 -27.47 3.17 -21.17
C ILE C 461 -27.45 3.12 -19.65
N LEU C 462 -26.70 4.04 -19.03
CA LEU C 462 -26.54 4.00 -17.58
C LEU C 462 -27.89 4.15 -16.87
N ILE C 463 -28.68 5.17 -17.25
CA ILE C 463 -29.94 5.42 -16.56
C ILE C 463 -30.93 4.30 -16.81
N ALA C 464 -31.03 3.83 -18.06
CA ALA C 464 -31.98 2.76 -18.36
C ALA C 464 -31.63 1.48 -17.59
N THR C 465 -30.34 1.14 -17.55
CA THR C 465 -29.91 -0.02 -16.79
C THR C 465 -30.21 0.17 -15.31
N LEU C 466 -29.94 1.36 -14.77
CA LEU C 466 -30.23 1.60 -13.36
C LEU C 466 -31.70 1.38 -13.06
N ARG C 467 -32.57 1.93 -13.91
CA ARG C 467 -34.00 1.82 -13.67
C ARG C 467 -34.43 0.36 -13.71
N VAL C 468 -33.89 -0.43 -14.64
CA VAL C 468 -34.27 -1.84 -14.71
C VAL C 468 -33.71 -2.61 -13.51
N ALA C 469 -32.48 -2.29 -13.09
CA ALA C 469 -31.77 -3.13 -12.14
C ALA C 469 -32.12 -2.84 -10.68
N LEU C 470 -32.55 -1.62 -10.37
CA LEU C 470 -32.66 -1.20 -8.98
C LEU C 470 -33.50 -2.14 -8.12
N PRO C 471 -34.70 -2.57 -8.52
CA PRO C 471 -35.50 -3.44 -7.63
C PRO C 471 -34.79 -4.73 -7.24
N SER C 472 -34.25 -5.46 -8.21
CA SER C 472 -33.57 -6.71 -7.90
C SER C 472 -32.33 -6.48 -7.06
N VAL C 473 -31.63 -5.37 -7.29
CA VAL C 473 -30.45 -5.06 -6.50
C VAL C 473 -30.83 -4.80 -5.04
N MET C 474 -31.90 -4.03 -4.81
CA MET C 474 -32.31 -3.77 -3.43
C MET C 474 -32.78 -5.05 -2.74
N ARG C 475 -33.49 -5.91 -3.46
CA ARG C 475 -33.90 -7.18 -2.85
C ARG C 475 -32.69 -8.03 -2.50
N PHE C 476 -31.68 -8.06 -3.37
CA PHE C 476 -30.43 -8.76 -3.07
C PHE C 476 -29.75 -8.18 -1.85
N CYS C 477 -29.72 -6.85 -1.75
CA CYS C 477 -29.09 -6.19 -0.61
C CYS C 477 -29.80 -6.56 0.69
N CYS C 478 -31.12 -6.80 0.65
CA CYS C 478 -31.81 -7.21 1.86
C CYS C 478 -31.12 -8.41 2.50
N CYS C 479 -30.82 -9.44 1.70
CA CYS C 479 -30.15 -10.62 2.23
C CYS C 479 -28.69 -10.35 2.55
N VAL C 480 -27.99 -9.60 1.69
CA VAL C 480 -26.55 -9.42 1.91
C VAL C 480 -26.26 -8.60 3.16
N ALA C 481 -27.12 -7.63 3.48
CA ALA C 481 -26.82 -6.69 4.55
C ALA C 481 -26.74 -7.36 5.92
N VAL C 482 -27.59 -8.36 6.17
CA VAL C 482 -27.55 -9.02 7.48
C VAL C 482 -26.23 -9.76 7.66
N ILE C 483 -25.75 -10.44 6.61
CA ILE C 483 -24.44 -11.09 6.69
C ILE C 483 -23.35 -10.06 6.92
N TYR C 484 -23.39 -8.97 6.16
CA TYR C 484 -22.36 -7.94 6.28
C TYR C 484 -22.33 -7.38 7.70
N LEU C 485 -23.50 -7.11 8.29
CA LEU C 485 -23.56 -6.54 9.63
C LEU C 485 -23.11 -7.55 10.68
N GLY C 486 -23.47 -8.82 10.51
CA GLY C 486 -22.97 -9.83 11.43
C GLY C 486 -21.46 -9.86 11.46
N TYR C 487 -20.83 -9.84 10.27
CA TYR C 487 -19.38 -9.78 10.20
C TYR C 487 -18.85 -8.51 10.83
N CYS C 488 -19.51 -7.37 10.60
CA CYS C 488 -19.06 -6.10 11.16
C CYS C 488 -19.00 -6.17 12.68
N PHE C 489 -20.08 -6.60 13.32
CA PHE C 489 -20.14 -6.64 14.79
C PHE C 489 -19.13 -7.64 15.34
N CYS C 490 -19.10 -8.85 14.77
CA CYS C 490 -18.16 -9.86 15.24
C CYS C 490 -16.72 -9.35 15.16
N GLY C 491 -16.33 -8.79 14.01
CA GLY C 491 -14.98 -8.31 13.86
C GLY C 491 -14.68 -7.16 14.81
N TRP C 492 -15.60 -6.21 14.93
CA TRP C 492 -15.39 -5.06 15.80
C TRP C 492 -15.10 -5.50 17.23
N ILE C 493 -15.89 -6.44 17.75
CA ILE C 493 -15.74 -6.75 19.17
C ILE C 493 -14.61 -7.76 19.39
N VAL C 494 -14.47 -8.77 18.54
CA VAL C 494 -13.46 -9.80 18.77
C VAL C 494 -12.07 -9.30 18.40
N LEU C 495 -11.93 -8.69 17.23
CA LEU C 495 -10.61 -8.33 16.72
C LEU C 495 -10.20 -6.90 17.03
N GLY C 496 -11.16 -6.03 17.38
CA GLY C 496 -10.85 -4.62 17.59
C GLY C 496 -9.75 -4.34 18.59
N PRO C 497 -9.72 -5.02 19.73
CA PRO C 497 -8.62 -4.78 20.69
C PRO C 497 -7.25 -5.20 20.17
N TYR C 498 -7.18 -6.08 19.17
CA TYR C 498 -5.91 -6.58 18.67
C TYR C 498 -5.49 -6.03 17.32
N HIS C 499 -6.42 -5.43 16.56
CA HIS C 499 -6.19 -5.10 15.16
C HIS C 499 -6.47 -3.62 14.96
N VAL C 500 -5.48 -2.89 14.44
CA VAL C 500 -5.60 -1.44 14.30
C VAL C 500 -6.71 -1.04 13.34
N LYS C 501 -7.11 -1.93 12.43
CA LYS C 501 -8.14 -1.61 11.45
C LYS C 501 -9.55 -1.94 11.94
N PHE C 502 -9.70 -2.49 13.14
CA PHE C 502 -11.00 -2.89 13.66
C PHE C 502 -11.38 -2.10 14.92
N ARG C 503 -10.80 -0.93 15.13
CA ARG C 503 -10.97 -0.22 16.40
C ARG C 503 -12.41 0.21 16.64
N SER C 504 -13.09 0.69 15.61
CA SER C 504 -14.44 1.20 15.74
C SER C 504 -15.31 0.63 14.62
N LEU C 505 -16.63 0.79 14.77
CA LEU C 505 -17.56 0.21 13.82
C LEU C 505 -17.40 0.82 12.42
N SER C 506 -17.25 2.15 12.34
CA SER C 506 -17.06 2.79 11.05
C SER C 506 -15.75 2.32 10.41
N MET C 507 -14.70 2.18 11.21
CA MET C 507 -13.43 1.66 10.70
C MET C 507 -13.58 0.23 10.23
N VAL C 508 -14.34 -0.59 10.96
CA VAL C 508 -14.56 -1.98 10.54
C VAL C 508 -15.28 -2.03 9.20
N SER C 509 -16.31 -1.20 9.04
CA SER C 509 -17.01 -1.15 7.76
C SER C 509 -16.06 -0.72 6.65
N GLU C 510 -15.22 0.28 6.91
CA GLU C 510 -14.25 0.70 5.90
C GLU C 510 -13.32 -0.45 5.52
N CYS C 511 -12.81 -1.18 6.52
CA CYS C 511 -11.90 -2.28 6.25
C CYS C 511 -12.58 -3.37 5.43
N LEU C 512 -13.79 -3.78 5.83
CA LEU C 512 -14.47 -4.87 5.12
C LEU C 512 -14.85 -4.46 3.71
N PHE C 513 -15.37 -3.24 3.53
CA PHE C 513 -15.70 -2.75 2.20
C PHE C 513 -14.47 -2.72 1.31
N SER C 514 -13.33 -2.25 1.84
CA SER C 514 -12.10 -2.25 1.05
C SER C 514 -11.65 -3.66 0.71
N LEU C 515 -11.78 -4.60 1.65
CA LEU C 515 -11.40 -5.98 1.37
C LEU C 515 -12.25 -6.56 0.25
N ILE C 516 -13.55 -6.26 0.23
CA ILE C 516 -14.40 -6.76 -0.84
C ILE C 516 -13.86 -6.33 -2.20
N ASN C 517 -13.27 -5.15 -2.28
CA ASN C 517 -12.68 -4.65 -3.51
C ASN C 517 -11.22 -5.05 -3.66
N GLY C 518 -10.74 -5.98 -2.84
CA GLY C 518 -9.40 -6.50 -2.98
C GLY C 518 -8.30 -5.60 -2.48
N ASP C 519 -8.61 -4.63 -1.62
CA ASP C 519 -7.65 -3.60 -1.24
C ASP C 519 -7.10 -3.86 0.15
N ASP C 520 -5.78 -3.72 0.31
CA ASP C 520 -5.14 -3.72 1.61
C ASP C 520 -5.30 -5.05 2.33
N MET C 521 -5.23 -6.14 1.58
CA MET C 521 -5.60 -7.45 2.12
C MET C 521 -4.45 -8.10 2.88
N PHE C 522 -3.25 -8.13 2.27
CA PHE C 522 -2.12 -8.74 2.96
C PHE C 522 -1.78 -8.00 4.24
N VAL C 523 -1.89 -6.68 4.23
CA VAL C 523 -1.63 -5.90 5.45
C VAL C 523 -2.63 -6.26 6.53
N THR C 524 -3.89 -6.46 6.16
CA THR C 524 -4.89 -6.90 7.13
C THR C 524 -4.50 -8.23 7.75
N PHE C 525 -4.03 -9.17 6.93
CA PHE C 525 -3.54 -10.44 7.49
C PHE C 525 -2.33 -10.21 8.39
N ALA C 526 -1.40 -9.37 7.96
CA ALA C 526 -0.12 -9.24 8.65
C ALA C 526 -0.27 -8.56 10.00
N ALA C 527 -1.27 -7.70 10.16
CA ALA C 527 -1.47 -7.06 11.46
C ALA C 527 -1.67 -8.08 12.57
N MET C 528 -2.23 -9.24 12.25
CA MET C 528 -2.48 -10.28 13.24
C MET C 528 -1.29 -11.21 13.47
N GLN C 529 -0.27 -11.18 12.60
CA GLN C 529 0.82 -12.12 12.73
C GLN C 529 1.57 -11.98 14.04
N ALA C 530 1.51 -10.81 14.69
CA ALA C 530 2.17 -10.65 15.98
C ALA C 530 1.49 -11.46 17.08
N GLN C 531 0.18 -11.69 16.96
CA GLN C 531 -0.53 -12.46 17.98
C GLN C 531 -0.37 -13.96 17.81
N GLN C 532 0.27 -14.42 16.73
CA GLN C 532 0.40 -15.85 16.51
C GLN C 532 1.17 -16.54 17.65
N GLY C 533 2.03 -15.79 18.34
CA GLY C 533 2.74 -16.34 19.48
C GLY C 533 2.14 -15.92 20.80
N ARG C 534 1.53 -14.73 20.84
CA ARG C 534 0.98 -14.20 22.08
C ARG C 534 -0.40 -14.78 22.36
N SER C 535 -1.35 -14.57 21.45
CA SER C 535 -2.73 -15.05 21.61
C SER C 535 -3.07 -15.92 20.40
N SER C 536 -2.73 -17.20 20.50
CA SER C 536 -2.82 -18.08 19.34
C SER C 536 -4.26 -18.37 18.95
N LEU C 537 -5.14 -18.51 19.93
CA LEU C 537 -6.55 -18.78 19.63
C LEU C 537 -7.18 -17.62 18.86
N VAL C 538 -6.91 -16.39 19.29
CA VAL C 538 -7.41 -15.22 18.58
C VAL C 538 -6.83 -15.18 17.16
N TRP C 539 -5.56 -15.55 17.01
CA TRP C 539 -4.96 -15.55 15.68
C TRP C 539 -5.65 -16.55 14.75
N LEU C 540 -5.90 -17.76 15.26
CA LEU C 540 -6.60 -18.76 14.45
C LEU C 540 -8.00 -18.29 14.08
N PHE C 541 -8.71 -17.70 15.03
CA PHE C 541 -10.03 -17.17 14.72
C PHE C 541 -9.96 -16.09 13.66
N SER C 542 -8.96 -15.21 13.74
CA SER C 542 -8.82 -14.16 12.74
C SER C 542 -8.55 -14.75 11.36
N GLN C 543 -7.75 -15.81 11.30
CA GLN C 543 -7.55 -16.51 10.03
C GLN C 543 -8.88 -16.98 9.45
N LEU C 544 -9.68 -17.69 10.26
CA LEU C 544 -10.95 -18.19 9.77
C LEU C 544 -11.87 -17.04 9.34
N TYR C 545 -11.96 -16.01 10.18
CA TYR C 545 -12.80 -14.86 9.90
C TYR C 545 -12.44 -14.21 8.57
N LEU C 546 -11.17 -13.90 8.37
CA LEU C 546 -10.76 -13.18 7.17
C LEU C 546 -10.92 -14.04 5.92
N TYR C 547 -10.46 -15.31 5.98
CA TYR C 547 -10.58 -16.16 4.80
C TYR C 547 -12.04 -16.35 4.40
N SER C 548 -12.91 -16.65 5.38
CA SER C 548 -14.31 -16.87 5.06
C SER C 548 -14.97 -15.61 4.52
N PHE C 549 -14.71 -14.45 5.14
CA PHE C 549 -15.32 -13.23 4.65
C PHE C 549 -14.89 -12.94 3.21
N ILE C 550 -13.58 -12.96 2.95
CA ILE C 550 -13.09 -12.61 1.62
C ILE C 550 -13.64 -13.58 0.59
N SER C 551 -13.56 -14.88 0.86
CA SER C 551 -14.05 -15.85 -0.11
C SER C 551 -15.52 -15.63 -0.40
N LEU C 552 -16.35 -15.57 0.66
CA LEU C 552 -17.78 -15.43 0.46
C LEU C 552 -18.12 -14.18 -0.32
N PHE C 553 -17.52 -13.04 0.04
CA PHE C 553 -18.01 -11.79 -0.53
C PHE C 553 -17.42 -11.52 -1.90
N ILE C 554 -16.12 -11.77 -2.12
CA ILE C 554 -15.56 -11.52 -3.43
C ILE C 554 -16.10 -12.53 -4.44
N TYR C 555 -16.10 -13.81 -4.11
CA TYR C 555 -16.36 -14.80 -5.16
C TYR C 555 -17.84 -15.13 -5.32
N MET C 556 -18.64 -15.07 -4.27
CA MET C 556 -20.07 -15.37 -4.39
C MET C 556 -20.91 -14.10 -4.47
N VAL C 557 -20.84 -13.23 -3.46
CA VAL C 557 -21.76 -12.10 -3.38
C VAL C 557 -21.52 -11.12 -4.52
N LEU C 558 -20.27 -10.66 -4.68
CA LEU C 558 -19.98 -9.63 -5.67
C LEU C 558 -20.24 -10.14 -7.08
N SER C 559 -19.91 -11.40 -7.35
CA SER C 559 -20.20 -11.98 -8.67
C SER C 559 -21.69 -11.92 -8.98
N LEU C 560 -22.53 -12.27 -8.02
CA LEU C 560 -23.98 -12.23 -8.23
C LEU C 560 -24.48 -10.79 -8.40
N PHE C 561 -23.93 -9.86 -7.62
CA PHE C 561 -24.28 -8.45 -7.78
C PHE C 561 -24.01 -7.96 -9.20
N ILE C 562 -22.81 -8.22 -9.70
CA ILE C 562 -22.46 -7.82 -11.05
C ILE C 562 -23.32 -8.54 -12.07
N ALA C 563 -23.64 -9.81 -11.81
CA ALA C 563 -24.49 -10.55 -12.74
C ALA C 563 -25.88 -9.92 -12.83
N LEU C 564 -26.44 -9.48 -11.70
CA LEU C 564 -27.71 -8.78 -11.73
C LEU C 564 -27.62 -7.53 -12.59
N ILE C 565 -26.55 -6.74 -12.41
CA ILE C 565 -26.43 -5.49 -13.15
C ILE C 565 -26.29 -5.75 -14.65
N THR C 566 -25.43 -6.69 -15.03
CA THR C 566 -25.23 -6.96 -16.45
C THR C 566 -26.43 -7.63 -17.08
N GLY C 567 -27.19 -8.43 -16.34
CA GLY C 567 -28.43 -8.97 -16.86
C GLY C 567 -29.46 -7.88 -17.11
N ALA C 568 -29.59 -6.94 -16.18
CA ALA C 568 -30.45 -5.79 -16.42
C ALA C 568 -30.04 -5.07 -17.70
N TYR C 569 -28.74 -4.86 -17.89
CA TYR C 569 -28.28 -4.23 -19.12
C TYR C 569 -28.64 -5.07 -20.34
N ASP C 570 -28.53 -6.40 -20.23
CA ASP C 570 -28.89 -7.26 -21.35
C ASP C 570 -30.35 -7.08 -21.74
N THR C 571 -31.23 -6.84 -20.76
CA THR C 571 -32.65 -6.71 -21.10
C THR C 571 -32.93 -5.43 -21.90
N ILE C 572 -32.16 -4.36 -21.68
CA ILE C 572 -32.38 -3.10 -22.36
C ILE C 572 -31.38 -2.88 -23.50
N LYS C 573 -30.67 -3.93 -23.92
CA LYS C 573 -29.58 -3.76 -24.87
C LYS C 573 -30.09 -3.21 -26.19
N HIS C 574 -31.19 -3.75 -26.70
CA HIS C 574 -31.69 -3.38 -28.02
C HIS C 574 -32.85 -2.39 -27.90
N LEU D 89 -52.28 -37.34 4.10
CA LEU D 89 -50.84 -37.25 4.23
C LEU D 89 -50.29 -36.16 3.32
N ARG D 90 -50.84 -36.07 2.11
CA ARG D 90 -50.38 -35.05 1.17
C ARG D 90 -50.61 -33.65 1.73
N ARG D 91 -51.77 -33.43 2.36
CA ARG D 91 -52.05 -32.11 2.92
C ARG D 91 -51.07 -31.75 4.03
N ARG D 92 -50.75 -32.72 4.90
CA ARG D 92 -49.83 -32.45 5.99
C ARG D 92 -48.43 -32.14 5.46
N LEU D 93 -47.97 -32.89 4.46
CA LEU D 93 -46.67 -32.61 3.85
C LEU D 93 -46.66 -31.24 3.20
N LYS D 94 -47.73 -30.89 2.49
CA LYS D 94 -47.80 -29.57 1.86
C LYS D 94 -47.75 -28.47 2.92
N TYR D 95 -48.44 -28.68 4.04
CA TYR D 95 -48.40 -27.69 5.13
C TYR D 95 -47.02 -27.60 5.74
N PHE D 96 -46.29 -28.71 5.79
CA PHE D 96 -44.98 -28.73 6.44
C PHE D 96 -44.02 -27.75 5.77
N PHE D 97 -44.03 -27.67 4.45
CA PHE D 97 -43.11 -26.82 3.70
C PHE D 97 -43.68 -25.44 3.43
N MET D 98 -44.80 -25.07 4.06
CA MET D 98 -45.37 -23.76 3.86
C MET D 98 -44.51 -22.68 4.52
N SER D 99 -44.69 -21.45 4.06
CA SER D 99 -44.02 -20.30 4.65
C SER D 99 -44.79 -19.83 5.87
N PRO D 100 -44.17 -18.98 6.71
CA PRO D 100 -44.89 -18.52 7.90
C PRO D 100 -46.22 -17.85 7.58
N CYS D 101 -46.28 -17.06 6.51
CA CYS D 101 -47.55 -16.46 6.12
C CYS D 101 -48.55 -17.52 5.69
N ASP D 102 -48.11 -18.51 4.93
CA ASP D 102 -49.01 -19.57 4.50
C ASP D 102 -49.47 -20.41 5.69
N LYS D 103 -48.57 -20.71 6.63
CA LYS D 103 -48.98 -21.46 7.81
C LYS D 103 -49.98 -20.67 8.64
N PHE D 104 -49.79 -19.35 8.73
CA PHE D 104 -50.78 -18.52 9.40
C PHE D 104 -52.13 -18.60 8.70
N ARG D 105 -52.13 -18.45 7.38
CA ARG D 105 -53.39 -18.51 6.63
C ARG D 105 -54.06 -19.87 6.79
N ALA D 106 -53.26 -20.93 6.92
CA ALA D 106 -53.81 -22.27 7.02
C ALA D 106 -54.39 -22.55 8.40
N LYS D 107 -53.58 -22.39 9.45
CA LYS D 107 -54.00 -22.72 10.80
C LYS D 107 -53.92 -21.54 11.77
N GLY D 108 -53.71 -20.33 11.27
CA GLY D 108 -53.61 -19.19 12.16
C GLY D 108 -52.43 -19.24 13.10
N ARG D 109 -51.42 -20.05 12.78
CA ARG D 109 -50.28 -20.21 13.67
C ARG D 109 -49.50 -18.91 13.80
N LYS D 110 -49.14 -18.56 15.03
CA LYS D 110 -48.38 -17.35 15.29
C LYS D 110 -46.91 -17.56 14.91
N PRO D 111 -46.26 -16.57 14.31
CA PRO D 111 -44.84 -16.73 13.97
C PRO D 111 -43.93 -16.45 15.15
N CYS D 112 -43.98 -17.33 16.14
CA CYS D 112 -43.21 -17.14 17.36
C CYS D 112 -41.70 -17.21 17.09
N LYS D 113 -41.28 -18.13 16.22
CA LYS D 113 -39.86 -18.29 15.93
C LYS D 113 -39.27 -17.02 15.30
N LEU D 114 -40.00 -16.38 14.40
CA LEU D 114 -39.50 -15.19 13.73
C LEU D 114 -39.30 -14.04 14.73
N MET D 115 -40.30 -13.83 15.60
CA MET D 115 -40.18 -12.80 16.62
C MET D 115 -39.01 -13.11 17.55
N LEU D 116 -38.87 -14.38 17.94
CA LEU D 116 -37.74 -14.77 18.77
C LEU D 116 -36.42 -14.46 18.08
N GLN D 117 -36.34 -14.71 16.77
CA GLN D 117 -35.10 -14.45 16.03
C GLN D 117 -34.75 -12.96 16.04
N VAL D 118 -35.75 -12.10 15.84
CA VAL D 118 -35.47 -10.66 15.85
C VAL D 118 -35.02 -10.22 17.24
N VAL D 119 -35.74 -10.65 18.28
CA VAL D 119 -35.37 -10.31 19.64
C VAL D 119 -33.95 -10.82 19.94
N LYS D 120 -33.64 -12.02 19.46
CA LYS D 120 -32.32 -12.59 19.68
C LYS D 120 -31.24 -11.75 19.02
N ILE D 121 -31.46 -11.30 17.79
CA ILE D 121 -30.47 -10.44 17.16
C ILE D 121 -30.20 -9.23 18.03
N LEU D 122 -31.27 -8.57 18.48
CA LEU D 122 -31.08 -7.37 19.30
C LEU D 122 -30.29 -7.67 20.57
N VAL D 123 -30.75 -8.66 21.35
CA VAL D 123 -30.17 -8.86 22.68
C VAL D 123 -28.76 -9.43 22.58
N VAL D 124 -28.52 -10.35 21.63
CA VAL D 124 -27.20 -10.93 21.48
C VAL D 124 -26.19 -9.87 21.04
N THR D 125 -26.58 -8.99 20.11
CA THR D 125 -25.67 -7.93 19.70
C THR D 125 -25.36 -6.99 20.87
N VAL D 126 -26.38 -6.61 21.65
CA VAL D 126 -26.15 -5.73 22.79
C VAL D 126 -25.23 -6.40 23.80
N GLN D 127 -25.46 -7.70 24.07
CA GLN D 127 -24.61 -8.42 25.01
C GLN D 127 -23.16 -8.44 24.53
N LEU D 128 -22.96 -8.66 23.22
CA LEU D 128 -21.60 -8.69 22.71
C LEU D 128 -20.91 -7.35 22.92
N ILE D 129 -21.61 -6.24 22.67
CA ILE D 129 -20.98 -4.93 22.87
C ILE D 129 -20.66 -4.70 24.35
N LEU D 130 -21.59 -5.05 25.24
CA LEU D 130 -21.35 -4.88 26.66
C LEU D 130 -20.15 -5.69 27.12
N PHE D 131 -20.02 -6.93 26.62
CA PHE D 131 -18.83 -7.72 26.94
C PHE D 131 -17.57 -7.07 26.37
N GLY D 132 -17.67 -6.52 25.17
CA GLY D 132 -16.53 -5.87 24.56
C GLY D 132 -15.93 -4.80 25.44
N LEU D 133 -16.76 -4.11 26.22
CA LEU D 133 -16.20 -3.12 27.15
C LEU D 133 -15.16 -3.74 28.08
N SER D 134 -15.53 -4.83 28.78
CA SER D 134 -14.60 -5.46 29.71
C SER D 134 -13.41 -6.08 29.00
N ASN D 135 -13.67 -6.70 27.85
CA ASN D 135 -12.59 -7.33 27.09
C ASN D 135 -11.54 -6.29 26.70
N GLN D 136 -12.00 -5.14 26.21
CA GLN D 136 -11.09 -4.06 25.84
C GLN D 136 -10.30 -3.58 27.05
N LEU D 137 -10.95 -3.44 28.21
CA LEU D 137 -10.21 -3.00 29.39
C LEU D 137 -9.05 -3.95 29.69
N ALA D 138 -9.31 -5.26 29.67
CA ALA D 138 -8.25 -6.22 29.98
C ALA D 138 -7.11 -6.15 28.97
N VAL D 139 -7.46 -6.18 27.67
CA VAL D 139 -6.42 -6.19 26.64
C VAL D 139 -5.58 -4.93 26.72
N THR D 140 -6.23 -3.77 26.91
CA THR D 140 -5.51 -2.51 27.01
C THR D 140 -4.56 -2.52 28.20
N PHE D 141 -5.01 -3.00 29.35
CA PHE D 141 -4.12 -3.03 30.51
C PHE D 141 -2.85 -3.82 30.19
N ARG D 142 -3.02 -5.03 29.64
CA ARG D 142 -1.84 -5.85 29.34
C ARG D 142 -0.91 -5.15 28.36
N GLU D 143 -1.45 -4.65 27.25
CA GLU D 143 -0.62 -4.06 26.20
C GLU D 143 0.11 -2.81 26.67
N GLU D 144 -0.61 -1.91 27.36
CA GLU D 144 0.01 -0.66 27.81
C GLU D 144 1.11 -0.94 28.83
N ASN D 145 0.88 -1.89 29.75
CA ASN D 145 1.93 -2.22 30.70
C ASN D 145 3.16 -2.76 29.99
N THR D 146 2.96 -3.59 28.96
CA THR D 146 4.10 -4.14 28.23
C THR D 146 4.89 -3.04 27.52
N ILE D 147 4.21 -2.09 26.89
CA ILE D 147 4.91 -0.98 26.25
C ILE D 147 5.70 -0.17 27.28
N ALA D 148 5.09 0.10 28.44
CA ALA D 148 5.80 0.82 29.49
C ALA D 148 7.03 0.05 29.94
N PHE D 149 6.94 -1.28 30.06
CA PHE D 149 8.10 -2.08 30.43
C PHE D 149 9.21 -1.95 29.40
N ARG D 150 8.85 -1.98 28.11
CA ARG D 150 9.87 -1.81 27.08
C ARG D 150 10.58 -0.48 27.23
N HIS D 151 9.83 0.60 27.47
CA HIS D 151 10.47 1.90 27.62
C HIS D 151 11.29 1.99 28.91
N LEU D 152 10.86 1.31 29.97
CA LEU D 152 11.56 1.41 31.25
C LEU D 152 12.84 0.58 31.28
N PHE D 153 12.86 -0.60 30.67
CA PHE D 153 13.91 -1.56 30.91
C PHE D 153 14.88 -1.75 29.76
N LEU D 154 14.53 -1.33 28.55
CA LEU D 154 15.39 -1.50 27.38
C LEU D 154 16.12 -0.19 27.08
N LEU D 155 17.43 -0.19 27.23
CA LEU D 155 18.22 1.02 27.05
C LEU D 155 18.14 1.52 25.62
N GLY D 156 17.74 2.78 25.46
CA GLY D 156 17.65 3.38 24.14
C GLY D 156 16.54 2.84 23.27
N TYR D 157 15.50 2.25 23.86
CA TYR D 157 14.38 1.75 23.08
C TYR D 157 13.50 2.90 22.61
N SER D 158 12.93 2.73 21.41
CA SER D 158 11.93 3.66 20.89
C SER D 158 10.87 2.86 20.16
N ASP D 159 9.70 3.47 20.01
CA ASP D 159 8.56 2.78 19.41
C ASP D 159 8.86 2.42 17.95
N GLY D 160 8.40 1.24 17.56
CA GLY D 160 8.59 0.75 16.21
C GLY D 160 9.90 0.04 15.94
N ALA D 161 10.80 -0.02 16.93
CA ALA D 161 12.13 -0.58 16.73
C ALA D 161 12.22 -2.03 17.17
N ASP D 162 11.10 -2.67 17.52
CA ASP D 162 11.16 -3.99 18.13
C ASP D 162 11.86 -5.00 17.23
N ASP D 163 11.61 -4.92 15.92
CA ASP D 163 12.12 -5.94 15.01
C ASP D 163 13.62 -5.82 14.80
N THR D 164 14.20 -4.63 14.94
CA THR D 164 15.62 -4.43 14.69
C THR D 164 16.44 -4.15 15.94
N PHE D 165 15.81 -3.99 17.10
CA PHE D 165 16.53 -3.66 18.32
C PHE D 165 17.56 -4.73 18.64
N ALA D 166 18.83 -4.34 18.73
CA ALA D 166 19.91 -5.29 18.90
C ALA D 166 21.15 -4.57 19.44
N ALA D 167 22.05 -5.37 20.02
CA ALA D 167 23.36 -4.90 20.43
C ALA D 167 24.42 -5.38 19.44
N TYR D 168 25.52 -4.64 19.36
CA TYR D 168 26.57 -4.94 18.39
C TYR D 168 27.98 -4.91 18.97
N THR D 169 28.16 -4.44 20.20
CA THR D 169 29.45 -4.45 20.85
C THR D 169 29.29 -5.00 22.26
N ARG D 170 30.41 -5.46 22.83
CA ARG D 170 30.38 -5.96 24.21
C ARG D 170 29.94 -4.87 25.17
N GLU D 171 30.40 -3.65 24.94
CA GLU D 171 30.06 -2.54 25.80
C GLU D 171 28.56 -2.25 25.74
N GLN D 172 27.98 -2.27 24.54
CA GLN D 172 26.54 -2.09 24.41
C GLN D 172 25.76 -3.15 25.17
N LEU D 173 26.18 -4.41 25.06
CA LEU D 173 25.46 -5.50 25.72
C LEU D 173 25.53 -5.37 27.23
N TYR D 174 26.72 -5.10 27.76
CA TYR D 174 26.84 -4.93 29.20
C TYR D 174 26.00 -3.76 29.69
N GLN D 175 26.01 -2.64 28.95
CA GLN D 175 25.24 -1.49 29.36
C GLN D 175 23.75 -1.80 29.35
N ALA D 176 23.26 -2.52 28.34
CA ALA D 176 21.85 -2.87 28.29
C ALA D 176 21.46 -3.76 29.48
N ILE D 177 22.28 -4.78 29.77
CA ILE D 177 21.97 -5.69 30.89
C ILE D 177 21.91 -4.92 32.20
N PHE D 178 22.95 -4.12 32.46
CA PHE D 178 23.01 -3.38 33.72
C PHE D 178 21.91 -2.33 33.81
N HIS D 179 21.54 -1.70 32.69
CA HIS D 179 20.44 -0.76 32.72
C HIS D 179 19.13 -1.45 33.10
N ALA D 180 18.87 -2.64 32.54
CA ALA D 180 17.65 -3.36 32.90
C ALA D 180 17.62 -3.63 34.41
N VAL D 181 18.73 -4.14 34.95
CA VAL D 181 18.73 -4.48 36.38
C VAL D 181 18.61 -3.22 37.24
N ASP D 182 19.32 -2.16 36.89
CA ASP D 182 19.27 -0.93 37.67
C ASP D 182 17.86 -0.34 37.66
N GLN D 183 17.20 -0.37 36.51
CA GLN D 183 15.83 0.12 36.44
C GLN D 183 14.88 -0.73 37.27
N TYR D 184 15.10 -2.05 37.28
CA TYR D 184 14.31 -2.90 38.14
C TYR D 184 14.46 -2.49 39.60
N LEU D 185 15.69 -2.19 40.02
CA LEU D 185 15.90 -1.79 41.40
C LEU D 185 15.38 -0.39 41.70
N ALA D 186 15.31 0.49 40.70
CA ALA D 186 14.84 1.85 40.89
C ALA D 186 13.35 2.03 40.64
N LEU D 187 12.64 0.97 40.23
CA LEU D 187 11.24 1.09 39.82
C LEU D 187 10.36 1.89 40.78
N PRO D 188 10.41 1.67 42.10
CA PRO D 188 9.49 2.41 42.98
C PRO D 188 9.66 3.92 42.91
N ASP D 189 10.85 4.42 42.58
CA ASP D 189 11.10 5.86 42.57
C ASP D 189 10.83 6.52 41.23
N VAL D 190 10.86 5.78 40.12
CA VAL D 190 10.85 6.39 38.80
C VAL D 190 9.57 6.10 38.03
N SER D 191 8.90 4.97 38.27
CA SER D 191 7.80 4.55 37.43
C SER D 191 6.53 5.34 37.72
N LEU D 192 5.76 5.59 36.66
CA LEU D 192 4.44 6.19 36.81
C LEU D 192 3.39 5.18 37.27
N GLY D 193 3.65 3.88 37.11
CA GLY D 193 2.79 2.87 37.66
C GLY D 193 3.17 2.49 39.07
N ARG D 194 2.27 1.80 39.76
CA ARG D 194 2.52 1.30 41.10
C ARG D 194 2.66 -0.22 41.00
N TYR D 195 3.85 -0.71 41.27
CA TYR D 195 4.17 -2.12 41.12
C TYR D 195 4.67 -2.68 42.44
N ALA D 196 4.39 -3.96 42.67
CA ALA D 196 4.90 -4.68 43.82
C ALA D 196 5.80 -5.81 43.34
N TYR D 197 6.87 -6.06 44.07
CA TYR D 197 7.81 -7.12 43.73
C TYR D 197 7.28 -8.49 44.17
N VAL D 198 7.74 -9.53 43.48
CA VAL D 198 7.44 -10.92 43.81
C VAL D 198 8.76 -11.65 44.02
N ARG D 199 8.86 -12.42 45.11
CA ARG D 199 10.07 -13.13 45.47
C ARG D 199 9.83 -14.63 45.49
N GLY D 200 10.89 -15.39 45.22
CA GLY D 200 10.84 -16.84 45.38
C GLY D 200 9.92 -17.48 44.37
N GLY D 201 9.18 -18.50 44.84
CA GLY D 201 8.18 -19.13 44.01
C GLY D 201 8.70 -20.08 42.95
N GLY D 202 9.88 -20.65 43.14
CA GLY D 202 10.40 -21.65 42.24
C GLY D 202 11.33 -21.08 41.20
N ASP D 203 11.78 -21.97 40.32
CA ASP D 203 12.78 -21.61 39.33
C ASP D 203 12.24 -20.58 38.35
N PRO D 204 13.08 -19.68 37.84
CA PRO D 204 14.54 -19.60 38.06
C PRO D 204 14.93 -18.83 39.32
N TRP D 205 13.98 -18.46 40.17
CA TRP D 205 14.28 -17.65 41.35
C TRP D 205 14.53 -18.54 42.55
N THR D 206 15.57 -18.20 43.31
CA THR D 206 15.70 -18.76 44.65
C THR D 206 14.77 -18.03 45.60
N ASN D 207 14.62 -18.58 46.80
CA ASN D 207 13.76 -17.96 47.79
C ASN D 207 14.32 -16.60 48.18
N GLY D 208 13.43 -15.60 48.24
CA GLY D 208 13.84 -14.26 48.55
C GLY D 208 14.36 -13.46 47.38
N SER D 209 14.50 -14.07 46.20
CA SER D 209 15.06 -13.40 45.03
C SER D 209 13.93 -12.89 44.14
N GLY D 210 14.10 -11.66 43.66
CA GLY D 210 13.12 -11.05 42.78
C GLY D 210 13.48 -11.11 41.32
N LEU D 211 14.77 -11.01 41.00
CA LEU D 211 15.22 -10.98 39.62
C LEU D 211 16.29 -12.05 39.40
N ALA D 212 16.19 -12.76 38.29
CA ALA D 212 17.18 -13.78 37.92
C ALA D 212 17.86 -13.34 36.63
N LEU D 213 19.18 -13.23 36.67
CA LEU D 213 19.99 -12.87 35.52
C LEU D 213 20.83 -14.08 35.15
N CYS D 214 20.49 -14.72 34.03
CA CYS D 214 21.07 -16.01 33.69
C CYS D 214 21.80 -15.92 32.35
N GLN D 215 22.98 -16.52 32.28
CA GLN D 215 23.69 -16.68 31.02
C GLN D 215 23.86 -18.15 30.71
N ARG D 216 23.60 -18.51 29.46
CA ARG D 216 23.65 -19.89 28.99
C ARG D 216 24.69 -20.01 27.89
N TYR D 217 25.59 -20.97 28.06
CA TYR D 217 26.75 -21.14 27.17
C TYR D 217 27.09 -22.62 27.04
N TYR D 218 27.93 -22.94 26.07
CA TYR D 218 28.33 -24.32 25.82
C TYR D 218 29.23 -24.83 26.95
N HIS D 219 29.08 -26.12 27.26
CA HIS D 219 29.87 -26.72 28.33
C HIS D 219 31.36 -26.63 28.04
N ARG D 220 31.76 -26.95 26.81
CA ARG D 220 33.14 -26.76 26.35
C ARG D 220 33.08 -26.05 25.00
N GLY D 221 33.86 -25.00 24.86
CA GLY D 221 33.68 -24.07 23.76
C GLY D 221 34.92 -23.55 23.05
N HIS D 222 35.94 -24.36 22.80
CA HIS D 222 37.14 -23.82 22.15
C HIS D 222 36.84 -23.52 20.69
N VAL D 223 37.02 -22.25 20.29
CA VAL D 223 36.70 -21.78 18.95
C VAL D 223 37.90 -21.00 18.42
N ASP D 224 38.52 -21.50 17.35
CA ASP D 224 39.75 -20.94 16.81
C ASP D 224 39.61 -20.78 15.30
N PRO D 225 38.92 -19.73 14.84
CA PRO D 225 38.81 -19.51 13.39
C PRO D 225 40.14 -19.22 12.72
N ALA D 226 41.14 -18.73 13.46
CA ALA D 226 42.44 -18.47 12.85
C ALA D 226 43.06 -19.75 12.31
N ASN D 227 42.93 -20.85 13.04
CA ASN D 227 43.40 -22.15 12.61
C ASN D 227 42.30 -23.01 12.01
N ASP D 228 41.11 -22.45 11.79
CA ASP D 228 39.99 -23.17 11.18
C ASP D 228 39.64 -24.40 11.99
N THR D 229 39.51 -24.25 13.30
CA THR D 229 39.28 -25.42 14.14
C THR D 229 38.40 -25.05 15.34
N PHE D 230 37.80 -26.09 15.93
CA PHE D 230 37.02 -25.89 17.14
C PHE D 230 36.88 -27.23 17.85
N ASP D 231 36.53 -27.14 19.14
CA ASP D 231 36.31 -28.29 19.99
C ASP D 231 35.15 -27.93 20.91
N ILE D 232 33.99 -28.51 20.66
CA ILE D 232 32.73 -28.08 21.26
C ILE D 232 32.05 -29.27 21.91
N ASP D 233 31.62 -29.09 23.15
CA ASP D 233 30.60 -29.93 23.77
C ASP D 233 29.33 -29.11 23.84
N PRO D 234 28.33 -29.35 22.99
CA PRO D 234 27.19 -28.43 22.90
C PRO D 234 26.18 -28.53 24.04
N MET D 235 26.48 -29.25 25.10
CA MET D 235 25.60 -29.25 26.27
C MET D 235 25.53 -27.85 26.86
N VAL D 236 24.32 -27.37 27.11
CA VAL D 236 24.11 -26.00 27.56
C VAL D 236 24.22 -25.94 29.08
N VAL D 237 25.06 -25.05 29.57
CA VAL D 237 25.25 -24.79 30.99
C VAL D 237 24.64 -23.43 31.29
N THR D 238 23.83 -23.37 32.34
CA THR D 238 23.16 -22.16 32.79
C THR D 238 23.80 -21.68 34.08
N ASP D 239 24.16 -20.41 34.14
CA ASP D 239 24.68 -19.78 35.34
C ASP D 239 23.82 -18.57 35.67
N CYS D 240 23.25 -18.54 36.87
CA CYS D 240 22.28 -17.52 37.25
C CYS D 240 22.75 -16.73 38.45
N ILE D 241 22.53 -15.43 38.41
CA ILE D 241 22.75 -14.52 39.52
C ILE D 241 21.39 -14.05 40.02
N GLN D 242 21.21 -14.08 41.33
CA GLN D 242 19.95 -13.70 41.95
C GLN D 242 20.08 -12.30 42.53
N VAL D 243 19.06 -11.48 42.29
CA VAL D 243 19.00 -10.12 42.80
C VAL D 243 17.74 -10.00 43.64
N ASP D 244 17.89 -9.61 44.90
CA ASP D 244 16.75 -9.32 45.74
C ASP D 244 16.20 -7.94 45.43
N PRO D 245 14.91 -7.72 45.58
CA PRO D 245 14.36 -6.37 45.43
C PRO D 245 14.87 -5.47 46.54
N PRO D 246 14.89 -4.14 46.32
CA PRO D 246 15.41 -3.20 47.32
C PRO D 246 14.60 -3.19 48.63
N SER D 265 26.60 -7.10 43.07
CA SER D 265 27.03 -8.46 42.78
C SER D 265 26.75 -8.82 41.33
N TYR D 266 25.57 -8.44 40.83
CA TYR D 266 25.29 -8.62 39.42
C TYR D 266 26.20 -7.77 38.55
N LYS D 267 26.84 -6.76 39.13
CA LYS D 267 27.76 -5.91 38.37
C LYS D 267 29.08 -6.61 38.03
N ASN D 268 29.35 -7.75 38.65
CA ASN D 268 30.56 -8.52 38.36
C ASN D 268 30.32 -9.57 37.27
N LEU D 269 29.15 -9.57 36.65
CA LEU D 269 28.87 -10.50 35.57
C LEU D 269 29.97 -10.48 34.52
N THR D 270 30.46 -11.66 34.16
CA THR D 270 31.47 -11.83 33.13
C THR D 270 30.92 -12.76 32.06
N LEU D 271 30.65 -12.23 30.88
CA LEU D 271 30.04 -13.01 29.82
C LEU D 271 31.10 -13.80 29.06
N LYS D 272 30.79 -15.07 28.78
CA LYS D 272 31.66 -15.92 27.98
C LYS D 272 31.24 -15.78 26.52
N PHE D 273 31.72 -14.70 25.91
CA PHE D 273 31.17 -14.27 24.62
C PHE D 273 31.32 -15.34 23.55
N HIS D 274 32.48 -15.98 23.46
CA HIS D 274 32.76 -16.85 22.32
C HIS D 274 31.93 -18.13 22.33
N LYS D 275 31.39 -18.55 23.47
CA LYS D 275 30.51 -19.71 23.53
C LYS D 275 29.15 -19.38 24.13
N LEU D 276 28.78 -18.10 24.14
CA LEU D 276 27.53 -17.67 24.75
C LEU D 276 26.34 -18.04 23.88
N VAL D 277 25.33 -18.66 24.48
CA VAL D 277 24.10 -18.97 23.76
C VAL D 277 23.05 -17.88 23.97
N ASN D 278 22.76 -17.50 25.21
CA ASN D 278 21.91 -16.32 25.41
C ASN D 278 22.02 -15.83 26.84
N VAL D 279 21.40 -14.67 27.07
CA VAL D 279 21.26 -14.09 28.39
C VAL D 279 19.80 -13.74 28.61
N THR D 280 19.27 -14.09 29.77
CA THR D 280 17.87 -13.81 30.10
C THR D 280 17.77 -13.11 31.46
N ILE D 281 16.78 -12.24 31.56
CA ILE D 281 16.41 -11.59 32.81
C ILE D 281 14.95 -11.90 33.08
N HIS D 282 14.69 -12.49 34.24
CA HIS D 282 13.34 -12.92 34.63
C HIS D 282 12.92 -12.20 35.91
N PHE D 283 11.74 -11.59 35.90
CA PHE D 283 11.19 -11.06 37.14
C PHE D 283 9.69 -10.88 37.01
N ARG D 284 9.01 -10.78 38.15
CA ARG D 284 7.56 -10.64 38.18
C ARG D 284 7.17 -9.37 38.93
N LEU D 285 6.11 -8.70 38.45
CA LEU D 285 5.60 -7.49 39.07
C LEU D 285 4.09 -7.59 39.25
N LYS D 286 3.58 -7.10 40.37
CA LYS D 286 2.16 -7.12 40.68
C LYS D 286 1.58 -5.72 40.58
N THR D 287 0.42 -5.60 39.95
CA THR D 287 -0.24 -4.31 39.80
C THR D 287 -1.75 -4.51 39.77
N ILE D 288 -2.49 -3.41 39.86
CA ILE D 288 -3.95 -3.44 39.97
C ILE D 288 -4.55 -2.67 38.81
N ASN D 289 -5.50 -3.29 38.12
CA ASN D 289 -6.15 -2.71 36.94
C ASN D 289 -7.29 -1.80 37.40
N LEU D 290 -6.92 -0.58 37.80
CA LEU D 290 -7.88 0.35 38.38
C LEU D 290 -8.91 0.85 37.37
N GLN D 291 -8.57 0.87 36.09
CA GLN D 291 -9.48 1.44 35.10
C GLN D 291 -10.82 0.73 35.07
N SER D 292 -10.90 -0.50 35.56
CA SER D 292 -12.17 -1.21 35.62
C SER D 292 -13.24 -0.44 36.40
N LEU D 293 -12.82 0.46 37.29
CA LEU D 293 -13.80 1.27 38.01
C LEU D 293 -14.70 2.04 37.06
N ILE D 294 -14.18 2.48 35.91
CA ILE D 294 -14.98 3.23 34.96
C ILE D 294 -16.14 2.39 34.42
N ASN D 295 -16.01 1.07 34.44
CA ASN D 295 -17.05 0.17 33.97
C ASN D 295 -17.89 -0.40 35.13
N ASN D 296 -17.79 0.19 36.31
CA ASN D 296 -18.49 -0.29 37.50
C ASN D 296 -18.15 -1.74 37.80
N GLU D 297 -16.87 -2.08 37.65
CA GLU D 297 -16.37 -3.40 37.98
C GLU D 297 -15.29 -3.27 39.04
N ILE D 298 -15.10 -4.34 39.82
CA ILE D 298 -14.05 -4.36 40.83
C ILE D 298 -12.72 -4.64 40.15
N PRO D 299 -11.69 -3.83 40.37
CA PRO D 299 -10.38 -4.09 39.74
C PRO D 299 -9.83 -5.47 40.11
N ASP D 300 -9.18 -6.09 39.14
CA ASP D 300 -8.46 -7.34 39.33
C ASP D 300 -7.01 -7.09 39.71
N CYS D 301 -6.37 -8.11 40.25
CA CYS D 301 -4.95 -8.08 40.58
C CYS D 301 -4.17 -8.83 39.50
N TYR D 302 -3.28 -8.13 38.82
CA TYR D 302 -2.47 -8.70 37.74
C TYR D 302 -1.07 -9.01 38.25
N THR D 303 -0.54 -10.15 37.82
CA THR D 303 0.89 -10.46 37.95
C THR D 303 1.47 -10.57 36.54
N PHE D 304 2.47 -9.75 36.25
CA PHE D 304 3.18 -9.77 34.98
C PHE D 304 4.50 -10.51 35.18
N SER D 305 4.71 -11.56 34.41
CA SER D 305 5.99 -12.23 34.32
C SER D 305 6.75 -11.65 33.14
N VAL D 306 7.89 -11.01 33.41
CA VAL D 306 8.66 -10.27 32.43
C VAL D 306 9.92 -11.07 32.11
N LEU D 307 10.14 -11.30 30.82
CA LEU D 307 11.32 -11.99 30.31
C LEU D 307 12.02 -11.09 29.31
N ILE D 308 13.29 -10.78 29.57
CA ILE D 308 14.12 -10.01 28.65
C ILE D 308 15.19 -10.94 28.11
N THR D 309 15.26 -11.05 26.79
CA THR D 309 16.18 -11.98 26.13
C THR D 309 17.19 -11.22 25.27
N PHE D 310 18.46 -11.50 25.52
CA PHE D 310 19.57 -11.09 24.65
C PHE D 310 20.03 -12.37 23.95
N ASP D 311 19.67 -12.52 22.68
CA ASP D 311 19.78 -13.80 21.99
C ASP D 311 21.02 -13.84 21.11
N ASN D 312 21.91 -14.80 21.37
CA ASN D 312 23.13 -14.98 20.59
C ASN D 312 23.17 -16.32 19.87
N LYS D 313 22.01 -16.94 19.61
CA LYS D 313 22.02 -18.27 19.02
C LYS D 313 22.61 -18.30 17.62
N ALA D 314 22.59 -17.19 16.90
CA ALA D 314 23.20 -17.14 15.57
C ALA D 314 24.70 -16.93 15.59
N HIS D 315 25.27 -16.48 16.71
CA HIS D 315 26.70 -16.24 16.83
C HIS D 315 27.22 -15.39 15.67
N SER D 316 26.48 -14.35 15.33
CA SER D 316 26.72 -13.59 14.11
C SER D 316 27.30 -12.20 14.35
N GLY D 317 27.63 -11.86 15.59
CA GLY D 317 28.03 -10.52 15.93
C GLY D 317 26.89 -9.55 16.13
N ARG D 318 25.65 -10.00 15.98
CA ARG D 318 24.46 -9.19 16.23
C ARG D 318 23.57 -9.95 17.22
N ILE D 319 23.26 -9.32 18.34
CA ILE D 319 22.49 -9.95 19.40
C ILE D 319 21.18 -9.20 19.56
N PRO D 320 20.08 -9.73 19.00
CA PRO D 320 18.79 -9.07 19.20
C PRO D 320 18.32 -9.13 20.64
N ILE D 321 17.58 -8.09 21.02
CA ILE D 321 17.10 -7.90 22.38
C ILE D 321 15.59 -7.75 22.34
N SER D 322 14.89 -8.55 23.16
CA SER D 322 13.44 -8.52 23.18
C SER D 322 12.94 -8.57 24.61
N LEU D 323 11.73 -8.05 24.81
CA LEU D 323 11.02 -8.13 26.08
C LEU D 323 9.64 -8.71 25.83
N GLU D 324 9.26 -9.70 26.63
CA GLU D 324 7.95 -10.31 26.54
C GLU D 324 7.34 -10.42 27.93
N THR D 325 6.01 -10.42 27.98
CA THR D 325 5.28 -10.53 29.24
C THR D 325 4.21 -11.60 29.16
N GLN D 326 3.97 -12.25 30.30
CA GLN D 326 2.82 -13.11 30.51
C GLN D 326 2.00 -12.54 31.66
N ALA D 327 0.70 -12.38 31.44
CA ALA D 327 -0.17 -11.79 32.45
C ALA D 327 -1.05 -12.86 33.08
N HIS D 328 -1.08 -12.89 34.42
CA HIS D 328 -1.95 -13.78 35.17
C HIS D 328 -2.89 -12.93 36.02
N ILE D 329 -4.18 -13.14 35.86
CA ILE D 329 -5.21 -12.36 36.54
C ILE D 329 -5.72 -13.15 37.73
N GLN D 330 -5.82 -12.51 38.87
CA GLN D 330 -6.36 -13.12 40.07
C GLN D 330 -7.26 -12.11 40.78
N GLU D 331 -8.15 -12.64 41.62
CA GLU D 331 -9.00 -11.80 42.44
C GLU D 331 -8.21 -11.24 43.60
N CYS D 332 -8.45 -9.97 43.92
CA CYS D 332 -7.76 -9.33 45.03
C CYS D 332 -8.38 -9.75 46.35
N LYS D 333 -7.65 -9.53 47.44
CA LYS D 333 -8.04 -9.99 48.77
C LYS D 333 -8.88 -8.92 49.46
N HIS D 334 -10.18 -9.18 49.58
CA HIS D 334 -11.14 -8.33 50.28
C HIS D 334 -10.93 -6.85 49.94
N PRO D 335 -11.14 -6.45 48.69
CA PRO D 335 -11.03 -5.03 48.35
C PRO D 335 -12.21 -4.22 48.84
N SER D 336 -12.15 -2.90 48.71
CA SER D 336 -13.27 -2.04 49.05
C SER D 336 -13.39 -0.92 48.02
N VAL D 337 -14.58 -0.77 47.45
CA VAL D 337 -14.91 0.35 46.58
C VAL D 337 -16.14 1.03 47.15
N PHE D 338 -16.02 2.33 47.42
CA PHE D 338 -17.10 3.10 48.02
C PHE D 338 -18.35 3.07 47.15
N PHE D 345 -29.20 -4.12 34.76
CA PHE D 345 -28.01 -4.79 35.28
C PHE D 345 -27.60 -5.95 34.38
N ARG D 346 -26.29 -6.24 34.37
CA ARG D 346 -25.75 -7.20 33.43
C ARG D 346 -26.19 -8.62 33.74
N LEU D 347 -26.34 -8.97 35.02
CA LEU D 347 -26.76 -10.32 35.36
C LEU D 347 -28.15 -10.61 34.82
N LEU D 348 -29.08 -9.65 34.96
CA LEU D 348 -30.43 -9.84 34.45
C LEU D 348 -30.44 -9.89 32.93
N PHE D 349 -29.64 -9.06 32.27
CA PHE D 349 -29.61 -9.09 30.81
C PHE D 349 -29.05 -10.41 30.31
N ASP D 350 -28.02 -10.94 30.97
CA ASP D 350 -27.51 -12.25 30.61
C ASP D 350 -28.57 -13.32 30.81
N VAL D 351 -29.34 -13.22 31.90
CA VAL D 351 -30.43 -14.16 32.13
C VAL D 351 -31.45 -14.08 31.01
N VAL D 352 -31.78 -12.87 30.56
CA VAL D 352 -32.73 -12.70 29.47
C VAL D 352 -32.21 -13.36 28.20
N VAL D 353 -30.90 -13.17 27.90
CA VAL D 353 -30.32 -13.81 26.73
C VAL D 353 -30.44 -15.33 26.86
N ILE D 354 -30.15 -15.85 28.05
CA ILE D 354 -30.25 -17.29 28.28
C ILE D 354 -31.67 -17.77 27.99
N LEU D 355 -32.66 -17.05 28.51
CA LEU D 355 -34.04 -17.49 28.34
C LEU D 355 -34.48 -17.42 26.88
N THR D 356 -34.13 -16.35 26.18
CA THR D 356 -34.49 -16.25 24.77
C THR D 356 -33.86 -17.39 23.97
N CYS D 357 -32.58 -17.64 24.19
CA CYS D 357 -31.91 -18.70 23.45
C CYS D 357 -32.45 -20.08 23.84
N SER D 358 -32.85 -20.26 25.10
CA SER D 358 -33.41 -21.55 25.52
C SER D 358 -34.76 -21.80 24.88
N LEU D 359 -35.63 -20.78 24.85
CA LEU D 359 -36.91 -20.94 24.19
C LEU D 359 -36.73 -21.21 22.71
N SER D 360 -35.81 -20.49 22.07
CA SER D 360 -35.53 -20.74 20.66
C SER D 360 -35.04 -22.17 20.44
N PHE D 361 -34.14 -22.64 21.31
CA PHE D 361 -33.63 -23.99 21.19
C PHE D 361 -34.75 -25.02 21.30
N LEU D 362 -35.66 -24.81 22.26
CA LEU D 362 -36.75 -25.75 22.45
C LEU D 362 -37.68 -25.79 21.24
N LEU D 363 -38.04 -24.61 20.73
CA LEU D 363 -38.93 -24.58 19.56
C LEU D 363 -38.27 -25.23 18.35
N CYS D 364 -36.99 -24.95 18.13
CA CYS D 364 -36.30 -25.54 16.99
C CYS D 364 -36.19 -27.06 17.14
N ALA D 365 -35.94 -27.53 18.36
CA ALA D 365 -35.88 -28.97 18.59
C ALA D 365 -37.23 -29.61 18.32
N ARG D 366 -38.33 -28.96 18.74
CA ARG D 366 -39.66 -29.47 18.45
C ARG D 366 -39.90 -29.54 16.95
N SER D 367 -39.50 -28.51 16.21
CA SER D 367 -39.66 -28.54 14.76
C SER D 367 -38.85 -29.67 14.14
N LEU D 368 -37.62 -29.88 14.60
CA LEU D 368 -36.81 -30.95 14.06
C LEU D 368 -37.43 -32.32 14.37
N LEU D 369 -37.99 -32.48 15.57
CA LEU D 369 -38.65 -33.73 15.91
C LEU D 369 -39.85 -33.98 15.00
N ARG D 370 -40.66 -32.95 14.77
CA ARG D 370 -41.81 -33.13 13.88
C ARG D 370 -41.35 -33.48 12.47
N GLY D 371 -40.28 -32.83 12.00
CA GLY D 371 -39.76 -33.17 10.69
C GLY D 371 -39.29 -34.61 10.60
N PHE D 372 -38.62 -35.10 11.64
CA PHE D 372 -38.19 -36.48 11.66
C PHE D 372 -39.38 -37.44 11.64
N LEU D 373 -40.42 -37.13 12.42
CA LEU D 373 -41.61 -37.97 12.42
C LEU D 373 -42.28 -38.00 11.04
N LEU D 374 -42.39 -36.84 10.40
CA LEU D 374 -42.98 -36.79 9.07
C LEU D 374 -42.15 -37.56 8.06
N GLN D 375 -40.81 -37.47 8.17
CA GLN D 375 -39.96 -38.25 7.29
C GLN D 375 -40.19 -39.74 7.49
N ASN D 376 -40.30 -40.18 8.75
CA ASN D 376 -40.56 -41.60 9.00
C ASN D 376 -41.88 -42.02 8.39
N GLU D 377 -42.93 -41.21 8.57
CA GLU D 377 -44.23 -41.54 8.00
C GLU D 377 -44.17 -41.63 6.49
N PHE D 378 -43.52 -40.66 5.84
CA PHE D 378 -43.44 -40.66 4.38
C PHE D 378 -42.68 -41.88 3.88
N VAL D 379 -41.57 -42.23 4.52
CA VAL D 379 -40.81 -43.40 4.10
C VAL D 379 -41.65 -44.67 4.30
N GLY D 380 -42.35 -44.77 5.43
CA GLY D 380 -43.17 -45.95 5.66
C GLY D 380 -44.28 -46.10 4.65
N PHE D 381 -44.92 -44.99 4.28
CA PHE D 381 -46.02 -45.06 3.33
C PHE D 381 -45.56 -45.53 1.96
N MET D 382 -44.28 -45.42 1.65
CA MET D 382 -43.72 -45.93 0.39
C MET D 382 -43.55 -47.46 0.46
N TRP D 383 -44.69 -48.14 0.62
CA TRP D 383 -44.72 -49.61 0.60
C TRP D 383 -43.60 -50.23 1.45
N SER D 391 -33.83 -44.25 -0.35
CA SER D 391 -32.56 -43.55 -0.54
C SER D 391 -32.34 -42.54 0.58
N LEU D 392 -31.12 -42.49 1.11
CA LEU D 392 -30.79 -41.54 2.17
C LEU D 392 -30.32 -40.21 1.59
N TRP D 393 -31.08 -39.71 0.63
CA TRP D 393 -30.93 -38.37 0.07
C TRP D 393 -32.26 -37.64 0.00
N GLU D 394 -33.35 -38.35 -0.31
CA GLU D 394 -34.67 -37.74 -0.27
C GLU D 394 -35.15 -37.56 1.16
N ARG D 395 -34.73 -38.43 2.07
CA ARG D 395 -35.11 -38.28 3.47
C ARG D 395 -34.55 -36.99 4.05
N LEU D 396 -33.32 -36.63 3.68
CA LEU D 396 -32.70 -35.43 4.21
C LEU D 396 -33.46 -34.17 3.78
N GLU D 397 -34.33 -34.26 2.78
CA GLU D 397 -35.15 -33.11 2.42
C GLU D 397 -36.12 -32.74 3.53
N PHE D 398 -36.32 -33.62 4.52
CA PHE D 398 -37.14 -33.32 5.68
C PHE D 398 -36.36 -32.63 6.79
N VAL D 399 -35.04 -32.48 6.64
CA VAL D 399 -34.19 -31.88 7.67
C VAL D 399 -34.01 -30.41 7.32
N ASN D 400 -34.33 -29.54 8.28
CA ASN D 400 -34.14 -28.11 8.14
C ASN D 400 -32.74 -27.76 8.58
N GLY D 401 -31.86 -27.45 7.62
CA GLY D 401 -30.51 -27.04 7.96
C GLY D 401 -30.47 -25.74 8.73
N TRP D 402 -31.40 -24.84 8.46
CA TRP D 402 -31.46 -23.58 9.19
C TRP D 402 -31.72 -23.82 10.67
N TYR D 403 -32.51 -24.85 11.00
CA TYR D 403 -32.78 -25.13 12.40
C TYR D 403 -31.58 -25.79 13.08
N ILE D 404 -30.80 -26.57 12.33
CA ILE D 404 -29.52 -27.04 12.87
C ILE D 404 -28.63 -25.86 13.20
N LEU D 405 -28.56 -24.88 12.28
CA LEU D 405 -27.75 -23.70 12.52
C LEU D 405 -28.25 -22.94 13.74
N LEU D 406 -29.56 -22.78 13.88
CA LEU D 406 -30.11 -22.06 15.03
C LEU D 406 -29.82 -22.78 16.34
N VAL D 407 -29.92 -24.12 16.34
CA VAL D 407 -29.61 -24.87 17.55
C VAL D 407 -28.15 -24.71 17.92
N THR D 408 -27.26 -24.79 16.93
CA THR D 408 -25.84 -24.60 17.22
C THR D 408 -25.57 -23.20 17.77
N SER D 409 -26.22 -22.18 17.18
CA SER D 409 -26.00 -20.82 17.65
C SER D 409 -26.55 -20.62 19.06
N ASP D 410 -27.67 -21.26 19.37
CA ASP D 410 -28.19 -21.19 20.75
C ASP D 410 -27.21 -21.82 21.73
N VAL D 411 -26.65 -22.97 21.38
CA VAL D 411 -25.69 -23.63 22.26
C VAL D 411 -24.48 -22.72 22.48
N LEU D 412 -23.94 -22.16 21.41
CA LEU D 412 -22.78 -21.28 21.53
C LEU D 412 -23.10 -20.05 22.36
N THR D 413 -24.27 -19.45 22.13
CA THR D 413 -24.65 -18.26 22.89
C THR D 413 -24.77 -18.56 24.37
N ILE D 414 -25.40 -19.68 24.72
CA ILE D 414 -25.56 -20.00 26.13
C ILE D 414 -24.21 -20.29 26.78
N SER D 415 -23.34 -21.03 26.08
CA SER D 415 -22.02 -21.30 26.63
C SER D 415 -21.25 -20.00 26.86
N GLY D 416 -21.28 -19.11 25.88
CA GLY D 416 -20.59 -17.84 26.03
C GLY D 416 -21.16 -17.00 27.15
N THR D 417 -22.47 -17.02 27.31
CA THR D 417 -23.10 -16.24 28.38
C THR D 417 -22.73 -16.79 29.75
N ILE D 418 -22.71 -18.11 29.91
CA ILE D 418 -22.27 -18.70 31.18
C ILE D 418 -20.83 -18.34 31.45
N MET D 419 -19.97 -18.41 30.43
CA MET D 419 -18.58 -18.04 30.61
C MET D 419 -18.44 -16.56 30.99
N LYS D 420 -19.25 -15.70 30.37
CA LYS D 420 -19.23 -14.27 30.69
C LYS D 420 -19.64 -14.03 32.14
N ILE D 421 -20.67 -14.73 32.60
CA ILE D 421 -21.08 -14.61 33.99
C ILE D 421 -19.96 -15.08 34.92
N GLY D 422 -19.32 -16.19 34.57
CA GLY D 422 -18.20 -16.66 35.38
C GLY D 422 -17.07 -15.66 35.44
N ILE D 423 -16.75 -15.02 34.32
CA ILE D 423 -15.69 -14.01 34.31
C ILE D 423 -16.09 -12.81 35.15
N GLU D 424 -17.34 -12.35 35.04
CA GLU D 424 -17.79 -11.22 35.85
C GLU D 424 -17.74 -11.55 37.32
N ALA D 425 -18.09 -12.79 37.69
CA ALA D 425 -18.00 -13.23 39.07
C ALA D 425 -16.56 -13.49 39.51
N LYS D 426 -15.60 -13.43 38.59
CA LYS D 426 -14.18 -13.61 38.87
C LYS D 426 -13.83 -15.06 39.18
N ASN D 427 -14.65 -16.02 38.73
CA ASN D 427 -14.26 -17.42 38.76
C ASN D 427 -13.41 -17.82 37.57
N LEU D 428 -13.52 -17.09 36.45
CA LEU D 428 -12.76 -17.37 35.24
C LEU D 428 -12.13 -16.08 34.75
N ALA D 429 -11.11 -16.23 33.90
CA ALA D 429 -10.45 -15.08 33.29
C ALA D 429 -10.16 -15.31 31.81
N SER D 430 -10.96 -16.16 31.15
CA SER D 430 -10.70 -16.55 29.76
C SER D 430 -11.43 -15.62 28.81
N TYR D 431 -10.92 -14.38 28.74
CA TYR D 431 -11.56 -13.35 27.93
C TYR D 431 -11.58 -13.73 26.45
N ASP D 432 -10.48 -14.29 25.94
CA ASP D 432 -10.37 -14.58 24.52
C ASP D 432 -11.39 -15.64 24.09
N VAL D 433 -11.50 -16.72 24.85
CA VAL D 433 -12.45 -17.79 24.51
C VAL D 433 -13.87 -17.25 24.54
N CYS D 434 -14.22 -16.50 25.59
CA CYS D 434 -15.55 -15.92 25.70
C CYS D 434 -15.85 -15.00 24.52
N SER D 435 -14.89 -14.16 24.15
CA SER D 435 -15.09 -13.26 23.03
C SER D 435 -15.33 -14.03 21.75
N ILE D 436 -14.57 -15.11 21.52
CA ILE D 436 -14.78 -15.89 20.31
C ILE D 436 -16.17 -16.52 20.31
N LEU D 437 -16.58 -17.10 21.44
CA LEU D 437 -17.90 -17.71 21.52
C LEU D 437 -19.00 -16.69 21.21
N LEU D 438 -18.96 -15.55 21.88
CA LEU D 438 -20.03 -14.56 21.71
C LEU D 438 -20.02 -13.95 20.33
N GLY D 439 -18.83 -13.67 19.77
CA GLY D 439 -18.78 -13.11 18.42
C GLY D 439 -19.28 -14.07 17.37
N THR D 440 -18.87 -15.35 17.45
CA THR D 440 -19.37 -16.33 16.50
C THR D 440 -20.88 -16.49 16.62
N SER D 441 -21.40 -16.53 17.84
CA SER D 441 -22.84 -16.66 18.01
C SER D 441 -23.58 -15.43 17.47
N THR D 442 -22.99 -14.24 17.63
CA THR D 442 -23.62 -13.04 17.08
C THR D 442 -23.70 -13.11 15.55
N LEU D 443 -22.60 -13.53 14.91
CA LEU D 443 -22.62 -13.65 13.46
C LEU D 443 -23.66 -14.68 13.02
N LEU D 444 -23.73 -15.82 13.71
CA LEU D 444 -24.69 -16.85 13.33
C LEU D 444 -26.12 -16.37 13.54
N VAL D 445 -26.37 -15.60 14.61
CA VAL D 445 -27.71 -15.09 14.85
C VAL D 445 -28.13 -14.13 13.75
N TRP D 446 -27.22 -13.24 13.33
CA TRP D 446 -27.54 -12.35 12.23
C TRP D 446 -27.80 -13.14 10.94
N VAL D 447 -26.99 -14.17 10.69
CA VAL D 447 -27.13 -14.93 9.45
C VAL D 447 -28.42 -15.72 9.43
N GLY D 448 -28.85 -16.25 10.59
CA GLY D 448 -29.96 -17.18 10.63
C GLY D 448 -31.30 -16.60 10.21
N VAL D 449 -31.44 -15.27 10.23
CA VAL D 449 -32.69 -14.66 9.82
C VAL D 449 -32.93 -14.78 8.32
N ILE D 450 -31.93 -15.22 7.54
CA ILE D 450 -32.11 -15.44 6.12
C ILE D 450 -33.04 -16.61 5.85
N ARG D 451 -33.25 -17.48 6.84
CA ARG D 451 -34.13 -18.63 6.66
C ARG D 451 -35.50 -18.21 6.14
N TYR D 452 -35.98 -17.05 6.56
CA TYR D 452 -37.31 -16.58 6.19
C TYR D 452 -37.35 -15.85 4.86
N LEU D 453 -36.19 -15.54 4.27
CA LEU D 453 -36.15 -15.02 2.92
C LEU D 453 -36.08 -16.13 1.87
N THR D 454 -35.88 -17.38 2.28
CA THR D 454 -35.78 -18.49 1.34
C THR D 454 -37.11 -18.81 0.67
N PHE D 455 -38.23 -18.35 1.24
CA PHE D 455 -39.55 -18.65 0.69
C PHE D 455 -39.88 -17.78 -0.52
N PHE D 456 -39.06 -16.81 -0.86
CA PHE D 456 -39.37 -15.83 -1.89
C PHE D 456 -38.22 -15.78 -2.87
N HIS D 457 -38.50 -16.11 -4.13
CA HIS D 457 -37.43 -16.30 -5.11
C HIS D 457 -36.59 -15.05 -5.29
N ASN D 458 -37.22 -13.88 -5.36
CA ASN D 458 -36.47 -12.65 -5.62
C ASN D 458 -35.46 -12.38 -4.52
N TYR D 459 -35.74 -12.80 -3.30
CA TYR D 459 -34.85 -12.55 -2.16
C TYR D 459 -33.87 -13.67 -1.88
N ASN D 460 -33.94 -14.77 -2.63
CA ASN D 460 -33.19 -15.98 -2.29
C ASN D 460 -32.12 -16.32 -3.32
N ILE D 461 -31.63 -15.34 -4.08
CA ILE D 461 -30.69 -15.64 -5.15
C ILE D 461 -29.41 -16.24 -4.61
N LEU D 462 -28.89 -15.66 -3.52
CA LEU D 462 -27.59 -16.10 -3.00
C LEU D 462 -27.64 -17.57 -2.57
N ILE D 463 -28.66 -17.94 -1.79
CA ILE D 463 -28.72 -19.31 -1.27
C ILE D 463 -28.98 -20.30 -2.40
N ALA D 464 -29.90 -19.98 -3.31
CA ALA D 464 -30.19 -20.89 -4.41
C ALA D 464 -28.96 -21.10 -5.29
N THR D 465 -28.24 -20.02 -5.60
CA THR D 465 -27.02 -20.14 -6.38
C THR D 465 -25.98 -20.97 -5.64
N LEU D 466 -25.83 -20.74 -4.33
CA LEU D 466 -24.87 -21.53 -3.55
C LEU D 466 -25.20 -23.01 -3.63
N ARG D 467 -26.48 -23.35 -3.44
CA ARG D 467 -26.87 -24.76 -3.46
C ARG D 467 -26.57 -25.38 -4.82
N VAL D 468 -26.84 -24.66 -5.90
CA VAL D 468 -26.57 -25.22 -7.22
C VAL D 468 -25.07 -25.32 -7.48
N ALA D 469 -24.29 -24.34 -7.02
CA ALA D 469 -22.90 -24.22 -7.43
C ALA D 469 -21.95 -25.08 -6.60
N LEU D 470 -22.30 -25.38 -5.35
CA LEU D 470 -21.33 -25.96 -4.42
C LEU D 470 -20.66 -27.23 -4.96
N PRO D 471 -21.38 -28.21 -5.51
CA PRO D 471 -20.69 -29.44 -5.96
C PRO D 471 -19.60 -29.19 -6.99
N SER D 472 -19.92 -28.44 -8.05
CA SER D 472 -18.93 -28.18 -9.09
C SER D 472 -17.77 -27.35 -8.55
N VAL D 473 -18.04 -26.43 -7.62
CA VAL D 473 -16.98 -25.64 -7.02
C VAL D 473 -16.02 -26.52 -6.23
N MET D 474 -16.56 -27.44 -5.42
CA MET D 474 -15.69 -28.32 -4.65
C MET D 474 -14.88 -29.25 -5.55
N ARG D 475 -15.49 -29.75 -6.62
CA ARG D 475 -14.73 -30.58 -7.55
C ARG D 475 -13.61 -29.78 -8.21
N PHE D 476 -13.88 -28.53 -8.57
CA PHE D 476 -12.84 -27.65 -9.11
C PHE D 476 -11.72 -27.42 -8.10
N CYS D 477 -12.09 -27.20 -6.84
CA CYS D 477 -11.10 -26.99 -5.79
C CYS D 477 -10.21 -28.21 -5.62
N CYS D 478 -10.73 -29.42 -5.86
CA CYS D 478 -9.89 -30.60 -5.77
C CYS D 478 -8.64 -30.45 -6.62
N CYS D 479 -8.82 -30.04 -7.89
CA CYS D 479 -7.68 -29.86 -8.77
C CYS D 479 -6.86 -28.63 -8.40
N VAL D 480 -7.53 -27.52 -8.04
CA VAL D 480 -6.79 -26.28 -7.81
C VAL D 480 -5.90 -26.38 -6.58
N ALA D 481 -6.35 -27.10 -5.55
CA ALA D 481 -5.65 -27.09 -4.27
C ALA D 481 -4.25 -27.70 -4.35
N VAL D 482 -4.07 -28.74 -5.17
CA VAL D 482 -2.74 -29.34 -5.27
C VAL D 482 -1.75 -28.35 -5.89
N ILE D 483 -2.18 -27.62 -6.92
CA ILE D 483 -1.31 -26.59 -7.50
C ILE D 483 -1.00 -25.51 -6.47
N TYR D 484 -2.03 -25.05 -5.76
CA TYR D 484 -1.83 -24.02 -4.76
C TYR D 484 -0.83 -24.45 -3.70
N LEU D 485 -0.96 -25.69 -3.22
CA LEU D 485 -0.06 -26.19 -2.17
C LEU D 485 1.35 -26.38 -2.70
N GLY D 486 1.50 -26.86 -3.93
CA GLY D 486 2.83 -26.96 -4.51
C GLY D 486 3.53 -25.61 -4.53
N TYR D 487 2.81 -24.57 -4.98
CA TYR D 487 3.36 -23.22 -4.96
C TYR D 487 3.68 -22.78 -3.54
N CYS D 488 2.80 -23.08 -2.58
CA CYS D 488 3.03 -22.68 -1.20
C CYS D 488 4.34 -23.25 -0.67
N PHE D 489 4.55 -24.56 -0.82
CA PHE D 489 5.75 -25.20 -0.27
C PHE D 489 6.99 -24.69 -1.00
N CYS D 490 6.95 -24.65 -2.33
CA CYS D 490 8.10 -24.16 -3.09
C CYS D 490 8.49 -22.75 -2.65
N GLY D 491 7.51 -21.84 -2.59
CA GLY D 491 7.82 -20.48 -2.20
C GLY D 491 8.34 -20.39 -0.78
N TRP D 492 7.71 -21.11 0.15
CA TRP D 492 8.12 -21.07 1.54
C TRP D 492 9.59 -21.46 1.69
N ILE D 493 9.99 -22.54 1.04
CA ILE D 493 11.35 -23.03 1.29
C ILE D 493 12.38 -22.28 0.45
N VAL D 494 12.08 -21.98 -0.82
CA VAL D 494 13.07 -21.36 -1.68
C VAL D 494 13.20 -19.86 -1.37
N LEU D 495 12.08 -19.17 -1.27
CA LEU D 495 12.11 -17.71 -1.14
C LEU D 495 12.05 -17.22 0.30
N GLY D 496 11.62 -18.07 1.24
CA GLY D 496 11.44 -17.63 2.62
C GLY D 496 12.65 -17.00 3.25
N PRO D 497 13.85 -17.54 3.08
CA PRO D 497 15.04 -16.89 3.66
C PRO D 497 15.36 -15.53 3.06
N TYR D 498 14.86 -15.21 1.87
CA TYR D 498 15.18 -13.95 1.20
C TYR D 498 14.05 -12.95 1.19
N HIS D 499 12.81 -13.37 1.45
CA HIS D 499 11.63 -12.55 1.21
C HIS D 499 10.83 -12.46 2.50
N VAL D 500 10.58 -11.23 2.97
CA VAL D 500 9.90 -11.03 4.24
C VAL D 500 8.49 -11.57 4.25
N LYS D 501 7.86 -11.72 3.08
CA LYS D 501 6.49 -12.19 2.99
C LYS D 501 6.39 -13.71 2.88
N PHE D 502 7.52 -14.43 2.86
CA PHE D 502 7.51 -15.88 2.70
C PHE D 502 8.12 -16.60 3.91
N ARG D 503 8.14 -15.96 5.08
CA ARG D 503 8.88 -16.50 6.22
C ARG D 503 8.29 -17.81 6.71
N SER D 504 6.97 -17.92 6.76
CA SER D 504 6.30 -19.10 7.28
C SER D 504 5.20 -19.53 6.33
N LEU D 505 4.69 -20.75 6.54
CA LEU D 505 3.70 -21.30 5.64
C LEU D 505 2.40 -20.50 5.67
N SER D 506 1.93 -20.10 6.85
CA SER D 506 0.72 -19.29 6.93
C SER D 506 0.93 -17.94 6.26
N MET D 507 2.11 -17.34 6.43
CA MET D 507 2.41 -16.09 5.75
C MET D 507 2.46 -16.28 4.23
N VAL D 508 3.02 -17.40 3.77
CA VAL D 508 3.05 -17.66 2.33
C VAL D 508 1.64 -17.79 1.78
N SER D 509 0.77 -18.51 2.49
CA SER D 509 -0.61 -18.61 2.04
C SER D 509 -1.27 -17.23 2.00
N GLU D 510 -1.03 -16.40 3.01
CA GLU D 510 -1.59 -15.06 3.01
C GLU D 510 -1.09 -14.27 1.80
N CYS D 511 0.21 -14.34 1.51
CA CYS D 511 0.76 -13.61 0.38
C CYS D 511 0.16 -14.08 -0.94
N LEU D 512 0.10 -15.40 -1.15
CA LEU D 512 -0.40 -15.91 -2.43
C LEU D 512 -1.88 -15.61 -2.59
N PHE D 513 -2.67 -15.80 -1.54
CA PHE D 513 -4.10 -15.48 -1.60
C PHE D 513 -4.31 -14.01 -1.93
N SER D 514 -3.53 -13.12 -1.29
CA SER D 514 -3.65 -11.69 -1.60
C SER D 514 -3.24 -11.40 -3.04
N LEU D 515 -2.19 -12.06 -3.53
CA LEU D 515 -1.77 -11.86 -4.92
C LEU D 515 -2.88 -12.25 -5.89
N ILE D 516 -3.57 -13.36 -5.61
CA ILE D 516 -4.66 -13.78 -6.49
C ILE D 516 -5.70 -12.68 -6.62
N ASN D 517 -5.92 -11.91 -5.56
CA ASN D 517 -6.85 -10.80 -5.58
C ASN D 517 -6.20 -9.50 -6.02
N GLY D 518 -4.99 -9.56 -6.56
CA GLY D 518 -4.34 -8.39 -7.09
C GLY D 518 -3.75 -7.44 -6.08
N ASP D 519 -3.51 -7.89 -4.85
CA ASP D 519 -3.13 -7.01 -3.76
C ASP D 519 -1.65 -7.12 -3.46
N ASP D 520 -0.99 -5.97 -3.28
CA ASP D 520 0.38 -5.91 -2.77
C ASP D 520 1.36 -6.59 -3.73
N MET D 521 1.14 -6.41 -5.02
CA MET D 521 1.89 -7.18 -6.02
C MET D 521 3.25 -6.56 -6.33
N PHE D 522 3.28 -5.25 -6.59
CA PHE D 522 4.56 -4.61 -6.90
C PHE D 522 5.51 -4.70 -5.72
N VAL D 523 5.01 -4.56 -4.49
CA VAL D 523 5.85 -4.68 -3.31
C VAL D 523 6.44 -6.08 -3.23
N THR D 524 5.64 -7.10 -3.55
CA THR D 524 6.16 -8.46 -3.57
C THR D 524 7.31 -8.60 -4.56
N PHE D 525 7.16 -8.01 -5.74
CA PHE D 525 8.28 -8.01 -6.70
C PHE D 525 9.49 -7.25 -6.15
N ALA D 526 9.24 -6.09 -5.54
CA ALA D 526 10.33 -5.19 -5.16
C ALA D 526 11.15 -5.74 -4.01
N ALA D 527 10.54 -6.57 -3.15
CA ALA D 527 11.31 -7.15 -2.05
C ALA D 527 12.50 -7.96 -2.56
N MET D 528 12.38 -8.54 -3.76
CA MET D 528 13.46 -9.35 -4.33
C MET D 528 14.49 -8.53 -5.10
N GLN D 529 14.21 -7.26 -5.41
CA GLN D 529 15.12 -6.48 -6.24
C GLN D 529 16.49 -6.32 -5.60
N ALA D 530 16.59 -6.43 -4.28
CA ALA D 530 17.89 -6.32 -3.62
C ALA D 530 18.78 -7.52 -3.94
N GLN D 531 18.21 -8.69 -4.19
CA GLN D 531 18.99 -9.87 -4.51
C GLN D 531 19.45 -9.92 -5.96
N GLN D 532 19.01 -8.99 -6.80
CA GLN D 532 19.37 -9.04 -8.21
C GLN D 532 20.88 -8.92 -8.40
N GLY D 533 21.57 -8.30 -7.46
CA GLY D 533 23.02 -8.21 -7.52
C GLY D 533 23.70 -9.21 -6.63
N ARG D 534 23.06 -9.56 -5.50
CA ARG D 534 23.66 -10.46 -4.53
C ARG D 534 23.50 -11.92 -4.94
N SER D 535 22.26 -12.37 -5.10
CA SER D 535 21.95 -13.75 -5.47
C SER D 535 21.10 -13.72 -6.74
N SER D 536 21.77 -13.69 -7.89
CA SER D 536 21.08 -13.44 -9.15
C SER D 536 20.22 -14.63 -9.56
N LEU D 537 20.70 -15.86 -9.30
CA LEU D 537 19.92 -17.04 -9.67
C LEU D 537 18.61 -17.10 -8.89
N VAL D 538 18.66 -16.81 -7.60
CA VAL D 538 17.44 -16.78 -6.79
C VAL D 538 16.50 -15.69 -7.29
N TRP D 539 17.06 -14.54 -7.71
CA TRP D 539 16.23 -13.47 -8.23
C TRP D 539 15.50 -13.89 -9.50
N LEU D 540 16.23 -14.53 -10.42
CA LEU D 540 15.60 -15.00 -11.65
C LEU D 540 14.52 -16.03 -11.36
N PHE D 541 14.80 -16.96 -10.44
CA PHE D 541 13.78 -17.93 -10.07
C PHE D 541 12.55 -17.24 -9.48
N SER D 542 12.75 -16.23 -8.64
CA SER D 542 11.62 -15.52 -8.06
C SER D 542 10.80 -14.82 -9.13
N GLN D 543 11.47 -14.26 -10.15
CA GLN D 543 10.74 -13.69 -11.27
C GLN D 543 9.83 -14.73 -11.92
N LEU D 544 10.41 -15.89 -12.27
CA LEU D 544 9.61 -16.93 -12.93
C LEU D 544 8.46 -17.39 -12.03
N TYR D 545 8.75 -17.62 -10.75
CA TYR D 545 7.75 -18.08 -9.80
C TYR D 545 6.58 -17.11 -9.72
N LEU D 546 6.87 -15.82 -9.51
CA LEU D 546 5.80 -14.85 -9.32
C LEU D 546 5.01 -14.65 -10.60
N TYR D 547 5.68 -14.48 -11.73
CA TYR D 547 4.95 -14.25 -12.98
C TYR D 547 4.05 -15.44 -13.30
N SER D 548 4.59 -16.66 -13.18
CA SER D 548 3.78 -17.84 -13.51
C SER D 548 2.61 -18.00 -12.56
N PHE D 549 2.83 -17.80 -11.25
CA PHE D 549 1.73 -17.94 -10.31
C PHE D 549 0.63 -16.92 -10.60
N ILE D 550 1.00 -15.65 -10.73
CA ILE D 550 -0.02 -14.62 -10.93
C ILE D 550 -0.78 -14.86 -12.22
N SER D 551 -0.07 -15.12 -13.31
CA SER D 551 -0.75 -15.34 -14.58
C SER D 551 -1.71 -16.52 -14.48
N LEU D 552 -1.22 -17.67 -14.01
CA LEU D 552 -2.06 -18.85 -13.95
C LEU D 552 -3.29 -18.63 -13.10
N PHE D 553 -3.12 -18.03 -11.91
CA PHE D 553 -4.23 -18.03 -10.98
C PHE D 553 -5.21 -16.89 -11.27
N ILE D 554 -4.74 -15.69 -11.58
CA ILE D 554 -5.67 -14.62 -11.87
C ILE D 554 -6.39 -14.87 -13.19
N TYR D 555 -5.67 -15.23 -14.24
CA TYR D 555 -6.31 -15.21 -15.56
C TYR D 555 -6.98 -16.53 -15.93
N MET D 556 -6.48 -17.67 -15.45
CA MET D 556 -7.10 -18.95 -15.76
C MET D 556 -7.98 -19.46 -14.62
N VAL D 557 -7.41 -19.65 -13.43
CA VAL D 557 -8.14 -20.31 -12.36
C VAL D 557 -9.32 -19.46 -11.89
N LEU D 558 -9.06 -18.20 -11.53
CA LEU D 558 -10.12 -17.37 -10.97
C LEU D 558 -11.23 -17.12 -11.98
N SER D 559 -10.87 -16.93 -13.26
CA SER D 559 -11.88 -16.76 -14.29
C SER D 559 -12.81 -17.96 -14.35
N LEU D 560 -12.27 -19.17 -14.30
CA LEU D 560 -13.09 -20.38 -14.34
C LEU D 560 -13.95 -20.51 -13.08
N PHE D 561 -13.38 -20.16 -11.93
CA PHE D 561 -14.16 -20.17 -10.68
C PHE D 561 -15.39 -19.27 -10.79
N ILE D 562 -15.18 -18.03 -11.23
CA ILE D 562 -16.29 -17.11 -11.38
C ILE D 562 -17.27 -17.60 -12.43
N ALA D 563 -16.75 -18.22 -13.50
CA ALA D 563 -17.64 -18.74 -14.54
C ALA D 563 -18.54 -19.84 -13.98
N LEU D 564 -18.00 -20.71 -13.14
CA LEU D 564 -18.82 -21.73 -12.50
C LEU D 564 -19.93 -21.08 -11.68
N ILE D 565 -19.59 -20.06 -10.89
CA ILE D 565 -20.58 -19.44 -10.03
C ILE D 565 -21.67 -18.75 -10.85
N THR D 566 -21.29 -17.98 -11.88
CA THR D 566 -22.28 -17.27 -12.67
C THR D 566 -23.10 -18.22 -13.53
N GLY D 567 -22.54 -19.34 -13.97
CA GLY D 567 -23.33 -20.34 -14.66
C GLY D 567 -24.37 -20.97 -13.76
N ALA D 568 -23.97 -21.31 -12.52
CA ALA D 568 -24.95 -21.78 -11.55
C ALA D 568 -26.08 -20.78 -11.39
N TYR D 569 -25.74 -19.49 -11.27
CA TYR D 569 -26.77 -18.47 -11.17
C TYR D 569 -27.66 -18.45 -12.41
N ASP D 570 -27.06 -18.63 -13.59
CA ASP D 570 -27.84 -18.66 -14.83
C ASP D 570 -28.87 -19.77 -14.80
N THR D 571 -28.52 -20.93 -14.20
CA THR D 571 -29.48 -22.04 -14.21
C THR D 571 -30.70 -21.75 -13.33
N ILE D 572 -30.55 -20.95 -12.27
CA ILE D 572 -31.65 -20.66 -11.36
C ILE D 572 -32.24 -19.27 -11.61
N LYS D 573 -31.91 -18.65 -12.74
CA LYS D 573 -32.28 -17.25 -12.96
C LYS D 573 -33.79 -17.07 -12.97
N HIS D 574 -34.51 -17.96 -13.66
CA HIS D 574 -35.95 -17.82 -13.82
C HIS D 574 -36.70 -18.74 -12.86
#